data_3W56
# 
_entry.id   3W56 
# 
_audit_conform.dict_name       mmcif_pdbx.dic 
_audit_conform.dict_version    5.399 
_audit_conform.dict_location   http://mmcif.pdb.org/dictionaries/ascii/mmcif_pdbx.dic 
# 
loop_
_database_2.database_id 
_database_2.database_code 
_database_2.pdbx_database_accession 
_database_2.pdbx_DOI 
PDB   3W56         pdb_00003w56 10.2210/pdb3w56/pdb 
RCSB  RCSB095899   ?            ?                   
WWPDB D_1000095899 ?            ?                   
# 
loop_
_pdbx_audit_revision_history.ordinal 
_pdbx_audit_revision_history.data_content_type 
_pdbx_audit_revision_history.major_revision 
_pdbx_audit_revision_history.minor_revision 
_pdbx_audit_revision_history.revision_date 
1 'Structure model' 1 0 2013-10-23 
2 'Structure model' 1 1 2014-03-12 
3 'Structure model' 1 2 2023-11-08 
4 'Structure model' 1 3 2024-11-20 
# 
_pdbx_audit_revision_details.ordinal             1 
_pdbx_audit_revision_details.revision_ordinal    1 
_pdbx_audit_revision_details.data_content_type   'Structure model' 
_pdbx_audit_revision_details.provider            repository 
_pdbx_audit_revision_details.type                'Initial release' 
_pdbx_audit_revision_details.description         ? 
_pdbx_audit_revision_details.details             ? 
# 
loop_
_pdbx_audit_revision_group.ordinal 
_pdbx_audit_revision_group.revision_ordinal 
_pdbx_audit_revision_group.data_content_type 
_pdbx_audit_revision_group.group 
1 2 'Structure model' 'Database references'    
2 3 'Structure model' 'Data collection'        
3 3 'Structure model' 'Database references'    
4 3 'Structure model' 'Refinement description' 
5 4 'Structure model' 'Structure summary'      
# 
loop_
_pdbx_audit_revision_category.ordinal 
_pdbx_audit_revision_category.revision_ordinal 
_pdbx_audit_revision_category.data_content_type 
_pdbx_audit_revision_category.category 
1 3 'Structure model' chem_comp_atom                
2 3 'Structure model' chem_comp_bond                
3 3 'Structure model' database_2                    
4 3 'Structure model' pdbx_initial_refinement_model 
5 3 'Structure model' struct_ref_seq_dif            
6 4 'Structure model' pdbx_entry_details            
7 4 'Structure model' pdbx_modification_feature     
# 
loop_
_pdbx_audit_revision_item.ordinal 
_pdbx_audit_revision_item.revision_ordinal 
_pdbx_audit_revision_item.data_content_type 
_pdbx_audit_revision_item.item 
1 3 'Structure model' '_database_2.pdbx_DOI'                
2 3 'Structure model' '_database_2.pdbx_database_accession' 
3 3 'Structure model' '_struct_ref_seq_dif.details'         
# 
_pdbx_database_status.entry_id                        3W56 
_pdbx_database_status.status_code                     REL 
_pdbx_database_status.methods_development_category    ? 
_pdbx_database_status.deposit_site                    PDBJ 
_pdbx_database_status.process_site                    PDBJ 
_pdbx_database_status.recvd_initial_deposition_date   2013-01-24 
_pdbx_database_status.status_code_sf                  REL 
_pdbx_database_status.status_code_mr                  ? 
_pdbx_database_status.SG_entry                        ? 
_pdbx_database_status.status_code_cs                  ? 
_pdbx_database_status.pdb_format_compatible           Y 
_pdbx_database_status.status_code_nmr_data            ? 
# 
loop_
_audit_author.name 
_audit_author.pdbx_ordinal 
'Traore, D.A.K.'  1 
'Whisstock, J.C.' 2 
# 
_citation.id                        primary 
_citation.title                     'Defining the interaction of perforin with calcium and the phospholipid membrane.' 
_citation.journal_abbrev            Biochem.J. 
_citation.journal_volume            456 
_citation.page_first                323 
_citation.page_last                 335 
_citation.year                      2013 
_citation.journal_id_ASTM           BIJOAK 
_citation.country                   UK 
_citation.journal_id_ISSN           0264-6021 
_citation.journal_id_CSD            0043 
_citation.book_publisher            ? 
_citation.pdbx_database_id_PubMed   24070258 
_citation.pdbx_database_id_DOI      10.1042/BJ20130999 
# 
loop_
_citation_author.citation_id 
_citation_author.name 
_citation_author.ordinal 
_citation_author.identifier_ORCID 
primary 'Traore, D.A.'    1  ? 
primary 'Brennan, A.J.'   2  ? 
primary 'Law, R.H.'       3  ? 
primary 'Dogovski, C.'    4  ? 
primary 'Perugini, M.A.'  5  ? 
primary 'Lukoyanova, N.'  6  ? 
primary 'Leung, E.W.'     7  ? 
primary 'Norton, R.S.'    8  ? 
primary 'Lopez, J.A.'     9  ? 
primary 'Browne, K.A.'    10 ? 
primary 'Yagita, H.'      11 ? 
primary 'Lloyd, G.J.'     12 ? 
primary 'Ciccone, A.'     13 ? 
primary 'Verschoor, S.'   14 ? 
primary 'Trapani, J.A.'   15 ? 
primary 'Whisstock, J.C.' 16 ? 
primary 'Voskoboinik, I.' 17 ? 
# 
loop_
_entity.id 
_entity.type 
_entity.src_method 
_entity.pdbx_description 
_entity.formula_weight 
_entity.pdbx_number_of_molecules 
_entity.pdbx_ec 
_entity.pdbx_mutation 
_entity.pdbx_fragment 
_entity.details 
1 polymer man 'C2 domain protein' 15289.983 1   ? ? 'UNP RESIDUES 21-129' ? 
2 water   nat water               18.015    152 ? ? ?                     ? 
# 
_entity_name_com.entity_id   1 
_entity_name_com.name        SmC2P1 
# 
_entity_poly.entity_id                      1 
_entity_poly.type                           'polypeptide(L)' 
_entity_poly.nstd_linkage                   no 
_entity_poly.nstd_monomer                   no 
_entity_poly.pdbx_seq_one_letter_code       
;MRGSHHHHHHENLYFQGQNSHMQLRLYNLRVRGLPSDLMGITDGYVKVFCGSANLGETSVNHNNANPWWTEEFSHFKAQE
NDILRLEVHDEDTFFDDLLGVCQRQIKVGTHEHDCYLKEGGTLHYMYTLSV
;
_entity_poly.pdbx_seq_one_letter_code_can   
;MRGSHHHHHHENLYFQGQNSHMQLRLYNLRVRGLPSDLMGITDGYVKVFCGSANLGETSVNHNNANPWWTEEFSHFKAQE
NDILRLEVHDEDTFFDDLLGVCQRQIKVGTHEHDCYLKEGGTLHYMYTLSV
;
_entity_poly.pdbx_strand_id                 A 
_entity_poly.pdbx_target_identifier         ? 
# 
_pdbx_entity_nonpoly.entity_id   2 
_pdbx_entity_nonpoly.name        water 
_pdbx_entity_nonpoly.comp_id     HOH 
# 
loop_
_entity_poly_seq.entity_id 
_entity_poly_seq.num 
_entity_poly_seq.mon_id 
_entity_poly_seq.hetero 
1 1   MET n 
1 2   ARG n 
1 3   GLY n 
1 4   SER n 
1 5   HIS n 
1 6   HIS n 
1 7   HIS n 
1 8   HIS n 
1 9   HIS n 
1 10  HIS n 
1 11  GLU n 
1 12  ASN n 
1 13  LEU n 
1 14  TYR n 
1 15  PHE n 
1 16  GLN n 
1 17  GLY n 
1 18  GLN n 
1 19  ASN n 
1 20  SER n 
1 21  HIS n 
1 22  MET n 
1 23  GLN n 
1 24  LEU n 
1 25  ARG n 
1 26  LEU n 
1 27  TYR n 
1 28  ASN n 
1 29  LEU n 
1 30  ARG n 
1 31  VAL n 
1 32  ARG n 
1 33  GLY n 
1 34  LEU n 
1 35  PRO n 
1 36  SER n 
1 37  ASP n 
1 38  LEU n 
1 39  MET n 
1 40  GLY n 
1 41  ILE n 
1 42  THR n 
1 43  ASP n 
1 44  GLY n 
1 45  TYR n 
1 46  VAL n 
1 47  LYS n 
1 48  VAL n 
1 49  PHE n 
1 50  CYS n 
1 51  GLY n 
1 52  SER n 
1 53  ALA n 
1 54  ASN n 
1 55  LEU n 
1 56  GLY n 
1 57  GLU n 
1 58  THR n 
1 59  SER n 
1 60  VAL n 
1 61  ASN n 
1 62  HIS n 
1 63  ASN n 
1 64  ASN n 
1 65  ALA n 
1 66  ASN n 
1 67  PRO n 
1 68  TRP n 
1 69  TRP n 
1 70  THR n 
1 71  GLU n 
1 72  GLU n 
1 73  PHE n 
1 74  SER n 
1 75  HIS n 
1 76  PHE n 
1 77  LYS n 
1 78  ALA n 
1 79  GLN n 
1 80  GLU n 
1 81  ASN n 
1 82  ASP n 
1 83  ILE n 
1 84  LEU n 
1 85  ARG n 
1 86  LEU n 
1 87  GLU n 
1 88  VAL n 
1 89  HIS n 
1 90  ASP n 
1 91  GLU n 
1 92  ASP n 
1 93  THR n 
1 94  PHE n 
1 95  PHE n 
1 96  ASP n 
1 97  ASP n 
1 98  LEU n 
1 99  LEU n 
1 100 GLY n 
1 101 VAL n 
1 102 CYS n 
1 103 GLN n 
1 104 ARG n 
1 105 GLN n 
1 106 ILE n 
1 107 LYS n 
1 108 VAL n 
1 109 GLY n 
1 110 THR n 
1 111 HIS n 
1 112 GLU n 
1 113 HIS n 
1 114 ASP n 
1 115 CYS n 
1 116 TYR n 
1 117 LEU n 
1 118 LYS n 
1 119 GLU n 
1 120 GLY n 
1 121 GLY n 
1 122 THR n 
1 123 LEU n 
1 124 HIS n 
1 125 TYR n 
1 126 MET n 
1 127 TYR n 
1 128 THR n 
1 129 LEU n 
1 130 SER n 
1 131 VAL n 
# 
_entity_src_gen.entity_id                          1 
_entity_src_gen.pdbx_src_id                        1 
_entity_src_gen.pdbx_alt_source_flag               sample 
_entity_src_gen.pdbx_seq_type                      ? 
_entity_src_gen.pdbx_beg_seq_num                   ? 
_entity_src_gen.pdbx_end_seq_num                   ? 
_entity_src_gen.gene_src_common_name               Turbot 
_entity_src_gen.gene_src_genus                     ? 
_entity_src_gen.pdbx_gene_src_gene                 C2P1 
_entity_src_gen.gene_src_species                   ? 
_entity_src_gen.gene_src_strain                    ? 
_entity_src_gen.gene_src_tissue                    ? 
_entity_src_gen.gene_src_tissue_fraction           ? 
_entity_src_gen.gene_src_details                   ? 
_entity_src_gen.pdbx_gene_src_fragment             ? 
_entity_src_gen.pdbx_gene_src_scientific_name      'Scophthalmus maximus' 
_entity_src_gen.pdbx_gene_src_ncbi_taxonomy_id     52904 
_entity_src_gen.pdbx_gene_src_variant              ? 
_entity_src_gen.pdbx_gene_src_cell_line            ? 
_entity_src_gen.pdbx_gene_src_atcc                 ? 
_entity_src_gen.pdbx_gene_src_organ                ? 
_entity_src_gen.pdbx_gene_src_organelle            ? 
_entity_src_gen.pdbx_gene_src_cell                 ? 
_entity_src_gen.pdbx_gene_src_cellular_location    ? 
_entity_src_gen.host_org_common_name               ? 
_entity_src_gen.pdbx_host_org_scientific_name      'Escherichia coli' 
_entity_src_gen.pdbx_host_org_ncbi_taxonomy_id     562 
_entity_src_gen.host_org_genus                     ? 
_entity_src_gen.pdbx_host_org_gene                 ? 
_entity_src_gen.pdbx_host_org_organ                ? 
_entity_src_gen.host_org_species                   ? 
_entity_src_gen.pdbx_host_org_tissue               ? 
_entity_src_gen.pdbx_host_org_tissue_fraction      ? 
_entity_src_gen.pdbx_host_org_strain               Shuffle 
_entity_src_gen.pdbx_host_org_variant              ? 
_entity_src_gen.pdbx_host_org_cell_line            ? 
_entity_src_gen.pdbx_host_org_atcc                 ? 
_entity_src_gen.pdbx_host_org_culture_collection   ? 
_entity_src_gen.pdbx_host_org_cell                 ? 
_entity_src_gen.pdbx_host_org_organelle            ? 
_entity_src_gen.pdbx_host_org_cellular_location    ? 
_entity_src_gen.pdbx_host_org_vector_type          ? 
_entity_src_gen.pdbx_host_org_vector               ? 
_entity_src_gen.host_org_details                   ? 
_entity_src_gen.expression_system_id               ? 
_entity_src_gen.plasmid_name                       ? 
_entity_src_gen.plasmid_details                    ? 
_entity_src_gen.pdbx_description                   ? 
# 
loop_
_chem_comp.id 
_chem_comp.type 
_chem_comp.mon_nstd_flag 
_chem_comp.name 
_chem_comp.pdbx_synonyms 
_chem_comp.formula 
_chem_comp.formula_weight 
ALA 'L-peptide linking' y ALANINE         ? 'C3 H7 N O2'     89.093  
ARG 'L-peptide linking' y ARGININE        ? 'C6 H15 N4 O2 1' 175.209 
ASN 'L-peptide linking' y ASPARAGINE      ? 'C4 H8 N2 O3'    132.118 
ASP 'L-peptide linking' y 'ASPARTIC ACID' ? 'C4 H7 N O4'     133.103 
CYS 'L-peptide linking' y CYSTEINE        ? 'C3 H7 N O2 S'   121.158 
GLN 'L-peptide linking' y GLUTAMINE       ? 'C5 H10 N2 O3'   146.144 
GLU 'L-peptide linking' y 'GLUTAMIC ACID' ? 'C5 H9 N O4'     147.129 
GLY 'peptide linking'   y GLYCINE         ? 'C2 H5 N O2'     75.067  
HIS 'L-peptide linking' y HISTIDINE       ? 'C6 H10 N3 O2 1' 156.162 
HOH non-polymer         . WATER           ? 'H2 O'           18.015  
ILE 'L-peptide linking' y ISOLEUCINE      ? 'C6 H13 N O2'    131.173 
LEU 'L-peptide linking' y LEUCINE         ? 'C6 H13 N O2'    131.173 
LYS 'L-peptide linking' y LYSINE          ? 'C6 H15 N2 O2 1' 147.195 
MET 'L-peptide linking' y METHIONINE      ? 'C5 H11 N O2 S'  149.211 
PHE 'L-peptide linking' y PHENYLALANINE   ? 'C9 H11 N O2'    165.189 
PRO 'L-peptide linking' y PROLINE         ? 'C5 H9 N O2'     115.130 
SER 'L-peptide linking' y SERINE          ? 'C3 H7 N O3'     105.093 
THR 'L-peptide linking' y THREONINE       ? 'C4 H9 N O3'     119.119 
TRP 'L-peptide linking' y TRYPTOPHAN      ? 'C11 H12 N2 O2'  204.225 
TYR 'L-peptide linking' y TYROSINE        ? 'C9 H11 N O3'    181.189 
VAL 'L-peptide linking' y VALINE          ? 'C5 H11 N O2'    117.146 
# 
loop_
_pdbx_poly_seq_scheme.asym_id 
_pdbx_poly_seq_scheme.entity_id 
_pdbx_poly_seq_scheme.seq_id 
_pdbx_poly_seq_scheme.mon_id 
_pdbx_poly_seq_scheme.ndb_seq_num 
_pdbx_poly_seq_scheme.pdb_seq_num 
_pdbx_poly_seq_scheme.auth_seq_num 
_pdbx_poly_seq_scheme.pdb_mon_id 
_pdbx_poly_seq_scheme.auth_mon_id 
_pdbx_poly_seq_scheme.pdb_strand_id 
_pdbx_poly_seq_scheme.pdb_ins_code 
_pdbx_poly_seq_scheme.hetero 
A 1 1   MET 1   -1  ?   ?   ?   A . n 
A 1 2   ARG 2   0   ?   ?   ?   A . n 
A 1 3   GLY 3   1   ?   ?   ?   A . n 
A 1 4   SER 4   2   ?   ?   ?   A . n 
A 1 5   HIS 5   3   ?   ?   ?   A . n 
A 1 6   HIS 6   4   ?   ?   ?   A . n 
A 1 7   HIS 7   5   ?   ?   ?   A . n 
A 1 8   HIS 8   6   ?   ?   ?   A . n 
A 1 9   HIS 9   7   ?   ?   ?   A . n 
A 1 10  HIS 10  8   ?   ?   ?   A . n 
A 1 11  GLU 11  9   ?   ?   ?   A . n 
A 1 12  ASN 12  10  ?   ?   ?   A . n 
A 1 13  LEU 13  11  ?   ?   ?   A . n 
A 1 14  TYR 14  12  ?   ?   ?   A . n 
A 1 15  PHE 15  13  ?   ?   ?   A . n 
A 1 16  GLN 16  14  ?   ?   ?   A . n 
A 1 17  GLY 17  15  ?   ?   ?   A . n 
A 1 18  GLN 18  16  ?   ?   ?   A . n 
A 1 19  ASN 19  17  ?   ?   ?   A . n 
A 1 20  SER 20  18  ?   ?   ?   A . n 
A 1 21  HIS 21  19  19  HIS HIS A . n 
A 1 22  MET 22  20  20  MET MET A . n 
A 1 23  GLN 23  21  21  GLN GLN A . n 
A 1 24  LEU 24  22  22  LEU LEU A . n 
A 1 25  ARG 25  23  23  ARG ARG A . n 
A 1 26  LEU 26  24  24  LEU LEU A . n 
A 1 27  TYR 27  25  25  TYR TYR A . n 
A 1 28  ASN 28  26  26  ASN ASN A . n 
A 1 29  LEU 29  27  27  LEU LEU A . n 
A 1 30  ARG 30  28  28  ARG ARG A . n 
A 1 31  VAL 31  29  29  VAL VAL A . n 
A 1 32  ARG 32  30  30  ARG ARG A . n 
A 1 33  GLY 33  31  31  GLY GLY A . n 
A 1 34  LEU 34  32  32  LEU LEU A . n 
A 1 35  PRO 35  33  33  PRO PRO A . n 
A 1 36  SER 36  34  34  SER SER A . n 
A 1 37  ASP 37  35  ?   ?   ?   A . n 
A 1 38  LEU 38  36  ?   ?   ?   A . n 
A 1 39  MET 39  37  ?   ?   ?   A . n 
A 1 40  GLY 40  38  38  GLY GLY A . n 
A 1 41  ILE 41  39  39  ILE ILE A . n 
A 1 42  THR 42  40  40  THR THR A . n 
A 1 43  ASP 43  41  41  ASP ASP A . n 
A 1 44  GLY 44  42  42  GLY GLY A . n 
A 1 45  TYR 45  43  43  TYR TYR A . n 
A 1 46  VAL 46  44  44  VAL VAL A . n 
A 1 47  LYS 47  45  45  LYS LYS A . n 
A 1 48  VAL 48  46  46  VAL VAL A . n 
A 1 49  PHE 49  47  47  PHE PHE A . n 
A 1 50  CYS 50  48  48  CYS CYS A . n 
A 1 51  GLY 51  49  49  GLY GLY A . n 
A 1 52  SER 52  50  50  SER SER A . n 
A 1 53  ALA 53  51  51  ALA ALA A . n 
A 1 54  ASN 54  52  52  ASN ASN A . n 
A 1 55  LEU 55  53  53  LEU LEU A . n 
A 1 56  GLY 56  54  54  GLY GLY A . n 
A 1 57  GLU 57  55  55  GLU GLU A . n 
A 1 58  THR 58  56  56  THR THR A . n 
A 1 59  SER 59  57  57  SER SER A . n 
A 1 60  VAL 60  58  58  VAL VAL A . n 
A 1 61  ASN 61  59  59  ASN ASN A . n 
A 1 62  HIS 62  60  60  HIS HIS A . n 
A 1 63  ASN 63  61  61  ASN ASN A . n 
A 1 64  ASN 64  62  62  ASN ASN A . n 
A 1 65  ALA 65  63  63  ALA ALA A . n 
A 1 66  ASN 66  64  64  ASN ASN A . n 
A 1 67  PRO 67  65  65  PRO PRO A . n 
A 1 68  TRP 68  66  66  TRP TRP A . n 
A 1 69  TRP 69  67  67  TRP TRP A . n 
A 1 70  THR 70  68  68  THR THR A . n 
A 1 71  GLU 71  69  69  GLU GLU A . n 
A 1 72  GLU 72  70  70  GLU GLU A . n 
A 1 73  PHE 73  71  71  PHE PHE A . n 
A 1 74  SER 74  72  72  SER SER A . n 
A 1 75  HIS 75  73  73  HIS HIS A . n 
A 1 76  PHE 76  74  74  PHE PHE A . n 
A 1 77  LYS 77  75  75  LYS LYS A . n 
A 1 78  ALA 78  76  76  ALA ALA A . n 
A 1 79  GLN 79  77  77  GLN GLN A . n 
A 1 80  GLU 80  78  78  GLU GLU A . n 
A 1 81  ASN 81  79  79  ASN ASN A . n 
A 1 82  ASP 82  80  80  ASP ASP A . n 
A 1 83  ILE 83  81  81  ILE ILE A . n 
A 1 84  LEU 84  82  82  LEU LEU A . n 
A 1 85  ARG 85  83  83  ARG ARG A . n 
A 1 86  LEU 86  84  84  LEU LEU A . n 
A 1 87  GLU 87  85  85  GLU GLU A . n 
A 1 88  VAL 88  86  86  VAL VAL A . n 
A 1 89  HIS 89  87  87  HIS HIS A . n 
A 1 90  ASP 90  88  88  ASP ASP A . n 
A 1 91  GLU 91  89  89  GLU GLU A . n 
A 1 92  ASP 92  90  90  ASP ASP A . n 
A 1 93  THR 93  91  91  THR THR A . n 
A 1 94  PHE 94  92  92  PHE PHE A . n 
A 1 95  PHE 95  93  93  PHE PHE A . n 
A 1 96  ASP 96  94  94  ASP ASP A . n 
A 1 97  ASP 97  95  95  ASP ASP A . n 
A 1 98  LEU 98  96  96  LEU LEU A . n 
A 1 99  LEU 99  97  97  LEU LEU A . n 
A 1 100 GLY 100 98  98  GLY GLY A . n 
A 1 101 VAL 101 99  99  VAL VAL A . n 
A 1 102 CYS 102 100 100 CYS CYS A . n 
A 1 103 GLN 103 101 101 GLN GLN A . n 
A 1 104 ARG 104 102 102 ARG ARG A . n 
A 1 105 GLN 105 103 103 GLN GLN A . n 
A 1 106 ILE 106 104 104 ILE ILE A . n 
A 1 107 LYS 107 105 105 LYS LYS A . n 
A 1 108 VAL 108 106 106 VAL VAL A . n 
A 1 109 GLY 109 107 107 GLY GLY A . n 
A 1 110 THR 110 108 108 THR THR A . n 
A 1 111 HIS 111 109 109 HIS HIS A . n 
A 1 112 GLU 112 110 110 GLU GLU A . n 
A 1 113 HIS 113 111 111 HIS HIS A . n 
A 1 114 ASP 114 112 112 ASP ASP A . n 
A 1 115 CYS 115 113 113 CYS CYS A . n 
A 1 116 TYR 116 114 114 TYR TYR A . n 
A 1 117 LEU 117 115 115 LEU LEU A . n 
A 1 118 LYS 118 116 116 LYS LYS A . n 
A 1 119 GLU 119 117 117 GLU GLU A . n 
A 1 120 GLY 120 118 118 GLY GLY A . n 
A 1 121 GLY 121 119 119 GLY GLY A . n 
A 1 122 THR 122 120 120 THR THR A . n 
A 1 123 LEU 123 121 121 LEU LEU A . n 
A 1 124 HIS 124 122 122 HIS HIS A . n 
A 1 125 TYR 125 123 123 TYR TYR A . n 
A 1 126 MET 126 124 124 MET MET A . n 
A 1 127 TYR 127 125 125 TYR TYR A . n 
A 1 128 THR 128 126 126 THR THR A . n 
A 1 129 LEU 129 127 127 LEU LEU A . n 
A 1 130 SER 130 128 128 SER SER A . n 
A 1 131 VAL 131 129 129 VAL VAL A . n 
# 
loop_
_pdbx_nonpoly_scheme.asym_id 
_pdbx_nonpoly_scheme.entity_id 
_pdbx_nonpoly_scheme.mon_id 
_pdbx_nonpoly_scheme.ndb_seq_num 
_pdbx_nonpoly_scheme.pdb_seq_num 
_pdbx_nonpoly_scheme.auth_seq_num 
_pdbx_nonpoly_scheme.pdb_mon_id 
_pdbx_nonpoly_scheme.auth_mon_id 
_pdbx_nonpoly_scheme.pdb_strand_id 
_pdbx_nonpoly_scheme.pdb_ins_code 
B 2 HOH 1   201 1   HOH HOH A . 
B 2 HOH 2   202 2   HOH HOH A . 
B 2 HOH 3   203 3   HOH HOH A . 
B 2 HOH 4   204 4   HOH HOH A . 
B 2 HOH 5   205 5   HOH HOH A . 
B 2 HOH 6   206 6   HOH HOH A . 
B 2 HOH 7   207 7   HOH HOH A . 
B 2 HOH 8   208 8   HOH HOH A . 
B 2 HOH 9   209 9   HOH HOH A . 
B 2 HOH 10  210 10  HOH HOH A . 
B 2 HOH 11  211 11  HOH HOH A . 
B 2 HOH 12  212 12  HOH HOH A . 
B 2 HOH 13  213 13  HOH HOH A . 
B 2 HOH 14  214 14  HOH HOH A . 
B 2 HOH 15  215 15  HOH HOH A . 
B 2 HOH 16  216 16  HOH HOH A . 
B 2 HOH 17  217 18  HOH HOH A . 
B 2 HOH 18  218 19  HOH HOH A . 
B 2 HOH 19  219 20  HOH HOH A . 
B 2 HOH 20  220 21  HOH HOH A . 
B 2 HOH 21  221 22  HOH HOH A . 
B 2 HOH 22  222 23  HOH HOH A . 
B 2 HOH 23  223 24  HOH HOH A . 
B 2 HOH 24  224 25  HOH HOH A . 
B 2 HOH 25  225 26  HOH HOH A . 
B 2 HOH 26  226 27  HOH HOH A . 
B 2 HOH 27  227 28  HOH HOH A . 
B 2 HOH 28  228 29  HOH HOH A . 
B 2 HOH 29  229 30  HOH HOH A . 
B 2 HOH 30  230 31  HOH HOH A . 
B 2 HOH 31  231 32  HOH HOH A . 
B 2 HOH 32  232 33  HOH HOH A . 
B 2 HOH 33  233 34  HOH HOH A . 
B 2 HOH 34  234 35  HOH HOH A . 
B 2 HOH 35  235 36  HOH HOH A . 
B 2 HOH 36  236 37  HOH HOH A . 
B 2 HOH 37  237 38  HOH HOH A . 
B 2 HOH 38  238 39  HOH HOH A . 
B 2 HOH 39  239 40  HOH HOH A . 
B 2 HOH 40  240 41  HOH HOH A . 
B 2 HOH 41  241 42  HOH HOH A . 
B 2 HOH 42  242 43  HOH HOH A . 
B 2 HOH 43  243 44  HOH HOH A . 
B 2 HOH 44  244 45  HOH HOH A . 
B 2 HOH 45  245 46  HOH HOH A . 
B 2 HOH 46  246 47  HOH HOH A . 
B 2 HOH 47  247 48  HOH HOH A . 
B 2 HOH 48  248 49  HOH HOH A . 
B 2 HOH 49  249 50  HOH HOH A . 
B 2 HOH 50  250 51  HOH HOH A . 
B 2 HOH 51  251 52  HOH HOH A . 
B 2 HOH 52  252 53  HOH HOH A . 
B 2 HOH 53  253 54  HOH HOH A . 
B 2 HOH 54  254 55  HOH HOH A . 
B 2 HOH 55  255 56  HOH HOH A . 
B 2 HOH 56  256 57  HOH HOH A . 
B 2 HOH 57  257 58  HOH HOH A . 
B 2 HOH 58  258 59  HOH HOH A . 
B 2 HOH 59  259 60  HOH HOH A . 
B 2 HOH 60  260 61  HOH HOH A . 
B 2 HOH 61  261 62  HOH HOH A . 
B 2 HOH 62  262 63  HOH HOH A . 
B 2 HOH 63  263 64  HOH HOH A . 
B 2 HOH 64  264 65  HOH HOH A . 
B 2 HOH 65  265 66  HOH HOH A . 
B 2 HOH 66  266 67  HOH HOH A . 
B 2 HOH 67  267 68  HOH HOH A . 
B 2 HOH 68  268 69  HOH HOH A . 
B 2 HOH 69  269 70  HOH HOH A . 
B 2 HOH 70  270 71  HOH HOH A . 
B 2 HOH 71  271 72  HOH HOH A . 
B 2 HOH 72  272 73  HOH HOH A . 
B 2 HOH 73  273 74  HOH HOH A . 
B 2 HOH 74  274 75  HOH HOH A . 
B 2 HOH 75  275 76  HOH HOH A . 
B 2 HOH 76  276 77  HOH HOH A . 
B 2 HOH 77  277 78  HOH HOH A . 
B 2 HOH 78  278 79  HOH HOH A . 
B 2 HOH 79  279 80  HOH HOH A . 
B 2 HOH 80  280 82  HOH HOH A . 
B 2 HOH 81  281 83  HOH HOH A . 
B 2 HOH 82  282 84  HOH HOH A . 
B 2 HOH 83  283 85  HOH HOH A . 
B 2 HOH 84  284 86  HOH HOH A . 
B 2 HOH 85  285 87  HOH HOH A . 
B 2 HOH 86  286 88  HOH HOH A . 
B 2 HOH 87  287 89  HOH HOH A . 
B 2 HOH 88  288 90  HOH HOH A . 
B 2 HOH 89  289 91  HOH HOH A . 
B 2 HOH 90  290 92  HOH HOH A . 
B 2 HOH 91  291 93  HOH HOH A . 
B 2 HOH 92  292 94  HOH HOH A . 
B 2 HOH 93  293 95  HOH HOH A . 
B 2 HOH 94  294 96  HOH HOH A . 
B 2 HOH 95  295 97  HOH HOH A . 
B 2 HOH 96  296 98  HOH HOH A . 
B 2 HOH 97  297 99  HOH HOH A . 
B 2 HOH 98  298 100 HOH HOH A . 
B 2 HOH 99  299 101 HOH HOH A . 
B 2 HOH 100 300 102 HOH HOH A . 
B 2 HOH 101 301 103 HOH HOH A . 
B 2 HOH 102 302 104 HOH HOH A . 
B 2 HOH 103 303 105 HOH HOH A . 
B 2 HOH 104 304 106 HOH HOH A . 
B 2 HOH 105 305 107 HOH HOH A . 
B 2 HOH 106 306 108 HOH HOH A . 
B 2 HOH 107 307 109 HOH HOH A . 
B 2 HOH 108 308 110 HOH HOH A . 
B 2 HOH 109 309 111 HOH HOH A . 
B 2 HOH 110 310 112 HOH HOH A . 
B 2 HOH 111 311 113 HOH HOH A . 
B 2 HOH 112 312 114 HOH HOH A . 
B 2 HOH 113 313 115 HOH HOH A . 
B 2 HOH 114 314 116 HOH HOH A . 
B 2 HOH 115 315 117 HOH HOH A . 
B 2 HOH 116 316 118 HOH HOH A . 
B 2 HOH 117 317 119 HOH HOH A . 
B 2 HOH 118 318 120 HOH HOH A . 
B 2 HOH 119 319 121 HOH HOH A . 
B 2 HOH 120 320 123 HOH HOH A . 
B 2 HOH 121 321 124 HOH HOH A . 
B 2 HOH 122 322 125 HOH HOH A . 
B 2 HOH 123 323 126 HOH HOH A . 
B 2 HOH 124 324 127 HOH HOH A . 
B 2 HOH 125 325 128 HOH HOH A . 
B 2 HOH 126 326 129 HOH HOH A . 
B 2 HOH 127 327 130 HOH HOH A . 
B 2 HOH 128 328 131 HOH HOH A . 
B 2 HOH 129 329 132 HOH HOH A . 
B 2 HOH 130 330 133 HOH HOH A . 
B 2 HOH 131 331 134 HOH HOH A . 
B 2 HOH 132 332 135 HOH HOH A . 
B 2 HOH 133 333 136 HOH HOH A . 
B 2 HOH 134 334 137 HOH HOH A . 
B 2 HOH 135 335 138 HOH HOH A . 
B 2 HOH 136 336 139 HOH HOH A . 
B 2 HOH 137 337 140 HOH HOH A . 
B 2 HOH 138 338 141 HOH HOH A . 
B 2 HOH 139 339 142 HOH HOH A . 
B 2 HOH 140 340 143 HOH HOH A . 
B 2 HOH 141 341 144 HOH HOH A . 
B 2 HOH 142 342 145 HOH HOH A . 
B 2 HOH 143 343 146 HOH HOH A . 
B 2 HOH 144 344 147 HOH HOH A . 
B 2 HOH 145 345 148 HOH HOH A . 
B 2 HOH 146 346 149 HOH HOH A . 
B 2 HOH 147 347 150 HOH HOH A . 
B 2 HOH 148 348 151 HOH HOH A . 
B 2 HOH 149 349 152 HOH HOH A . 
B 2 HOH 150 350 153 HOH HOH A . 
B 2 HOH 151 351 154 HOH HOH A . 
B 2 HOH 152 352 155 HOH HOH A . 
# 
loop_
_software.pdbx_ordinal 
_software.name 
_software.version 
_software.date 
_software.type 
_software.contact_author 
_software.contact_author_email 
_software.classification 
_software.location 
_software.language 
_software.citation_id 
1 SCALA       3.3.16  2010/01/06      other   'Phil R. Evans' pre@mrc-lmb.cam.ac.uk    'data scaling'    
http://www.ccp4.ac.uk/dist/html/scala.html Fortran_77 ? 
2 PHENIX      dev_895 ?               package 'Paul D. Adams' PDAdams@lbl.gov          refinement        
http://www.phenix-online.org/              C++        ? 
3 PDB_EXTRACT 3.10    'June 10, 2010' package PDB             deposit@deposit.rcsb.org 'data extraction' 
http://sw-tools.pdb.org/apps/PDB_EXTRACT/  C++        ? 
# 
_cell.length_a           25.348 
_cell.length_b           55.219 
_cell.length_c           89.746 
_cell.angle_alpha        90.000 
_cell.angle_beta         91.170 
_cell.angle_gamma        90.000 
_cell.entry_id           3W56 
_cell.pdbx_unique_axis   ? 
_cell.Z_PDB              4 
_cell.length_a_esd       ? 
_cell.length_b_esd       ? 
_cell.length_c_esd       ? 
_cell.angle_alpha_esd    ? 
_cell.angle_beta_esd     ? 
_cell.angle_gamma_esd    ? 
# 
_symmetry.space_group_name_H-M             'I 1 2 1' 
_symmetry.entry_id                         3W56 
_symmetry.Int_Tables_number                5 
_symmetry.pdbx_full_space_group_name_H-M   ? 
_symmetry.cell_setting                     ? 
_symmetry.space_group_name_Hall            ? 
# 
_exptl.crystals_number   1 
_exptl.entry_id          3W56 
_exptl.method            'X-RAY DIFFRACTION' 
# 
_exptl_crystal.id                    1 
_exptl_crystal.pdbx_mosaicity        0.000 
_exptl_crystal.pdbx_mosaicity_esd    ? 
_exptl_crystal.density_Matthews      2.05 
_exptl_crystal.density_diffrn        ? 
_exptl_crystal.density_meas          ? 
_exptl_crystal.density_meas_temp     ? 
_exptl_crystal.density_percent_sol   40.10 
_exptl_crystal.size_max              ? 
_exptl_crystal.size_mid              ? 
_exptl_crystal.size_min              ? 
_exptl_crystal.size_rad              ? 
_exptl_crystal.description           ? 
_exptl_crystal.F_000                 ? 
_exptl_crystal.preparation           ? 
# 
_exptl_crystal_grow.crystal_id      1 
_exptl_crystal_grow.method          'VAPOR DIFFUSION, HANGING DROP' 
_exptl_crystal_grow.pH              8.8 
_exptl_crystal_grow.temp            293 
_exptl_crystal_grow.pdbx_details    
'100mM Tris-HCl, 200mM MgCl2, 20% PEG 3350, pH 8.8, VAPOR DIFFUSION, HANGING DROP, temperature 293K' 
_exptl_crystal_grow.temp_details    ? 
_exptl_crystal_grow.pdbx_pH_range   ? 
# 
_diffrn.id                     1 
_diffrn.ambient_temp           100 
_diffrn.ambient_temp_details   ? 
_diffrn.crystal_id             1 
# 
_diffrn_detector.diffrn_id              1 
_diffrn_detector.detector               CCD 
_diffrn_detector.type                   'ADSC QUANTUM 315r' 
_diffrn_detector.pdbx_collection_date   2011-10-28 
_diffrn_detector.details                ? 
# 
_diffrn_radiation.diffrn_id                        1 
_diffrn_radiation.pdbx_diffrn_protocol             'SINGLE WAVELENGTH' 
_diffrn_radiation.monochromator                    ? 
_diffrn_radiation.wavelength_id                    1 
_diffrn_radiation.pdbx_monochromatic_or_laue_m_l   M 
_diffrn_radiation.pdbx_scattering_type             x-ray 
# 
_diffrn_radiation_wavelength.id           1 
_diffrn_radiation_wavelength.wavelength   0.953697 
_diffrn_radiation_wavelength.wt           1.0 
# 
_diffrn_source.diffrn_id                   1 
_diffrn_source.source                      SYNCHROTRON 
_diffrn_source.type                        'AUSTRALIAN SYNCHROTRON BEAMLINE MX2' 
_diffrn_source.pdbx_wavelength_list        0.953697 
_diffrn_source.pdbx_wavelength             ? 
_diffrn_source.pdbx_synchrotron_site       'Australian Synchrotron' 
_diffrn_source.pdbx_synchrotron_beamline   MX2 
# 
_reflns.entry_id                     3W56 
_reflns.d_resolution_high            1.600 
_reflns.d_resolution_low             47.027 
_reflns.number_all                   16003 
_reflns.number_obs                   16003 
_reflns.pdbx_netI_over_sigmaI        9.000 
_reflns.pdbx_Rsym_value              0.077 
_reflns.pdbx_redundancy              4.600 
_reflns.percent_possible_obs         97.900 
_reflns.observed_criterion_sigma_F   ? 
_reflns.observed_criterion_sigma_I   ? 
_reflns.pdbx_Rmerge_I_obs            ? 
_reflns.B_iso_Wilson_estimate        ? 
_reflns.R_free_details               ? 
_reflns.limit_h_max                  ? 
_reflns.limit_h_min                  ? 
_reflns.limit_k_max                  ? 
_reflns.limit_k_min                  ? 
_reflns.limit_l_max                  ? 
_reflns.limit_l_min                  ? 
_reflns.observed_criterion_F_max     ? 
_reflns.observed_criterion_F_min     ? 
_reflns.pdbx_chi_squared             ? 
_reflns.pdbx_scaling_rejects         ? 
_reflns.pdbx_ordinal                 1 
_reflns.pdbx_diffrn_id               1 
# 
loop_
_reflns_shell.d_res_high 
_reflns_shell.d_res_low 
_reflns_shell.number_measured_obs 
_reflns_shell.number_measured_all 
_reflns_shell.number_unique_obs 
_reflns_shell.pdbx_rejects 
_reflns_shell.Rmerge_I_obs 
_reflns_shell.meanI_over_sigI_obs 
_reflns_shell.pdbx_Rsym_value 
_reflns_shell.pdbx_chi_squared 
_reflns_shell.pdbx_redundancy 
_reflns_shell.percent_possible_obs 
_reflns_shell.pdbx_netI_over_sigmaI_obs 
_reflns_shell.number_possible 
_reflns_shell.number_unique_all 
_reflns_shell.Rmerge_F_all 
_reflns_shell.Rmerge_F_obs 
_reflns_shell.Rmerge_I_all 
_reflns_shell.meanI_over_sigI_all 
_reflns_shell.percent_possible_all 
_reflns_shell.pdbx_Rrim_I_all 
_reflns_shell.pdbx_Rpim_I_all 
_reflns_shell.pdbx_ordinal 
_reflns_shell.pdbx_diffrn_id 
1.600 1.690  ? 10548 ? ? 0.355 2.000  0.355 ? 4.600 ? 2.300  ? 2292 ? ? 0.399 ? 96.500 0.399 0.182 1  1 
1.690 1.790  ? 9932  ? ? 0.239 2.900  0.239 ? 4.600 ? 3.200  ? 2163 ? ? 0.269 ? 96.900 0.269 0.122 2  1 
1.790 1.910  ? 9288  ? ? 0.246 2.200  0.246 ? 4.600 ? 4.600  ? 2039 ? ? 0.278 ? 97.200 0.278 0.129 3  1 
1.910 2.070  ? 8814  ? ? 0.164 3.500  0.164 ? 4.500 ? 7.100  ? 1938 ? ? 0.185 ? 97.800 0.185 0.085 4  1 
2.070 2.260  ? 8079  ? ? 0.150 3.300  0.150 ? 4.500 ? 8.900  ? 1799 ? ? 0.170 ? 98.200 0.170 0.079 5  1 
2.260 2.530  ? 7412  ? ? 0.078 7.000  0.078 ? 4.600 ? 10.300 ? 1610 ? ? 0.088 ? 98.300 0.088 0.040 6  1 
2.530 2.920  ? 6581  ? ? 0.061 9.800  0.061 ? 4.600 ? 14.100 ? 1427 ? ? 0.068 ? 99.000 0.068 0.031 7  1 
2.920 3.580  ? 5670  ? ? 0.054 8.300  0.054 ? 4.600 ? 18.900 ? 1245 ? ? 0.061 ? 99.300 0.061 0.028 8  1 
3.580 5.060  ? 4285  ? ? 0.045 12.400 0.045 ? 4.500 ? 22.300 ? 955  ? ? 0.050 ? 99.700 0.050 0.023 9  1 
5.060 44.864 ? 2407  ? ? 0.048 10.400 0.048 ? 4.500 ? 21.100 ? 535  ? ? 0.054 ? 99.500 0.054 0.025 10 1 
# 
_refine.entry_id                                 3W56 
_refine.ls_d_res_high                            1.6000 
_refine.ls_d_res_low                             27.6100 
_refine.pdbx_ls_sigma_F                          0.000 
_refine.pdbx_data_cutoff_high_absF               ? 
_refine.pdbx_data_cutoff_low_absF                ? 
_refine.ls_percent_reflns_obs                    96.8500 
_refine.ls_number_reflns_obs                     15867 
_refine.ls_number_reflns_all                     ? 
_refine.pdbx_ls_cross_valid_method               ? 
_refine.pdbx_R_Free_selection_details            ? 
_refine.details                                  ? 
_refine.ls_R_factor_all                          ? 
_refine.ls_R_factor_obs                          0.2137 
_refine.ls_R_factor_R_work                       0.2116 
_refine.ls_wR_factor_R_work                      ? 
_refine.ls_R_factor_R_free                       0.2511 
_refine.ls_wR_factor_R_free                      ? 
_refine.ls_percent_reflns_R_free                 5.1400 
_refine.ls_number_reflns_R_free                  815 
_refine.ls_R_factor_R_free_error                 ? 
_refine.B_iso_mean                               22.5196 
_refine.solvent_model_param_bsol                 42.2170 
_refine.solvent_model_param_ksol                 0.3660 
_refine.pdbx_isotropic_thermal_model             ? 
_refine.aniso_B[1][1]                            -1.8551 
_refine.aniso_B[2][2]                            5.9401 
_refine.aniso_B[3][3]                            -4.0850 
_refine.aniso_B[1][2]                            0.0000 
_refine.aniso_B[1][3]                            -2.2395 
_refine.aniso_B[2][3]                            0.0000 
_refine.correlation_coeff_Fo_to_Fc               ? 
_refine.correlation_coeff_Fo_to_Fc_free          ? 
_refine.overall_SU_R_Cruickshank_DPI             ? 
_refine.overall_SU_R_free                        ? 
_refine.pdbx_overall_ESU_R                       ? 
_refine.pdbx_overall_ESU_R_Free                  ? 
_refine.overall_SU_ML                            0.2200 
_refine.overall_SU_B                             ? 
_refine.solvent_model_details                    'FLAT BULK SOLVENT MODEL' 
_refine.pdbx_solvent_vdw_probe_radii             0.8000 
_refine.pdbx_solvent_ion_probe_radii             ? 
_refine.pdbx_solvent_shrinkage_radii             0.4700 
_refine.ls_number_parameters                     ? 
_refine.ls_number_restraints                     ? 
_refine.pdbx_starting_model                      3NSJ 
_refine.pdbx_method_to_determine_struct          'MOLECULAR REPLACEMENT' 
_refine.pdbx_stereochemistry_target_values       ML 
_refine.pdbx_stereochem_target_val_spec_case     ? 
_refine.overall_FOM_work_R_set                   ? 
_refine.B_iso_max                                71.600 
_refine.B_iso_min                                5.320 
_refine.pdbx_overall_phase_error                 27.6600 
_refine.occupancy_max                            1.000 
_refine.occupancy_min                            0.420 
_refine.pdbx_ls_sigma_I                          ? 
_refine.ls_redundancy_reflns_obs                 ? 
_refine.ls_R_factor_R_free_error_details         ? 
_refine.pdbx_data_cutoff_high_rms_absF           ? 
_refine.overall_FOM_free_R_set                   ? 
_refine.pdbx_diffrn_id                           1 
_refine.pdbx_refine_id                           'X-RAY DIFFRACTION' 
_refine.pdbx_TLS_residual_ADP_flag               ? 
_refine.pdbx_overall_SU_R_free_Cruickshank_DPI   ? 
_refine.pdbx_overall_SU_R_Blow_DPI               ? 
_refine.pdbx_overall_SU_R_free_Blow_DPI          ? 
# 
_refine_hist.pdbx_refine_id                   'X-RAY DIFFRACTION' 
_refine_hist.cycle_id                         LAST 
_refine_hist.pdbx_number_atoms_protein        878 
_refine_hist.pdbx_number_atoms_nucleic_acid   0 
_refine_hist.pdbx_number_atoms_ligand         0 
_refine_hist.number_atoms_solvent             152 
_refine_hist.number_atoms_total               1030 
_refine_hist.d_res_high                       1.6000 
_refine_hist.d_res_low                        27.6100 
# 
loop_
_refine_ls_restr.type 
_refine_ls_restr.number 
_refine_ls_restr.dev_ideal 
_refine_ls_restr.dev_ideal_target 
_refine_ls_restr.weight 
_refine_ls_restr.pdbx_restraint_function 
_refine_ls_restr.pdbx_refine_id 
f_bond_d           905  0.019  ? ? ? 'X-RAY DIFFRACTION' 
f_angle_d          1223 1.853  ? ? ? 'X-RAY DIFFRACTION' 
f_chiral_restr     130  0.129  ? ? ? 'X-RAY DIFFRACTION' 
f_plane_restr      159  0.009  ? ? ? 'X-RAY DIFFRACTION' 
f_dihedral_angle_d 322  15.456 ? ? ? 'X-RAY DIFFRACTION' 
# 
loop_
_refine_ls_shell.d_res_high 
_refine_ls_shell.d_res_low 
_refine_ls_shell.pdbx_total_number_of_bins_used 
_refine_ls_shell.percent_reflns_obs 
_refine_ls_shell.number_reflns_R_work 
_refine_ls_shell.R_factor_all 
_refine_ls_shell.R_factor_R_work 
_refine_ls_shell.R_factor_R_free 
_refine_ls_shell.percent_reflns_R_free 
_refine_ls_shell.number_reflns_R_free 
_refine_ls_shell.R_factor_R_free_error 
_refine_ls_shell.number_reflns_all 
_refine_ls_shell.number_reflns_obs 
_refine_ls_shell.pdbx_refine_id 
_refine_ls_shell.redundancy_reflns_obs 
1.6001 1.7003  6 96.0000 2464 . 0.2704 0.3122 . 144 . 2608 . 'X-RAY DIFFRACTION' . 
1.7003 1.8316  6 97.0000 2452 . 0.2398 0.2960 . 156 . 2608 . 'X-RAY DIFFRACTION' . 
1.8316 2.0159  6 96.0000 2475 . 0.2844 0.3337 . 125 . 2600 . 'X-RAY DIFFRACTION' . 
2.0159 2.3074  6 95.0000 2479 . 0.2511 0.3488 . 122 . 2601 . 'X-RAY DIFFRACTION' . 
2.3074 2.9066  6 98.0000 2558 . 0.2101 0.2426 . 129 . 2687 . 'X-RAY DIFFRACTION' . 
2.9066 27.6137 6 99.0000 2624 . 0.1665 0.1851 . 139 . 2763 . 'X-RAY DIFFRACTION' . 
# 
_struct.entry_id                  3W56 
_struct.title                     'Structure of a C2 domain' 
_struct.pdbx_model_details        ? 
_struct.pdbx_CASP_flag            ? 
_struct.pdbx_model_type_details   ? 
# 
_struct_keywords.entry_id        3W56 
_struct_keywords.text            'C2 domain, LIPID BINDING PROTEIN' 
_struct_keywords.pdbx_keywords   'LIPID BINDING PROTEIN' 
# 
loop_
_struct_asym.id 
_struct_asym.pdbx_blank_PDB_chainid_flag 
_struct_asym.pdbx_modified 
_struct_asym.entity_id 
_struct_asym.details 
A N N 1 ? 
B N N 2 ? 
# 
_struct_ref.id                         1 
_struct_ref.db_name                    UNP 
_struct_ref.db_code                    E2FYL5_PSEMX 
_struct_ref.pdbx_db_accession          E2FYL5 
_struct_ref.entity_id                  1 
_struct_ref.pdbx_seq_one_letter_code   
;QLRLYNLRVRGLPSDLMGITDGYVKVFCGSANLGETSVNHNNANPWWTEEFSHFKAQENDILRLEVHDEDTFFDDLLGVC
QRQIKVGTHEHDCYLKEGGTLHYMYTLSV
;
_struct_ref.pdbx_align_begin           21 
_struct_ref.pdbx_db_isoform            ? 
# 
_struct_ref_seq.align_id                      1 
_struct_ref_seq.ref_id                        1 
_struct_ref_seq.pdbx_PDB_id_code              3W56 
_struct_ref_seq.pdbx_strand_id                A 
_struct_ref_seq.seq_align_beg                 23 
_struct_ref_seq.pdbx_seq_align_beg_ins_code   ? 
_struct_ref_seq.seq_align_end                 131 
_struct_ref_seq.pdbx_seq_align_end_ins_code   ? 
_struct_ref_seq.pdbx_db_accession             E2FYL5 
_struct_ref_seq.db_align_beg                  21 
_struct_ref_seq.pdbx_db_align_beg_ins_code    ? 
_struct_ref_seq.db_align_end                  129 
_struct_ref_seq.pdbx_db_align_end_ins_code    ? 
_struct_ref_seq.pdbx_auth_seq_align_beg       21 
_struct_ref_seq.pdbx_auth_seq_align_end       129 
# 
loop_
_struct_ref_seq_dif.align_id 
_struct_ref_seq_dif.pdbx_pdb_id_code 
_struct_ref_seq_dif.mon_id 
_struct_ref_seq_dif.pdbx_pdb_strand_id 
_struct_ref_seq_dif.seq_num 
_struct_ref_seq_dif.pdbx_pdb_ins_code 
_struct_ref_seq_dif.pdbx_seq_db_name 
_struct_ref_seq_dif.pdbx_seq_db_accession_code 
_struct_ref_seq_dif.db_mon_id 
_struct_ref_seq_dif.pdbx_seq_db_seq_num 
_struct_ref_seq_dif.details 
_struct_ref_seq_dif.pdbx_auth_seq_num 
_struct_ref_seq_dif.pdbx_ordinal 
1 3W56 MET A 1  ? UNP E2FYL5 ? ? 'expression tag' -1 1  
1 3W56 ARG A 2  ? UNP E2FYL5 ? ? 'expression tag' 0  2  
1 3W56 GLY A 3  ? UNP E2FYL5 ? ? 'expression tag' 1  3  
1 3W56 SER A 4  ? UNP E2FYL5 ? ? 'expression tag' 2  4  
1 3W56 HIS A 5  ? UNP E2FYL5 ? ? 'expression tag' 3  5  
1 3W56 HIS A 6  ? UNP E2FYL5 ? ? 'expression tag' 4  6  
1 3W56 HIS A 7  ? UNP E2FYL5 ? ? 'expression tag' 5  7  
1 3W56 HIS A 8  ? UNP E2FYL5 ? ? 'expression tag' 6  8  
1 3W56 HIS A 9  ? UNP E2FYL5 ? ? 'expression tag' 7  9  
1 3W56 HIS A 10 ? UNP E2FYL5 ? ? 'expression tag' 8  10 
1 3W56 GLU A 11 ? UNP E2FYL5 ? ? 'expression tag' 9  11 
1 3W56 ASN A 12 ? UNP E2FYL5 ? ? 'expression tag' 10 12 
1 3W56 LEU A 13 ? UNP E2FYL5 ? ? 'expression tag' 11 13 
1 3W56 TYR A 14 ? UNP E2FYL5 ? ? 'expression tag' 12 14 
1 3W56 PHE A 15 ? UNP E2FYL5 ? ? 'expression tag' 13 15 
1 3W56 GLN A 16 ? UNP E2FYL5 ? ? 'expression tag' 14 16 
1 3W56 GLY A 17 ? UNP E2FYL5 ? ? 'expression tag' 15 17 
1 3W56 GLN A 18 ? UNP E2FYL5 ? ? 'expression tag' 16 18 
1 3W56 ASN A 19 ? UNP E2FYL5 ? ? 'expression tag' 17 19 
1 3W56 SER A 20 ? UNP E2FYL5 ? ? 'expression tag' 18 20 
1 3W56 HIS A 21 ? UNP E2FYL5 ? ? 'expression tag' 19 21 
1 3W56 MET A 22 ? UNP E2FYL5 ? ? 'expression tag' 20 22 
# 
_pdbx_struct_assembly.id                   1 
_pdbx_struct_assembly.details              author_and_software_defined_assembly 
_pdbx_struct_assembly.method_details       PISA 
_pdbx_struct_assembly.oligomeric_details   monomeric 
_pdbx_struct_assembly.oligomeric_count     1 
# 
_pdbx_struct_assembly_gen.assembly_id       1 
_pdbx_struct_assembly_gen.oper_expression   1 
_pdbx_struct_assembly_gen.asym_id_list      A,B 
# 
_pdbx_struct_oper_list.id                   1 
_pdbx_struct_oper_list.type                 'identity operation' 
_pdbx_struct_oper_list.name                 1_555 
_pdbx_struct_oper_list.symmetry_operation   x,y,z 
_pdbx_struct_oper_list.matrix[1][1]         1.0000000000 
_pdbx_struct_oper_list.matrix[1][2]         0.0000000000 
_pdbx_struct_oper_list.matrix[1][3]         0.0000000000 
_pdbx_struct_oper_list.vector[1]            0.0000000000 
_pdbx_struct_oper_list.matrix[2][1]         0.0000000000 
_pdbx_struct_oper_list.matrix[2][2]         1.0000000000 
_pdbx_struct_oper_list.matrix[2][3]         0.0000000000 
_pdbx_struct_oper_list.vector[2]            0.0000000000 
_pdbx_struct_oper_list.matrix[3][1]         0.0000000000 
_pdbx_struct_oper_list.matrix[3][2]         0.0000000000 
_pdbx_struct_oper_list.matrix[3][3]         1.0000000000 
_pdbx_struct_oper_list.vector[3]            0.0000000000 
# 
_struct_biol.id        1 
_struct_biol.details   ? 
# 
loop_
_struct_conn.id 
_struct_conn.conn_type_id 
_struct_conn.pdbx_leaving_atom_flag 
_struct_conn.pdbx_PDB_id 
_struct_conn.ptnr1_label_asym_id 
_struct_conn.ptnr1_label_comp_id 
_struct_conn.ptnr1_label_seq_id 
_struct_conn.ptnr1_label_atom_id 
_struct_conn.pdbx_ptnr1_label_alt_id 
_struct_conn.pdbx_ptnr1_PDB_ins_code 
_struct_conn.pdbx_ptnr1_standard_comp_id 
_struct_conn.ptnr1_symmetry 
_struct_conn.ptnr2_label_asym_id 
_struct_conn.ptnr2_label_comp_id 
_struct_conn.ptnr2_label_seq_id 
_struct_conn.ptnr2_label_atom_id 
_struct_conn.pdbx_ptnr2_label_alt_id 
_struct_conn.pdbx_ptnr2_PDB_ins_code 
_struct_conn.ptnr1_auth_asym_id 
_struct_conn.ptnr1_auth_comp_id 
_struct_conn.ptnr1_auth_seq_id 
_struct_conn.ptnr2_auth_asym_id 
_struct_conn.ptnr2_auth_comp_id 
_struct_conn.ptnr2_auth_seq_id 
_struct_conn.ptnr2_symmetry 
_struct_conn.pdbx_ptnr3_label_atom_id 
_struct_conn.pdbx_ptnr3_label_seq_id 
_struct_conn.pdbx_ptnr3_label_comp_id 
_struct_conn.pdbx_ptnr3_label_asym_id 
_struct_conn.pdbx_ptnr3_label_alt_id 
_struct_conn.pdbx_ptnr3_PDB_ins_code 
_struct_conn.details 
_struct_conn.pdbx_dist_value 
_struct_conn.pdbx_value_order 
_struct_conn.pdbx_role 
disulf1 disulf ? ? A CYS 102 SG A ? ? 1_555 A CYS 115 SG ? ? A CYS 100 A CYS 113 1_555 ? ? ? ? ? ? ? 1.992 ? ? 
disulf2 disulf ? ? A CYS 102 SG B ? ? 1_555 A CYS 115 SG ? ? A CYS 100 A CYS 113 1_555 ? ? ? ? ? ? ? 2.005 ? ? 
# 
_struct_conn_type.id          disulf 
_struct_conn_type.criteria    ? 
_struct_conn_type.reference   ? 
# 
loop_
_pdbx_modification_feature.ordinal 
_pdbx_modification_feature.label_comp_id 
_pdbx_modification_feature.label_asym_id 
_pdbx_modification_feature.label_seq_id 
_pdbx_modification_feature.label_alt_id 
_pdbx_modification_feature.modified_residue_label_comp_id 
_pdbx_modification_feature.modified_residue_label_asym_id 
_pdbx_modification_feature.modified_residue_label_seq_id 
_pdbx_modification_feature.modified_residue_label_alt_id 
_pdbx_modification_feature.auth_comp_id 
_pdbx_modification_feature.auth_asym_id 
_pdbx_modification_feature.auth_seq_id 
_pdbx_modification_feature.PDB_ins_code 
_pdbx_modification_feature.symmetry 
_pdbx_modification_feature.modified_residue_auth_comp_id 
_pdbx_modification_feature.modified_residue_auth_asym_id 
_pdbx_modification_feature.modified_residue_auth_seq_id 
_pdbx_modification_feature.modified_residue_PDB_ins_code 
_pdbx_modification_feature.modified_residue_symmetry 
_pdbx_modification_feature.comp_id_linking_atom 
_pdbx_modification_feature.modified_residue_id_linking_atom 
_pdbx_modification_feature.modified_residue_id 
_pdbx_modification_feature.ref_pcm_id 
_pdbx_modification_feature.ref_comp_id 
_pdbx_modification_feature.type 
_pdbx_modification_feature.category 
1 CYS A 102 A CYS A 115 ? CYS A 100 ? 1_555 CYS A 113 ? 1_555 SG SG . . . None 'Disulfide bridge' 
2 CYS A 102 B CYS A 115 ? CYS A 100 ? 1_555 CYS A 113 ? 1_555 SG SG . . . None 'Disulfide bridge' 
# 
loop_
_struct_sheet.id 
_struct_sheet.type 
_struct_sheet.number_strands 
_struct_sheet.details 
A ? 4 ? 
B ? 4 ? 
# 
loop_
_struct_sheet_order.sheet_id 
_struct_sheet_order.range_id_1 
_struct_sheet_order.range_id_2 
_struct_sheet_order.offset 
_struct_sheet_order.sense 
A 1 2 ? anti-parallel 
A 2 3 ? anti-parallel 
A 3 4 ? anti-parallel 
B 1 2 ? anti-parallel 
B 2 3 ? anti-parallel 
B 3 4 ? anti-parallel 
# 
loop_
_struct_sheet_range.sheet_id 
_struct_sheet_range.id 
_struct_sheet_range.beg_label_comp_id 
_struct_sheet_range.beg_label_asym_id 
_struct_sheet_range.beg_label_seq_id 
_struct_sheet_range.pdbx_beg_PDB_ins_code 
_struct_sheet_range.end_label_comp_id 
_struct_sheet_range.end_label_asym_id 
_struct_sheet_range.end_label_seq_id 
_struct_sheet_range.pdbx_end_PDB_ins_code 
_struct_sheet_range.beg_auth_comp_id 
_struct_sheet_range.beg_auth_asym_id 
_struct_sheet_range.beg_auth_seq_id 
_struct_sheet_range.end_auth_comp_id 
_struct_sheet_range.end_auth_asym_id 
_struct_sheet_range.end_auth_seq_id 
A 1 PHE A 73  ? ALA A 78  ? PHE A 71  ALA A 76  
A 2 MET A 22  ? ARG A 32  ? MET A 20  ARG A 30  
A 3 THR A 122 ? SER A 130 ? THR A 120 SER A 128 
A 4 GLY A 109 ? TYR A 116 ? GLY A 107 TYR A 114 
B 1 ALA A 53  ? GLU A 57  ? ALA A 51  GLU A 55  
B 2 GLY A 44  ? CYS A 50  ? GLY A 42  CYS A 48  
B 3 ILE A 83  ? ASP A 90  ? ILE A 81  ASP A 88  
B 4 ASP A 97  ? GLN A 105 ? ASP A 95  GLN A 103 
# 
loop_
_pdbx_struct_sheet_hbond.sheet_id 
_pdbx_struct_sheet_hbond.range_id_1 
_pdbx_struct_sheet_hbond.range_id_2 
_pdbx_struct_sheet_hbond.range_1_label_atom_id 
_pdbx_struct_sheet_hbond.range_1_label_comp_id 
_pdbx_struct_sheet_hbond.range_1_label_asym_id 
_pdbx_struct_sheet_hbond.range_1_label_seq_id 
_pdbx_struct_sheet_hbond.range_1_PDB_ins_code 
_pdbx_struct_sheet_hbond.range_1_auth_atom_id 
_pdbx_struct_sheet_hbond.range_1_auth_comp_id 
_pdbx_struct_sheet_hbond.range_1_auth_asym_id 
_pdbx_struct_sheet_hbond.range_1_auth_seq_id 
_pdbx_struct_sheet_hbond.range_2_label_atom_id 
_pdbx_struct_sheet_hbond.range_2_label_comp_id 
_pdbx_struct_sheet_hbond.range_2_label_asym_id 
_pdbx_struct_sheet_hbond.range_2_label_seq_id 
_pdbx_struct_sheet_hbond.range_2_PDB_ins_code 
_pdbx_struct_sheet_hbond.range_2_auth_atom_id 
_pdbx_struct_sheet_hbond.range_2_auth_comp_id 
_pdbx_struct_sheet_hbond.range_2_auth_asym_id 
_pdbx_struct_sheet_hbond.range_2_auth_seq_id 
A 1 2 O PHE A 73  ? O PHE A 71  N LEU A 26  ? N LEU A 24  
A 2 3 N ARG A 30  ? N ARG A 28  O HIS A 124 ? O HIS A 122 
A 3 4 O LEU A 123 ? O LEU A 121 N CYS A 115 ? N CYS A 113 
B 1 2 O ALA A 53  ? O ALA A 51  N CYS A 50  ? N CYS A 48  
B 2 3 N LYS A 47  ? N LYS A 45  O GLU A 87  ? O GLU A 85  
B 3 4 N VAL A 88  ? N VAL A 86  O LEU A 99  ? O LEU A 97  
# 
_pdbx_entry_details.entry_id                   3W56 
_pdbx_entry_details.compound_details           ? 
_pdbx_entry_details.source_details             ? 
_pdbx_entry_details.nonpolymer_details         ? 
_pdbx_entry_details.sequence_details           ? 
_pdbx_entry_details.has_ligand_of_interest     ? 
_pdbx_entry_details.has_protein_modification   Y 
# 
loop_
_pdbx_validate_close_contact.id 
_pdbx_validate_close_contact.PDB_model_num 
_pdbx_validate_close_contact.auth_atom_id_1 
_pdbx_validate_close_contact.auth_asym_id_1 
_pdbx_validate_close_contact.auth_comp_id_1 
_pdbx_validate_close_contact.auth_seq_id_1 
_pdbx_validate_close_contact.PDB_ins_code_1 
_pdbx_validate_close_contact.label_alt_id_1 
_pdbx_validate_close_contact.auth_atom_id_2 
_pdbx_validate_close_contact.auth_asym_id_2 
_pdbx_validate_close_contact.auth_comp_id_2 
_pdbx_validate_close_contact.auth_seq_id_2 
_pdbx_validate_close_contact.PDB_ins_code_2 
_pdbx_validate_close_contact.label_alt_id_2 
_pdbx_validate_close_contact.dist 
1 1 O A HOH 239 ? ? O A HOH 276 ? ? 1.95 
2 1 O A HOH 234 ? ? O A HOH 321 ? ? 1.99 
3 1 O A HOH 264 ? ? O A HOH 346 ? ? 2.07 
4 1 O A HOH 312 ? ? O A HOH 324 ? ? 2.11 
5 1 O A HOH 220 ? ? O A HOH 336 ? ? 2.12 
6 1 O A HOH 263 ? ? O A HOH 273 ? ? 2.14 
7 1 O A HOH 230 ? ? O A HOH 251 ? ? 2.14 
8 1 O A HOH 279 ? ? O A HOH 321 ? ? 2.18 
# 
loop_
_pdbx_validate_symm_contact.id 
_pdbx_validate_symm_contact.PDB_model_num 
_pdbx_validate_symm_contact.auth_atom_id_1 
_pdbx_validate_symm_contact.auth_asym_id_1 
_pdbx_validate_symm_contact.auth_comp_id_1 
_pdbx_validate_symm_contact.auth_seq_id_1 
_pdbx_validate_symm_contact.PDB_ins_code_1 
_pdbx_validate_symm_contact.label_alt_id_1 
_pdbx_validate_symm_contact.site_symmetry_1 
_pdbx_validate_symm_contact.auth_atom_id_2 
_pdbx_validate_symm_contact.auth_asym_id_2 
_pdbx_validate_symm_contact.auth_comp_id_2 
_pdbx_validate_symm_contact.auth_seq_id_2 
_pdbx_validate_symm_contact.PDB_ins_code_2 
_pdbx_validate_symm_contact.label_alt_id_2 
_pdbx_validate_symm_contact.site_symmetry_2 
_pdbx_validate_symm_contact.dist 
1 1 O   A HOH 324 ? ? 1_555 O A HOH 325 ? ? 4_645 1.93 
2 1 OE1 A GLU 70  ? ? 1_555 O A HOH 298 ? ? 2_655 2.02 
3 1 O   A HOH 304 ? ? 1_555 O A HOH 312 ? ? 4_655 2.08 
# 
loop_
_pdbx_validate_rmsd_angle.id 
_pdbx_validate_rmsd_angle.PDB_model_num 
_pdbx_validate_rmsd_angle.auth_atom_id_1 
_pdbx_validate_rmsd_angle.auth_asym_id_1 
_pdbx_validate_rmsd_angle.auth_comp_id_1 
_pdbx_validate_rmsd_angle.auth_seq_id_1 
_pdbx_validate_rmsd_angle.PDB_ins_code_1 
_pdbx_validate_rmsd_angle.label_alt_id_1 
_pdbx_validate_rmsd_angle.auth_atom_id_2 
_pdbx_validate_rmsd_angle.auth_asym_id_2 
_pdbx_validate_rmsd_angle.auth_comp_id_2 
_pdbx_validate_rmsd_angle.auth_seq_id_2 
_pdbx_validate_rmsd_angle.PDB_ins_code_2 
_pdbx_validate_rmsd_angle.label_alt_id_2 
_pdbx_validate_rmsd_angle.auth_atom_id_3 
_pdbx_validate_rmsd_angle.auth_asym_id_3 
_pdbx_validate_rmsd_angle.auth_comp_id_3 
_pdbx_validate_rmsd_angle.auth_seq_id_3 
_pdbx_validate_rmsd_angle.PDB_ins_code_3 
_pdbx_validate_rmsd_angle.label_alt_id_3 
_pdbx_validate_rmsd_angle.angle_value 
_pdbx_validate_rmsd_angle.angle_target_value 
_pdbx_validate_rmsd_angle.angle_deviation 
_pdbx_validate_rmsd_angle.angle_standard_deviation 
_pdbx_validate_rmsd_angle.linker_flag 
1 1 NE A ARG 28 ? ? CZ A ARG 28 ? ? NH1 A ARG 28 ? ? 126.01 120.30 5.71  0.50 N 
2 1 NE A ARG 28 ? ? CZ A ARG 28 ? ? NH2 A ARG 28 ? ? 115.93 120.30 -4.37 0.50 N 
# 
_pdbx_validate_torsion.id              1 
_pdbx_validate_torsion.PDB_model_num   1 
_pdbx_validate_torsion.auth_comp_id    ASP 
_pdbx_validate_torsion.auth_asym_id    A 
_pdbx_validate_torsion.auth_seq_id     41 
_pdbx_validate_torsion.PDB_ins_code    ? 
_pdbx_validate_torsion.label_alt_id    ? 
_pdbx_validate_torsion.phi             -104.33 
_pdbx_validate_torsion.psi             78.52 
# 
loop_
_pdbx_struct_special_symmetry.id 
_pdbx_struct_special_symmetry.PDB_model_num 
_pdbx_struct_special_symmetry.auth_asym_id 
_pdbx_struct_special_symmetry.auth_comp_id 
_pdbx_struct_special_symmetry.auth_seq_id 
_pdbx_struct_special_symmetry.PDB_ins_code 
_pdbx_struct_special_symmetry.label_asym_id 
_pdbx_struct_special_symmetry.label_comp_id 
_pdbx_struct_special_symmetry.label_seq_id 
1 1 A HOH 212 ? B HOH . 
2 1 A HOH 216 ? B HOH . 
3 1 A HOH 328 ? B HOH . 
4 1 A HOH 347 ? B HOH . 
# 
loop_
_pdbx_unobs_or_zero_occ_residues.id 
_pdbx_unobs_or_zero_occ_residues.PDB_model_num 
_pdbx_unobs_or_zero_occ_residues.polymer_flag 
_pdbx_unobs_or_zero_occ_residues.occupancy_flag 
_pdbx_unobs_or_zero_occ_residues.auth_asym_id 
_pdbx_unobs_or_zero_occ_residues.auth_comp_id 
_pdbx_unobs_or_zero_occ_residues.auth_seq_id 
_pdbx_unobs_or_zero_occ_residues.PDB_ins_code 
_pdbx_unobs_or_zero_occ_residues.label_asym_id 
_pdbx_unobs_or_zero_occ_residues.label_comp_id 
_pdbx_unobs_or_zero_occ_residues.label_seq_id 
1  1 Y 1 A MET -1 ? A MET 1  
2  1 Y 1 A ARG 0  ? A ARG 2  
3  1 Y 1 A GLY 1  ? A GLY 3  
4  1 Y 1 A SER 2  ? A SER 4  
5  1 Y 1 A HIS 3  ? A HIS 5  
6  1 Y 1 A HIS 4  ? A HIS 6  
7  1 Y 1 A HIS 5  ? A HIS 7  
8  1 Y 1 A HIS 6  ? A HIS 8  
9  1 Y 1 A HIS 7  ? A HIS 9  
10 1 Y 1 A HIS 8  ? A HIS 10 
11 1 Y 1 A GLU 9  ? A GLU 11 
12 1 Y 1 A ASN 10 ? A ASN 12 
13 1 Y 1 A LEU 11 ? A LEU 13 
14 1 Y 1 A TYR 12 ? A TYR 14 
15 1 Y 1 A PHE 13 ? A PHE 15 
16 1 Y 1 A GLN 14 ? A GLN 16 
17 1 Y 1 A GLY 15 ? A GLY 17 
18 1 Y 1 A GLN 16 ? A GLN 18 
19 1 Y 1 A ASN 17 ? A ASN 19 
20 1 Y 1 A SER 18 ? A SER 20 
21 1 Y 1 A ASP 35 ? A ASP 37 
22 1 Y 1 A LEU 36 ? A LEU 38 
23 1 Y 1 A MET 37 ? A MET 39 
# 
loop_
_chem_comp_atom.comp_id 
_chem_comp_atom.atom_id 
_chem_comp_atom.type_symbol 
_chem_comp_atom.pdbx_aromatic_flag 
_chem_comp_atom.pdbx_stereo_config 
_chem_comp_atom.pdbx_ordinal 
ALA N    N N N 1   
ALA CA   C N S 2   
ALA C    C N N 3   
ALA O    O N N 4   
ALA CB   C N N 5   
ALA OXT  O N N 6   
ALA H    H N N 7   
ALA H2   H N N 8   
ALA HA   H N N 9   
ALA HB1  H N N 10  
ALA HB2  H N N 11  
ALA HB3  H N N 12  
ALA HXT  H N N 13  
ARG N    N N N 14  
ARG CA   C N S 15  
ARG C    C N N 16  
ARG O    O N N 17  
ARG CB   C N N 18  
ARG CG   C N N 19  
ARG CD   C N N 20  
ARG NE   N N N 21  
ARG CZ   C N N 22  
ARG NH1  N N N 23  
ARG NH2  N N N 24  
ARG OXT  O N N 25  
ARG H    H N N 26  
ARG H2   H N N 27  
ARG HA   H N N 28  
ARG HB2  H N N 29  
ARG HB3  H N N 30  
ARG HG2  H N N 31  
ARG HG3  H N N 32  
ARG HD2  H N N 33  
ARG HD3  H N N 34  
ARG HE   H N N 35  
ARG HH11 H N N 36  
ARG HH12 H N N 37  
ARG HH21 H N N 38  
ARG HH22 H N N 39  
ARG HXT  H N N 40  
ASN N    N N N 41  
ASN CA   C N S 42  
ASN C    C N N 43  
ASN O    O N N 44  
ASN CB   C N N 45  
ASN CG   C N N 46  
ASN OD1  O N N 47  
ASN ND2  N N N 48  
ASN OXT  O N N 49  
ASN H    H N N 50  
ASN H2   H N N 51  
ASN HA   H N N 52  
ASN HB2  H N N 53  
ASN HB3  H N N 54  
ASN HD21 H N N 55  
ASN HD22 H N N 56  
ASN HXT  H N N 57  
ASP N    N N N 58  
ASP CA   C N S 59  
ASP C    C N N 60  
ASP O    O N N 61  
ASP CB   C N N 62  
ASP CG   C N N 63  
ASP OD1  O N N 64  
ASP OD2  O N N 65  
ASP OXT  O N N 66  
ASP H    H N N 67  
ASP H2   H N N 68  
ASP HA   H N N 69  
ASP HB2  H N N 70  
ASP HB3  H N N 71  
ASP HD2  H N N 72  
ASP HXT  H N N 73  
CYS N    N N N 74  
CYS CA   C N R 75  
CYS C    C N N 76  
CYS O    O N N 77  
CYS CB   C N N 78  
CYS SG   S N N 79  
CYS OXT  O N N 80  
CYS H    H N N 81  
CYS H2   H N N 82  
CYS HA   H N N 83  
CYS HB2  H N N 84  
CYS HB3  H N N 85  
CYS HG   H N N 86  
CYS HXT  H N N 87  
GLN N    N N N 88  
GLN CA   C N S 89  
GLN C    C N N 90  
GLN O    O N N 91  
GLN CB   C N N 92  
GLN CG   C N N 93  
GLN CD   C N N 94  
GLN OE1  O N N 95  
GLN NE2  N N N 96  
GLN OXT  O N N 97  
GLN H    H N N 98  
GLN H2   H N N 99  
GLN HA   H N N 100 
GLN HB2  H N N 101 
GLN HB3  H N N 102 
GLN HG2  H N N 103 
GLN HG3  H N N 104 
GLN HE21 H N N 105 
GLN HE22 H N N 106 
GLN HXT  H N N 107 
GLU N    N N N 108 
GLU CA   C N S 109 
GLU C    C N N 110 
GLU O    O N N 111 
GLU CB   C N N 112 
GLU CG   C N N 113 
GLU CD   C N N 114 
GLU OE1  O N N 115 
GLU OE2  O N N 116 
GLU OXT  O N N 117 
GLU H    H N N 118 
GLU H2   H N N 119 
GLU HA   H N N 120 
GLU HB2  H N N 121 
GLU HB3  H N N 122 
GLU HG2  H N N 123 
GLU HG3  H N N 124 
GLU HE2  H N N 125 
GLU HXT  H N N 126 
GLY N    N N N 127 
GLY CA   C N N 128 
GLY C    C N N 129 
GLY O    O N N 130 
GLY OXT  O N N 131 
GLY H    H N N 132 
GLY H2   H N N 133 
GLY HA2  H N N 134 
GLY HA3  H N N 135 
GLY HXT  H N N 136 
HIS N    N N N 137 
HIS CA   C N S 138 
HIS C    C N N 139 
HIS O    O N N 140 
HIS CB   C N N 141 
HIS CG   C Y N 142 
HIS ND1  N Y N 143 
HIS CD2  C Y N 144 
HIS CE1  C Y N 145 
HIS NE2  N Y N 146 
HIS OXT  O N N 147 
HIS H    H N N 148 
HIS H2   H N N 149 
HIS HA   H N N 150 
HIS HB2  H N N 151 
HIS HB3  H N N 152 
HIS HD1  H N N 153 
HIS HD2  H N N 154 
HIS HE1  H N N 155 
HIS HE2  H N N 156 
HIS HXT  H N N 157 
HOH O    O N N 158 
HOH H1   H N N 159 
HOH H2   H N N 160 
ILE N    N N N 161 
ILE CA   C N S 162 
ILE C    C N N 163 
ILE O    O N N 164 
ILE CB   C N S 165 
ILE CG1  C N N 166 
ILE CG2  C N N 167 
ILE CD1  C N N 168 
ILE OXT  O N N 169 
ILE H    H N N 170 
ILE H2   H N N 171 
ILE HA   H N N 172 
ILE HB   H N N 173 
ILE HG12 H N N 174 
ILE HG13 H N N 175 
ILE HG21 H N N 176 
ILE HG22 H N N 177 
ILE HG23 H N N 178 
ILE HD11 H N N 179 
ILE HD12 H N N 180 
ILE HD13 H N N 181 
ILE HXT  H N N 182 
LEU N    N N N 183 
LEU CA   C N S 184 
LEU C    C N N 185 
LEU O    O N N 186 
LEU CB   C N N 187 
LEU CG   C N N 188 
LEU CD1  C N N 189 
LEU CD2  C N N 190 
LEU OXT  O N N 191 
LEU H    H N N 192 
LEU H2   H N N 193 
LEU HA   H N N 194 
LEU HB2  H N N 195 
LEU HB3  H N N 196 
LEU HG   H N N 197 
LEU HD11 H N N 198 
LEU HD12 H N N 199 
LEU HD13 H N N 200 
LEU HD21 H N N 201 
LEU HD22 H N N 202 
LEU HD23 H N N 203 
LEU HXT  H N N 204 
LYS N    N N N 205 
LYS CA   C N S 206 
LYS C    C N N 207 
LYS O    O N N 208 
LYS CB   C N N 209 
LYS CG   C N N 210 
LYS CD   C N N 211 
LYS CE   C N N 212 
LYS NZ   N N N 213 
LYS OXT  O N N 214 
LYS H    H N N 215 
LYS H2   H N N 216 
LYS HA   H N N 217 
LYS HB2  H N N 218 
LYS HB3  H N N 219 
LYS HG2  H N N 220 
LYS HG3  H N N 221 
LYS HD2  H N N 222 
LYS HD3  H N N 223 
LYS HE2  H N N 224 
LYS HE3  H N N 225 
LYS HZ1  H N N 226 
LYS HZ2  H N N 227 
LYS HZ3  H N N 228 
LYS HXT  H N N 229 
MET N    N N N 230 
MET CA   C N S 231 
MET C    C N N 232 
MET O    O N N 233 
MET CB   C N N 234 
MET CG   C N N 235 
MET SD   S N N 236 
MET CE   C N N 237 
MET OXT  O N N 238 
MET H    H N N 239 
MET H2   H N N 240 
MET HA   H N N 241 
MET HB2  H N N 242 
MET HB3  H N N 243 
MET HG2  H N N 244 
MET HG3  H N N 245 
MET HE1  H N N 246 
MET HE2  H N N 247 
MET HE3  H N N 248 
MET HXT  H N N 249 
PHE N    N N N 250 
PHE CA   C N S 251 
PHE C    C N N 252 
PHE O    O N N 253 
PHE CB   C N N 254 
PHE CG   C Y N 255 
PHE CD1  C Y N 256 
PHE CD2  C Y N 257 
PHE CE1  C Y N 258 
PHE CE2  C Y N 259 
PHE CZ   C Y N 260 
PHE OXT  O N N 261 
PHE H    H N N 262 
PHE H2   H N N 263 
PHE HA   H N N 264 
PHE HB2  H N N 265 
PHE HB3  H N N 266 
PHE HD1  H N N 267 
PHE HD2  H N N 268 
PHE HE1  H N N 269 
PHE HE2  H N N 270 
PHE HZ   H N N 271 
PHE HXT  H N N 272 
PRO N    N N N 273 
PRO CA   C N S 274 
PRO C    C N N 275 
PRO O    O N N 276 
PRO CB   C N N 277 
PRO CG   C N N 278 
PRO CD   C N N 279 
PRO OXT  O N N 280 
PRO H    H N N 281 
PRO HA   H N N 282 
PRO HB2  H N N 283 
PRO HB3  H N N 284 
PRO HG2  H N N 285 
PRO HG3  H N N 286 
PRO HD2  H N N 287 
PRO HD3  H N N 288 
PRO HXT  H N N 289 
SER N    N N N 290 
SER CA   C N S 291 
SER C    C N N 292 
SER O    O N N 293 
SER CB   C N N 294 
SER OG   O N N 295 
SER OXT  O N N 296 
SER H    H N N 297 
SER H2   H N N 298 
SER HA   H N N 299 
SER HB2  H N N 300 
SER HB3  H N N 301 
SER HG   H N N 302 
SER HXT  H N N 303 
THR N    N N N 304 
THR CA   C N S 305 
THR C    C N N 306 
THR O    O N N 307 
THR CB   C N R 308 
THR OG1  O N N 309 
THR CG2  C N N 310 
THR OXT  O N N 311 
THR H    H N N 312 
THR H2   H N N 313 
THR HA   H N N 314 
THR HB   H N N 315 
THR HG1  H N N 316 
THR HG21 H N N 317 
THR HG22 H N N 318 
THR HG23 H N N 319 
THR HXT  H N N 320 
TRP N    N N N 321 
TRP CA   C N S 322 
TRP C    C N N 323 
TRP O    O N N 324 
TRP CB   C N N 325 
TRP CG   C Y N 326 
TRP CD1  C Y N 327 
TRP CD2  C Y N 328 
TRP NE1  N Y N 329 
TRP CE2  C Y N 330 
TRP CE3  C Y N 331 
TRP CZ2  C Y N 332 
TRP CZ3  C Y N 333 
TRP CH2  C Y N 334 
TRP OXT  O N N 335 
TRP H    H N N 336 
TRP H2   H N N 337 
TRP HA   H N N 338 
TRP HB2  H N N 339 
TRP HB3  H N N 340 
TRP HD1  H N N 341 
TRP HE1  H N N 342 
TRP HE3  H N N 343 
TRP HZ2  H N N 344 
TRP HZ3  H N N 345 
TRP HH2  H N N 346 
TRP HXT  H N N 347 
TYR N    N N N 348 
TYR CA   C N S 349 
TYR C    C N N 350 
TYR O    O N N 351 
TYR CB   C N N 352 
TYR CG   C Y N 353 
TYR CD1  C Y N 354 
TYR CD2  C Y N 355 
TYR CE1  C Y N 356 
TYR CE2  C Y N 357 
TYR CZ   C Y N 358 
TYR OH   O N N 359 
TYR OXT  O N N 360 
TYR H    H N N 361 
TYR H2   H N N 362 
TYR HA   H N N 363 
TYR HB2  H N N 364 
TYR HB3  H N N 365 
TYR HD1  H N N 366 
TYR HD2  H N N 367 
TYR HE1  H N N 368 
TYR HE2  H N N 369 
TYR HH   H N N 370 
TYR HXT  H N N 371 
VAL N    N N N 372 
VAL CA   C N S 373 
VAL C    C N N 374 
VAL O    O N N 375 
VAL CB   C N N 376 
VAL CG1  C N N 377 
VAL CG2  C N N 378 
VAL OXT  O N N 379 
VAL H    H N N 380 
VAL H2   H N N 381 
VAL HA   H N N 382 
VAL HB   H N N 383 
VAL HG11 H N N 384 
VAL HG12 H N N 385 
VAL HG13 H N N 386 
VAL HG21 H N N 387 
VAL HG22 H N N 388 
VAL HG23 H N N 389 
VAL HXT  H N N 390 
# 
loop_
_chem_comp_bond.comp_id 
_chem_comp_bond.atom_id_1 
_chem_comp_bond.atom_id_2 
_chem_comp_bond.value_order 
_chem_comp_bond.pdbx_aromatic_flag 
_chem_comp_bond.pdbx_stereo_config 
_chem_comp_bond.pdbx_ordinal 
ALA N   CA   sing N N 1   
ALA N   H    sing N N 2   
ALA N   H2   sing N N 3   
ALA CA  C    sing N N 4   
ALA CA  CB   sing N N 5   
ALA CA  HA   sing N N 6   
ALA C   O    doub N N 7   
ALA C   OXT  sing N N 8   
ALA CB  HB1  sing N N 9   
ALA CB  HB2  sing N N 10  
ALA CB  HB3  sing N N 11  
ALA OXT HXT  sing N N 12  
ARG N   CA   sing N N 13  
ARG N   H    sing N N 14  
ARG N   H2   sing N N 15  
ARG CA  C    sing N N 16  
ARG CA  CB   sing N N 17  
ARG CA  HA   sing N N 18  
ARG C   O    doub N N 19  
ARG C   OXT  sing N N 20  
ARG CB  CG   sing N N 21  
ARG CB  HB2  sing N N 22  
ARG CB  HB3  sing N N 23  
ARG CG  CD   sing N N 24  
ARG CG  HG2  sing N N 25  
ARG CG  HG3  sing N N 26  
ARG CD  NE   sing N N 27  
ARG CD  HD2  sing N N 28  
ARG CD  HD3  sing N N 29  
ARG NE  CZ   sing N N 30  
ARG NE  HE   sing N N 31  
ARG CZ  NH1  sing N N 32  
ARG CZ  NH2  doub N N 33  
ARG NH1 HH11 sing N N 34  
ARG NH1 HH12 sing N N 35  
ARG NH2 HH21 sing N N 36  
ARG NH2 HH22 sing N N 37  
ARG OXT HXT  sing N N 38  
ASN N   CA   sing N N 39  
ASN N   H    sing N N 40  
ASN N   H2   sing N N 41  
ASN CA  C    sing N N 42  
ASN CA  CB   sing N N 43  
ASN CA  HA   sing N N 44  
ASN C   O    doub N N 45  
ASN C   OXT  sing N N 46  
ASN CB  CG   sing N N 47  
ASN CB  HB2  sing N N 48  
ASN CB  HB3  sing N N 49  
ASN CG  OD1  doub N N 50  
ASN CG  ND2  sing N N 51  
ASN ND2 HD21 sing N N 52  
ASN ND2 HD22 sing N N 53  
ASN OXT HXT  sing N N 54  
ASP N   CA   sing N N 55  
ASP N   H    sing N N 56  
ASP N   H2   sing N N 57  
ASP CA  C    sing N N 58  
ASP CA  CB   sing N N 59  
ASP CA  HA   sing N N 60  
ASP C   O    doub N N 61  
ASP C   OXT  sing N N 62  
ASP CB  CG   sing N N 63  
ASP CB  HB2  sing N N 64  
ASP CB  HB3  sing N N 65  
ASP CG  OD1  doub N N 66  
ASP CG  OD2  sing N N 67  
ASP OD2 HD2  sing N N 68  
ASP OXT HXT  sing N N 69  
CYS N   CA   sing N N 70  
CYS N   H    sing N N 71  
CYS N   H2   sing N N 72  
CYS CA  C    sing N N 73  
CYS CA  CB   sing N N 74  
CYS CA  HA   sing N N 75  
CYS C   O    doub N N 76  
CYS C   OXT  sing N N 77  
CYS CB  SG   sing N N 78  
CYS CB  HB2  sing N N 79  
CYS CB  HB3  sing N N 80  
CYS SG  HG   sing N N 81  
CYS OXT HXT  sing N N 82  
GLN N   CA   sing N N 83  
GLN N   H    sing N N 84  
GLN N   H2   sing N N 85  
GLN CA  C    sing N N 86  
GLN CA  CB   sing N N 87  
GLN CA  HA   sing N N 88  
GLN C   O    doub N N 89  
GLN C   OXT  sing N N 90  
GLN CB  CG   sing N N 91  
GLN CB  HB2  sing N N 92  
GLN CB  HB3  sing N N 93  
GLN CG  CD   sing N N 94  
GLN CG  HG2  sing N N 95  
GLN CG  HG3  sing N N 96  
GLN CD  OE1  doub N N 97  
GLN CD  NE2  sing N N 98  
GLN NE2 HE21 sing N N 99  
GLN NE2 HE22 sing N N 100 
GLN OXT HXT  sing N N 101 
GLU N   CA   sing N N 102 
GLU N   H    sing N N 103 
GLU N   H2   sing N N 104 
GLU CA  C    sing N N 105 
GLU CA  CB   sing N N 106 
GLU CA  HA   sing N N 107 
GLU C   O    doub N N 108 
GLU C   OXT  sing N N 109 
GLU CB  CG   sing N N 110 
GLU CB  HB2  sing N N 111 
GLU CB  HB3  sing N N 112 
GLU CG  CD   sing N N 113 
GLU CG  HG2  sing N N 114 
GLU CG  HG3  sing N N 115 
GLU CD  OE1  doub N N 116 
GLU CD  OE2  sing N N 117 
GLU OE2 HE2  sing N N 118 
GLU OXT HXT  sing N N 119 
GLY N   CA   sing N N 120 
GLY N   H    sing N N 121 
GLY N   H2   sing N N 122 
GLY CA  C    sing N N 123 
GLY CA  HA2  sing N N 124 
GLY CA  HA3  sing N N 125 
GLY C   O    doub N N 126 
GLY C   OXT  sing N N 127 
GLY OXT HXT  sing N N 128 
HIS N   CA   sing N N 129 
HIS N   H    sing N N 130 
HIS N   H2   sing N N 131 
HIS CA  C    sing N N 132 
HIS CA  CB   sing N N 133 
HIS CA  HA   sing N N 134 
HIS C   O    doub N N 135 
HIS C   OXT  sing N N 136 
HIS CB  CG   sing N N 137 
HIS CB  HB2  sing N N 138 
HIS CB  HB3  sing N N 139 
HIS CG  ND1  sing Y N 140 
HIS CG  CD2  doub Y N 141 
HIS ND1 CE1  doub Y N 142 
HIS ND1 HD1  sing N N 143 
HIS CD2 NE2  sing Y N 144 
HIS CD2 HD2  sing N N 145 
HIS CE1 NE2  sing Y N 146 
HIS CE1 HE1  sing N N 147 
HIS NE2 HE2  sing N N 148 
HIS OXT HXT  sing N N 149 
HOH O   H1   sing N N 150 
HOH O   H2   sing N N 151 
ILE N   CA   sing N N 152 
ILE N   H    sing N N 153 
ILE N   H2   sing N N 154 
ILE CA  C    sing N N 155 
ILE CA  CB   sing N N 156 
ILE CA  HA   sing N N 157 
ILE C   O    doub N N 158 
ILE C   OXT  sing N N 159 
ILE CB  CG1  sing N N 160 
ILE CB  CG2  sing N N 161 
ILE CB  HB   sing N N 162 
ILE CG1 CD1  sing N N 163 
ILE CG1 HG12 sing N N 164 
ILE CG1 HG13 sing N N 165 
ILE CG2 HG21 sing N N 166 
ILE CG2 HG22 sing N N 167 
ILE CG2 HG23 sing N N 168 
ILE CD1 HD11 sing N N 169 
ILE CD1 HD12 sing N N 170 
ILE CD1 HD13 sing N N 171 
ILE OXT HXT  sing N N 172 
LEU N   CA   sing N N 173 
LEU N   H    sing N N 174 
LEU N   H2   sing N N 175 
LEU CA  C    sing N N 176 
LEU CA  CB   sing N N 177 
LEU CA  HA   sing N N 178 
LEU C   O    doub N N 179 
LEU C   OXT  sing N N 180 
LEU CB  CG   sing N N 181 
LEU CB  HB2  sing N N 182 
LEU CB  HB3  sing N N 183 
LEU CG  CD1  sing N N 184 
LEU CG  CD2  sing N N 185 
LEU CG  HG   sing N N 186 
LEU CD1 HD11 sing N N 187 
LEU CD1 HD12 sing N N 188 
LEU CD1 HD13 sing N N 189 
LEU CD2 HD21 sing N N 190 
LEU CD2 HD22 sing N N 191 
LEU CD2 HD23 sing N N 192 
LEU OXT HXT  sing N N 193 
LYS N   CA   sing N N 194 
LYS N   H    sing N N 195 
LYS N   H2   sing N N 196 
LYS CA  C    sing N N 197 
LYS CA  CB   sing N N 198 
LYS CA  HA   sing N N 199 
LYS C   O    doub N N 200 
LYS C   OXT  sing N N 201 
LYS CB  CG   sing N N 202 
LYS CB  HB2  sing N N 203 
LYS CB  HB3  sing N N 204 
LYS CG  CD   sing N N 205 
LYS CG  HG2  sing N N 206 
LYS CG  HG3  sing N N 207 
LYS CD  CE   sing N N 208 
LYS CD  HD2  sing N N 209 
LYS CD  HD3  sing N N 210 
LYS CE  NZ   sing N N 211 
LYS CE  HE2  sing N N 212 
LYS CE  HE3  sing N N 213 
LYS NZ  HZ1  sing N N 214 
LYS NZ  HZ2  sing N N 215 
LYS NZ  HZ3  sing N N 216 
LYS OXT HXT  sing N N 217 
MET N   CA   sing N N 218 
MET N   H    sing N N 219 
MET N   H2   sing N N 220 
MET CA  C    sing N N 221 
MET CA  CB   sing N N 222 
MET CA  HA   sing N N 223 
MET C   O    doub N N 224 
MET C   OXT  sing N N 225 
MET CB  CG   sing N N 226 
MET CB  HB2  sing N N 227 
MET CB  HB3  sing N N 228 
MET CG  SD   sing N N 229 
MET CG  HG2  sing N N 230 
MET CG  HG3  sing N N 231 
MET SD  CE   sing N N 232 
MET CE  HE1  sing N N 233 
MET CE  HE2  sing N N 234 
MET CE  HE3  sing N N 235 
MET OXT HXT  sing N N 236 
PHE N   CA   sing N N 237 
PHE N   H    sing N N 238 
PHE N   H2   sing N N 239 
PHE CA  C    sing N N 240 
PHE CA  CB   sing N N 241 
PHE CA  HA   sing N N 242 
PHE C   O    doub N N 243 
PHE C   OXT  sing N N 244 
PHE CB  CG   sing N N 245 
PHE CB  HB2  sing N N 246 
PHE CB  HB3  sing N N 247 
PHE CG  CD1  doub Y N 248 
PHE CG  CD2  sing Y N 249 
PHE CD1 CE1  sing Y N 250 
PHE CD1 HD1  sing N N 251 
PHE CD2 CE2  doub Y N 252 
PHE CD2 HD2  sing N N 253 
PHE CE1 CZ   doub Y N 254 
PHE CE1 HE1  sing N N 255 
PHE CE2 CZ   sing Y N 256 
PHE CE2 HE2  sing N N 257 
PHE CZ  HZ   sing N N 258 
PHE OXT HXT  sing N N 259 
PRO N   CA   sing N N 260 
PRO N   CD   sing N N 261 
PRO N   H    sing N N 262 
PRO CA  C    sing N N 263 
PRO CA  CB   sing N N 264 
PRO CA  HA   sing N N 265 
PRO C   O    doub N N 266 
PRO C   OXT  sing N N 267 
PRO CB  CG   sing N N 268 
PRO CB  HB2  sing N N 269 
PRO CB  HB3  sing N N 270 
PRO CG  CD   sing N N 271 
PRO CG  HG2  sing N N 272 
PRO CG  HG3  sing N N 273 
PRO CD  HD2  sing N N 274 
PRO CD  HD3  sing N N 275 
PRO OXT HXT  sing N N 276 
SER N   CA   sing N N 277 
SER N   H    sing N N 278 
SER N   H2   sing N N 279 
SER CA  C    sing N N 280 
SER CA  CB   sing N N 281 
SER CA  HA   sing N N 282 
SER C   O    doub N N 283 
SER C   OXT  sing N N 284 
SER CB  OG   sing N N 285 
SER CB  HB2  sing N N 286 
SER CB  HB3  sing N N 287 
SER OG  HG   sing N N 288 
SER OXT HXT  sing N N 289 
THR N   CA   sing N N 290 
THR N   H    sing N N 291 
THR N   H2   sing N N 292 
THR CA  C    sing N N 293 
THR CA  CB   sing N N 294 
THR CA  HA   sing N N 295 
THR C   O    doub N N 296 
THR C   OXT  sing N N 297 
THR CB  OG1  sing N N 298 
THR CB  CG2  sing N N 299 
THR CB  HB   sing N N 300 
THR OG1 HG1  sing N N 301 
THR CG2 HG21 sing N N 302 
THR CG2 HG22 sing N N 303 
THR CG2 HG23 sing N N 304 
THR OXT HXT  sing N N 305 
TRP N   CA   sing N N 306 
TRP N   H    sing N N 307 
TRP N   H2   sing N N 308 
TRP CA  C    sing N N 309 
TRP CA  CB   sing N N 310 
TRP CA  HA   sing N N 311 
TRP C   O    doub N N 312 
TRP C   OXT  sing N N 313 
TRP CB  CG   sing N N 314 
TRP CB  HB2  sing N N 315 
TRP CB  HB3  sing N N 316 
TRP CG  CD1  doub Y N 317 
TRP CG  CD2  sing Y N 318 
TRP CD1 NE1  sing Y N 319 
TRP CD1 HD1  sing N N 320 
TRP CD2 CE2  doub Y N 321 
TRP CD2 CE3  sing Y N 322 
TRP NE1 CE2  sing Y N 323 
TRP NE1 HE1  sing N N 324 
TRP CE2 CZ2  sing Y N 325 
TRP CE3 CZ3  doub Y N 326 
TRP CE3 HE3  sing N N 327 
TRP CZ2 CH2  doub Y N 328 
TRP CZ2 HZ2  sing N N 329 
TRP CZ3 CH2  sing Y N 330 
TRP CZ3 HZ3  sing N N 331 
TRP CH2 HH2  sing N N 332 
TRP OXT HXT  sing N N 333 
TYR N   CA   sing N N 334 
TYR N   H    sing N N 335 
TYR N   H2   sing N N 336 
TYR CA  C    sing N N 337 
TYR CA  CB   sing N N 338 
TYR CA  HA   sing N N 339 
TYR C   O    doub N N 340 
TYR C   OXT  sing N N 341 
TYR CB  CG   sing N N 342 
TYR CB  HB2  sing N N 343 
TYR CB  HB3  sing N N 344 
TYR CG  CD1  doub Y N 345 
TYR CG  CD2  sing Y N 346 
TYR CD1 CE1  sing Y N 347 
TYR CD1 HD1  sing N N 348 
TYR CD2 CE2  doub Y N 349 
TYR CD2 HD2  sing N N 350 
TYR CE1 CZ   doub Y N 351 
TYR CE1 HE1  sing N N 352 
TYR CE2 CZ   sing Y N 353 
TYR CE2 HE2  sing N N 354 
TYR CZ  OH   sing N N 355 
TYR OH  HH   sing N N 356 
TYR OXT HXT  sing N N 357 
VAL N   CA   sing N N 358 
VAL N   H    sing N N 359 
VAL N   H2   sing N N 360 
VAL CA  C    sing N N 361 
VAL CA  CB   sing N N 362 
VAL CA  HA   sing N N 363 
VAL C   O    doub N N 364 
VAL C   OXT  sing N N 365 
VAL CB  CG1  sing N N 366 
VAL CB  CG2  sing N N 367 
VAL CB  HB   sing N N 368 
VAL CG1 HG11 sing N N 369 
VAL CG1 HG12 sing N N 370 
VAL CG1 HG13 sing N N 371 
VAL CG2 HG21 sing N N 372 
VAL CG2 HG22 sing N N 373 
VAL CG2 HG23 sing N N 374 
VAL OXT HXT  sing N N 375 
# 
_pdbx_initial_refinement_model.id               1 
_pdbx_initial_refinement_model.entity_id_list   ? 
_pdbx_initial_refinement_model.type             'experimental model' 
_pdbx_initial_refinement_model.source_name      PDB 
_pdbx_initial_refinement_model.accession_code   3NSJ 
_pdbx_initial_refinement_model.details          ? 
# 
_atom_sites.entry_id                    3W56 
_atom_sites.fract_transf_matrix[1][1]   -0.01046527 
_atom_sites.fract_transf_matrix[1][2]   -0.00512006 
_atom_sites.fract_transf_matrix[1][3]   -0.03770003 
_atom_sites.fract_transf_matrix[2][1]   0.00659969 
_atom_sites.fract_transf_matrix[2][2]   0.01636983 
_atom_sites.fract_transf_matrix[2][3]   -0.00405522 
_atom_sites.fract_transf_matrix[3][1]   0.00988641 
_atom_sites.fract_transf_matrix[3][2]   -0.00457085 
_atom_sites.fract_transf_matrix[3][3]   -0.00236161 
_atom_sites.fract_transf_vector[1]      0.441242 
_atom_sites.fract_transf_vector[2]      0.019166 
_atom_sites.fract_transf_vector[3]      0.135271 
# 
loop_
_atom_type.symbol 
C 
N 
O 
S 
# 
loop_
_atom_site.group_PDB 
_atom_site.id 
_atom_site.type_symbol 
_atom_site.label_atom_id 
_atom_site.label_alt_id 
_atom_site.label_comp_id 
_atom_site.label_asym_id 
_atom_site.label_entity_id 
_atom_site.label_seq_id 
_atom_site.pdbx_PDB_ins_code 
_atom_site.Cartn_x 
_atom_site.Cartn_y 
_atom_site.Cartn_z 
_atom_site.occupancy 
_atom_site.B_iso_or_equiv 
_atom_site.pdbx_formal_charge 
_atom_site.auth_seq_id 
_atom_site.auth_comp_id 
_atom_site.auth_asym_id 
_atom_site.auth_atom_id 
_atom_site.pdbx_PDB_model_num 
ATOM   1    N N   . HIS A 1 21  ? -3.915  -22.078 -4.471  1.00 30.12 ? 19  HIS A N   1 
ATOM   2    C CA  . HIS A 1 21  ? -3.777  -20.669 -4.859  1.00 28.99 ? 19  HIS A CA  1 
ATOM   3    C C   . HIS A 1 21  ? -5.062  -19.918 -4.461  1.00 33.88 ? 19  HIS A C   1 
ATOM   4    O O   . HIS A 1 21  ? -6.187  -20.411 -4.634  1.00 35.58 ? 19  HIS A O   1 
ATOM   5    C CB  . HIS A 1 21  ? -3.579  -20.517 -6.375  1.00 25.70 ? 19  HIS A CB  1 
ATOM   6    C CG  . HIS A 1 21  ? -2.204  -20.836 -6.885  1.00 28.16 ? 19  HIS A CG  1 
ATOM   7    N ND1 . HIS A 1 21  ? -1.890  -20.759 -8.227  1.00 35.23 ? 19  HIS A ND1 1 
ATOM   8    C CD2 . HIS A 1 21  ? -1.066  -21.218 -6.253  1.00 38.29 ? 19  HIS A CD2 1 
ATOM   9    C CE1 . HIS A 1 21  ? -0.622  -21.095 -8.402  1.00 40.07 ? 19  HIS A CE1 1 
ATOM   10   N NE2 . HIS A 1 21  ? -0.098  -21.375 -7.220  1.00 39.73 ? 19  HIS A NE2 1 
ATOM   11   N N   . MET A 1 22  ? -4.893  -18.715 -3.936  1.00 21.85 ? 20  MET A N   1 
ATOM   12   C CA  . MET A 1 22  ? -6.036  -17.896 -3.537  1.00 26.65 ? 20  MET A CA  1 
ATOM   13   C C   . MET A 1 22  ? -5.937  -16.567 -4.274  1.00 22.82 ? 20  MET A C   1 
ATOM   14   O O   . MET A 1 22  ? -4.921  -16.286 -4.958  1.00 21.82 ? 20  MET A O   1 
ATOM   15   C CB  . MET A 1 22  ? -6.039  -17.692 -2.016  1.00 31.36 ? 20  MET A CB  1 
ATOM   16   C CG  . MET A 1 22  ? -6.246  -18.963 -1.262  1.00 24.39 ? 20  MET A CG  1 
ATOM   17   S SD  . MET A 1 22  ? -6.195  -18.846 0.520   1.00 32.98 ? 20  MET A SD  1 
ATOM   18   C CE  . MET A 1 22  ? -7.935  -18.409 0.782   1.00 29.11 ? 20  MET A CE  1 
ATOM   19   N N   . GLN A 1 23  ? -6.992  -15.746 -4.149  1.00 24.89 ? 21  GLN A N   1 
ATOM   20   C CA  . GLN A 1 23  ? -6.966  -14.414 -4.727  1.00 18.31 ? 21  GLN A CA  1 
ATOM   21   C C   . GLN A 1 23  ? -6.789  -13.412 -3.591  1.00 16.03 ? 21  GLN A C   1 
ATOM   22   O O   . GLN A 1 23  ? -7.539  -13.463 -2.614  1.00 22.80 ? 21  GLN A O   1 
ATOM   23   C CB  . GLN A 1 23  ? -8.248  -14.094 -5.510  1.00 21.63 ? 21  GLN A CB  1 
ATOM   24   C CG  . GLN A 1 23  ? -8.330  -12.594 -5.817  1.00 26.08 ? 21  GLN A CG  1 
ATOM   25   C CD  . GLN A 1 23  ? -9.632  -12.160 -6.484  1.00 35.76 ? 21  GLN A CD  1 
ATOM   26   O OE1 . GLN A 1 23  ? -10.700 -12.768 -6.287  1.00 36.31 ? 21  GLN A OE1 1 
ATOM   27   N NE2 . GLN A 1 23  ? -9.551  -11.092 -7.258  1.00 29.54 ? 21  GLN A NE2 1 
ATOM   28   N N   . LEU A 1 24  ? -5.748  -12.604 -3.707  1.00 16.09 ? 22  LEU A N   1 
ATOM   29   C CA  . LEU A 1 24  ? -5.625  -11.429 -2.852  1.00 16.82 ? 22  LEU A CA  1 
ATOM   30   C C   . LEU A 1 24  ? -6.137  -10.217 -3.632  1.00 18.53 ? 22  LEU A C   1 
ATOM   31   O O   . LEU A 1 24  ? -5.712  -9.970  -4.764  1.00 19.57 ? 22  LEU A O   1 
ATOM   32   C CB  . LEU A 1 24  ? -4.161  -11.215 -2.437  1.00 20.40 ? 22  LEU A CB  1 
ATOM   33   C CG  . LEU A 1 24  ? -3.970  -9.937  -1.624  1.00 15.78 ? 22  LEU A CG  1 
ATOM   34   C CD1 . LEU A 1 24  ? -4.610  -10.109 -0.232  1.00 18.53 ? 22  LEU A CD1 1 
ATOM   35   C CD2 . LEU A 1 24  ? -2.434  -9.635  -1.536  1.00 25.19 ? 22  LEU A CD2 1 
ATOM   36   N N   . ARG A 1 25  ? -7.042  -9.446  -3.000  1.00 11.92 ? 23  ARG A N   1 
ATOM   37   C CA  . ARG A 1 25  ? -7.443  -8.130  -3.495  1.00 15.93 ? 23  ARG A CA  1 
ATOM   38   C C   . ARG A 1 25  ? -7.079  -7.049  -2.455  1.00 7.22  ? 23  ARG A C   1 
ATOM   39   O O   . ARG A 1 25  ? -7.441  -7.154  -1.275  1.00 12.20 ? 23  ARG A O   1 
ATOM   40   C CB  . ARG A 1 25  ? -8.923  -8.108  -3.849  1.00 13.94 ? 23  ARG A CB  1 
ATOM   41   C CG  . ARG A 1 25  ? -9.356  -6.746  -4.344  1.00 10.38 ? 23  ARG A CG  1 
ATOM   42   C CD  . ARG A 1 25  ? -10.855 -6.722  -4.277  1.00 12.76 ? 23  ARG A CD  1 
ATOM   43   N NE  . ARG A 1 25  ? -11.336 -5.405  -4.624  1.00 18.26 ? 23  ARG A NE  1 
ATOM   44   C CZ  . ARG A 1 25  ? -12.448 -4.924  -4.134  1.00 9.29  ? 23  ARG A CZ  1 
ATOM   45   N NH1 . ARG A 1 25  ? -12.848 -3.715  -4.516  1.00 17.03 ? 23  ARG A NH1 1 
ATOM   46   N NH2 . ARG A 1 25  ? -13.151 -5.676  -3.273  1.00 12.52 ? 23  ARG A NH2 1 
ATOM   47   N N   . LEU A 1 26  ? -6.234  -6.123  -2.894  1.00 10.24 ? 24  LEU A N   1 
ATOM   48   C CA  . LEU A 1 26  ? -5.806  -5.016  -2.022  1.00 9.80  ? 24  LEU A CA  1 
ATOM   49   C C   . LEU A 1 26  ? -6.532  -3.797  -2.560  1.00 10.11 ? 24  LEU A C   1 
ATOM   50   O O   . LEU A 1 26  ? -6.562  -3.568  -3.797  1.00 13.36 ? 24  LEU A O   1 
ATOM   51   C CB  . LEU A 1 26  ? -4.336  -4.836  -2.108  1.00 10.70 ? 24  LEU A CB  1 
ATOM   52   C CG  . LEU A 1 26  ? -3.796  -3.568  -1.402  1.00 9.51  ? 24  LEU A CG  1 
ATOM   53   C CD1 . LEU A 1 26  ? -3.925  -3.727  0.126   1.00 10.91 ? 24  LEU A CD1 1 
ATOM   54   C CD2 . LEU A 1 26  ? -2.406  -3.403  -1.802  1.00 13.47 ? 24  LEU A CD2 1 
ATOM   55   N N   . TYR A 1 27  ? -7.155  -3.003  -1.698  1.00 10.27 ? 25  TYR A N   1 
ATOM   56   C CA  . TYR A 1 27  ? -8.024  -1.924  -2.178  1.00 8.85  ? 25  TYR A CA  1 
ATOM   57   C C   . TYR A 1 27  ? -8.265  -0.923  -1.108  1.00 10.45 ? 25  TYR A C   1 
ATOM   58   O O   . TYR A 1 27  ? -7.795  -1.125  0.049   1.00 8.76  ? 25  TYR A O   1 
ATOM   59   C CB  . TYR A 1 27  ? -9.328  -2.479  -2.750  1.00 9.19  ? 25  TYR A CB  1 
ATOM   60   C CG  . TYR A 1 27  ? -10.169 -3.337  -1.792  1.00 9.71  ? 25  TYR A CG  1 
ATOM   61   C CD1 . TYR A 1 27  ? -11.411 -2.883  -1.287  1.00 8.92  ? 25  TYR A CD1 1 
ATOM   62   C CD2 . TYR A 1 27  ? -9.766  -4.592  -1.458  1.00 6.55  ? 25  TYR A CD2 1 
ATOM   63   C CE1 . TYR A 1 27  ? -12.218 -3.698  -0.403  1.00 11.79 ? 25  TYR A CE1 1 
ATOM   64   C CE2 . TYR A 1 27  ? -10.518 -5.442  -0.604  1.00 8.13  ? 25  TYR A CE2 1 
ATOM   65   C CZ  . TYR A 1 27  ? -11.748 -4.987  -0.065  1.00 11.97 ? 25  TYR A CZ  1 
ATOM   66   O OH  . TYR A 1 27  ? -12.490 -5.810  0.715   1.00 16.22 ? 25  TYR A OH  1 
ATOM   67   N N   . ASN A 1 28  ? -8.928  0.164   -1.481  1.00 7.90  ? 26  ASN A N   1 
ATOM   68   C CA  . ASN A 1 28  ? -9.251  1.264   -0.533  1.00 8.49  ? 26  ASN A CA  1 
ATOM   69   C C   . ASN A 1 28  ? -8.024  1.849   0.136   1.00 8.34  ? 26  ASN A C   1 
ATOM   70   O O   . ASN A 1 28  ? -8.072  2.224   1.324   1.00 9.42  ? 26  ASN A O   1 
ATOM   71   C CB  . ASN A 1 28  ? -10.371 0.885   0.493   1.00 8.61  ? 26  ASN A CB  1 
ATOM   72   C CG  . ASN A 1 28  ? -11.706 0.577   -0.214  1.00 13.33 ? 26  ASN A CG  1 
ATOM   73   O OD1 . ASN A 1 28  ? -11.826 0.789   -1.470  1.00 17.79 ? 26  ASN A OD1 1 
ATOM   74   N ND2 . ASN A 1 28  ? -12.636 -0.024  0.501   1.00 21.05 ? 26  ASN A ND2 1 
ATOM   75   N N   . LEU A 1 29  ? -6.927  2.001   -0.612  1.00 9.63  ? 27  LEU A N   1 
ATOM   76   C CA  . LEU A 1 29  ? -5.758  2.707   -0.160  1.00 8.33  ? 27  LEU A CA  1 
ATOM   77   C C   . LEU A 1 29  ? -5.987  4.205   0.023   1.00 9.76  ? 27  LEU A C   1 
ATOM   78   O O   . LEU A 1 29  ? -6.478  4.924   -0.847  1.00 7.61  ? 27  LEU A O   1 
ATOM   79   C CB  . LEU A 1 29  ? -4.596  2.462   -1.126  1.00 5.32  ? 27  LEU A CB  1 
ATOM   80   C CG  . LEU A 1 29  ? -4.230  1.030   -1.341  1.00 8.03  ? 27  LEU A CG  1 
ATOM   81   C CD1 . LEU A 1 29  ? -3.365  1.070   -2.678  1.00 9.67  ? 27  LEU A CD1 1 
ATOM   82   C CD2 . LEU A 1 29  ? -3.389  0.663   -0.217  1.00 12.29 ? 27  LEU A CD2 1 
ATOM   83   N N   . ARG A 1 30  ? -5.661  4.701   1.211   1.00 8.68  ? 28  ARG A N   1 
ATOM   84   C CA  . ARG A 1 30  ? -5.707  6.154   1.363   1.00 10.69 ? 28  ARG A CA  1 
ATOM   85   C C   . ARG A 1 30  ? -4.752  6.495   2.494   1.00 10.79 ? 28  ARG A C   1 
ATOM   86   O O   . ARG A 1 30  ? -4.503  5.663   3.387   1.00 13.82 ? 28  ARG A O   1 
ATOM   87   C CB  . ARG A 1 30  ? -7.123  6.601   1.710   1.00 11.54 ? 28  ARG A CB  1 
ATOM   88   C CG  . ARG A 1 30  ? -7.597  5.943   2.981   1.00 10.64 ? 28  ARG A CG  1 
ATOM   89   C CD  . ARG A 1 30  ? -8.978  5.547   2.817   1.00 16.19 ? 28  ARG A CD  1 
ATOM   90   N NE  . ARG A 1 30  ? -9.519  5.116   4.097   1.00 14.95 ? 28  ARG A NE  1 
ATOM   91   C CZ  . ARG A 1 30  ? -9.695  3.864   4.485   1.00 11.23 ? 28  ARG A CZ  1 
ATOM   92   N NH1 . ARG A 1 30  ? -9.296  2.750   3.807   1.00 10.06 ? 28  ARG A NH1 1 
ATOM   93   N NH2 . ARG A 1 30  ? -10.244 3.700   5.687   1.00 16.66 ? 28  ARG A NH2 1 
ATOM   94   N N   . VAL A 1 31  ? -4.223  7.706   2.448   1.00 8.64  ? 29  VAL A N   1 
ATOM   95   C CA  . VAL A 1 31  ? -3.338  8.113   3.542   1.00 7.38  ? 29  VAL A CA  1 
ATOM   96   C C   . VAL A 1 31  ? -3.847  9.385   4.102   1.00 11.06 ? 29  VAL A C   1 
ATOM   97   O O   . VAL A 1 31  ? -4.314  10.259  3.410   1.00 11.39 ? 29  VAL A O   1 
ATOM   98   C CB  . VAL A 1 31  ? -1.941  8.426   3.038   1.00 11.12 ? 29  VAL A CB  1 
ATOM   99   C CG1 . VAL A 1 31  ? -1.072  8.992   4.156   1.00 15.06 ? 29  VAL A CG1 1 
ATOM   100  C CG2 . VAL A 1 31  ? -1.258  7.147   2.492   1.00 13.89 ? 29  VAL A CG2 1 
ATOM   101  N N   . ARG A 1 32  ? -3.656  9.511   5.413   1.00 10.50 ? 30  ARG A N   1 
ATOM   102  C CA  . ARG A 1 32  ? -3.940  10.791  5.949   1.00 16.03 ? 30  ARG A CA  1 
ATOM   103  C C   . ARG A 1 32  ? -2.646  11.238  6.587   1.00 19.60 ? 30  ARG A C   1 
ATOM   104  O O   . ARG A 1 32  ? -1.971  10.437  7.256   1.00 21.21 ? 30  ARG A O   1 
ATOM   105  C CB  . ARG A 1 32  ? -5.020  10.663  6.975   1.00 19.98 ? 30  ARG A CB  1 
ATOM   106  C CG  . ARG A 1 32  ? -4.585  9.931   8.166   1.00 23.08 ? 30  ARG A CG  1 
ATOM   107  C CD  . ARG A 1 32  ? -4.916  10.861  9.350   1.00 29.50 ? 30  ARG A CD  1 
ATOM   108  N NE  . ARG A 1 32  ? -6.295  10.707  9.788   1.00 40.27 ? 30  ARG A NE  1 
ATOM   109  C CZ  . ARG A 1 32  ? -6.803  9.554   10.229  1.00 45.73 ? 30  ARG A CZ  1 
ATOM   110  N NH1 . ARG A 1 32  ? -8.064  9.499   10.645  1.00 38.61 ? 30  ARG A NH1 1 
ATOM   111  N NH2 . ARG A 1 32  ? -6.034  8.457   10.267  1.00 27.79 ? 30  ARG A NH2 1 
ATOM   112  N N   . GLY A 1 33  ? -2.281  12.483  6.302   1.00 18.75 ? 31  GLY A N   1 
ATOM   113  C CA  . GLY A 1 33  ? -1.272  13.175  7.107   1.00 21.92 ? 31  GLY A CA  1 
ATOM   114  C C   . GLY A 1 33  ? 0.139   13.052  6.548   1.00 30.48 ? 31  GLY A C   1 
ATOM   115  O O   . GLY A 1 33  ? 1.122   13.090  7.314   1.00 29.10 ? 31  GLY A O   1 
ATOM   116  N N   . LEU A 1 34  ? 0.243   12.910  5.219   1.00 20.83 ? 32  LEU A N   1 
ATOM   117  C CA  . LEU A 1 34  ? 1.536   12.822  4.520   1.00 26.20 ? 32  LEU A CA  1 
ATOM   118  C C   . LEU A 1 34  ? 2.350   14.122  4.729   1.00 41.16 ? 32  LEU A C   1 
ATOM   119  O O   . LEU A 1 34  ? 1.741   15.202  4.889   1.00 28.92 ? 32  LEU A O   1 
ATOM   120  C CB  . LEU A 1 34  ? 1.257   12.583  3.016   1.00 22.34 ? 32  LEU A CB  1 
ATOM   121  C CG  . LEU A 1 34  ? 1.820   11.379  2.246   1.00 32.01 ? 32  LEU A CG  1 
ATOM   122  C CD1 . LEU A 1 34  ? 2.236   10.205  3.128   1.00 29.84 ? 32  LEU A CD1 1 
ATOM   123  C CD2 . LEU A 1 34  ? 0.823   10.923  1.197   1.00 19.57 ? 32  LEU A CD2 1 
ATOM   124  N N   . PRO A 1 35  ? 3.717   14.037  4.730   1.00 34.12 ? 33  PRO A N   1 
ATOM   125  C CA  . PRO A 1 35  ? 4.586   15.217  4.931   1.00 35.39 ? 33  PRO A CA  1 
ATOM   126  C C   . PRO A 1 35  ? 4.232   16.438  4.076   1.00 36.31 ? 33  PRO A C   1 
ATOM   127  O O   . PRO A 1 35  ? 3.770   16.291  2.925   1.00 35.99 ? 33  PRO A O   1 
ATOM   128  C CB  . PRO A 1 35  ? 5.972   14.687  4.555   1.00 32.46 ? 33  PRO A CB  1 
ATOM   129  C CG  . PRO A 1 35  ? 5.935   13.270  5.029   1.00 29.06 ? 33  PRO A CG  1 
ATOM   130  C CD  . PRO A 1 35  ? 4.513   12.788  4.704   1.00 31.52 ? 33  PRO A CD  1 
ATOM   131  N N   . SER A 1 36  ? 4.477   17.631  4.629   1.00 52.21 ? 34  SER A N   1 
ATOM   132  C CA  . SER A 1 36  ? 3.960   18.876  4.058   1.00 57.85 ? 34  SER A CA  1 
ATOM   133  C C   . SER A 1 36  ? 4.623   20.121  4.666   1.00 65.33 ? 34  SER A C   1 
ATOM   134  O O   . SER A 1 36  ? 5.735   20.514  4.293   1.00 61.28 ? 34  SER A O   1 
ATOM   135  C CB  . SER A 1 36  ? 2.439   18.935  4.273   1.00 65.63 ? 34  SER A CB  1 
ATOM   136  O OG  . SER A 1 36  ? 2.089   18.350  5.524   1.00 71.60 ? 34  SER A OG  1 
ATOM   137  N N   . GLY A 1 40  ? 7.841   20.409  -0.857  1.00 70.40 ? 38  GLY A N   1 
ATOM   138  C CA  . GLY A 1 40  ? 6.593   21.156  -0.756  1.00 70.19 ? 38  GLY A CA  1 
ATOM   139  C C   . GLY A 1 40  ? 5.466   20.391  -0.063  1.00 61.15 ? 38  GLY A C   1 
ATOM   140  O O   . GLY A 1 40  ? 5.328   20.432  1.169   1.00 53.85 ? 38  GLY A O   1 
ATOM   141  N N   . ILE A 1 41  ? 4.640   19.712  -0.859  1.00 46.46 ? 39  ILE A N   1 
ATOM   142  C CA  . ILE A 1 41  ? 3.677   18.744  -0.326  1.00 42.77 ? 39  ILE A CA  1 
ATOM   143  C C   . ILE A 1 41  ? 3.917   17.350  -0.951  1.00 41.14 ? 39  ILE A C   1 
ATOM   144  O O   . ILE A 1 41  ? 4.314   17.245  -2.107  1.00 40.04 ? 39  ILE A O   1 
ATOM   145  C CB  . ILE A 1 41  ? 2.205   19.217  -0.507  1.00 35.92 ? 39  ILE A CB  1 
ATOM   146  C CG1 . ILE A 1 41  ? 2.056   20.684  -0.050  1.00 41.92 ? 39  ILE A CG1 1 
ATOM   147  C CG2 . ILE A 1 41  ? 1.263   18.297  0.257   1.00 36.27 ? 39  ILE A CG2 1 
ATOM   148  C CD1 . ILE A 1 41  ? 0.650   21.284  -0.198  1.00 34.50 ? 39  ILE A CD1 1 
ATOM   149  N N   . THR A 1 42  ? 3.700   16.287  -0.176  1.00 43.95 ? 40  THR A N   1 
ATOM   150  C CA  . THR A 1 42  ? 4.019   14.930  -0.626  1.00 26.58 ? 40  THR A CA  1 
ATOM   151  C C   . THR A 1 42  ? 3.400   14.538  -2.012  1.00 31.98 ? 40  THR A C   1 
ATOM   152  O O   . THR A 1 42  ? 2.246   14.813  -2.274  1.00 30.42 ? 40  THR A O   1 
ATOM   153  C CB  . THR A 1 42  ? 3.668   13.885  0.477   1.00 18.66 ? 40  THR A CB  1 
ATOM   154  O OG1 . THR A 1 42  ? 4.573   13.998  1.586   1.00 30.65 ? 40  THR A OG1 1 
ATOM   155  C CG2 . THR A 1 42  ? 3.829   12.479  -0.094  1.00 25.65 ? 40  THR A CG2 1 
ATOM   156  N N   . ASP A 1 43  ? 4.177   13.914  -2.906  1.00 23.94 ? 41  ASP A N   1 
ATOM   157  C CA  . ASP A 1 43  ? 3.640   13.335  -4.146  1.00 27.45 ? 41  ASP A CA  1 
ATOM   158  C C   . ASP A 1 43  ? 3.563   11.815  -4.017  1.00 30.35 ? 41  ASP A C   1 
ATOM   159  O O   . ASP A 1 43  ? 4.439   11.096  -4.516  1.00 22.15 ? 41  ASP A O   1 
ATOM   160  C CB  . ASP A 1 43  ? 4.477   13.722  -5.385  1.00 32.94 ? 41  ASP A CB  1 
ATOM   161  C CG  . ASP A 1 43  ? 4.539   15.210  -5.591  1.00 35.09 ? 41  ASP A CG  1 
ATOM   162  O OD1 . ASP A 1 43  ? 3.464   15.816  -5.798  1.00 38.10 ? 41  ASP A OD1 1 
ATOM   163  O OD2 . ASP A 1 43  ? 5.650   15.783  -5.505  1.00 46.31 ? 41  ASP A OD2 1 
ATOM   164  N N   . GLY A 1 44  ? 2.530   11.333  -3.317  1.00 20.60 ? 42  GLY A N   1 
ATOM   165  C CA  . GLY A 1 44  ? 2.533   9.965   -2.841  1.00 19.21 ? 42  GLY A CA  1 
ATOM   166  C C   . GLY A 1 44  ? 2.139   8.923   -3.852  1.00 13.16 ? 42  GLY A C   1 
ATOM   167  O O   . GLY A 1 44  ? 1.346   9.125   -4.773  1.00 16.24 ? 42  GLY A O   1 
ATOM   168  N N   . TYR A 1 45  ? 2.692   7.744   -3.642  1.00 12.33 ? 43  TYR A N   1 
ATOM   169  C CA  . TYR A 1 45  ? 2.273   6.553   -4.294  1.00 12.26 ? 43  TYR A CA  1 
ATOM   170  C C   . TYR A 1 45  ? 2.596   5.383   -3.407  1.00 11.68 ? 43  TYR A C   1 
ATOM   171  O O   . TYR A 1 45  ? 3.402   5.477   -2.447  1.00 17.43 ? 43  TYR A O   1 
ATOM   172  C CB  . TYR A 1 45  ? 2.880   6.404   -5.750  1.00 13.19 ? 43  TYR A CB  1 
ATOM   173  C CG  . TYR A 1 45  ? 4.389   6.123   -5.812  1.00 17.90 ? 43  TYR A CG  1 
ATOM   174  C CD1 . TYR A 1 45  ? 4.843   4.855   -6.087  1.00 14.49 ? 43  TYR A CD1 1 
ATOM   175  C CD2 . TYR A 1 45  ? 5.292   7.129   -5.616  1.00 15.40 ? 43  TYR A CD2 1 
ATOM   176  C CE1 . TYR A 1 45  ? 6.231   4.565   -6.131  1.00 16.12 ? 43  TYR A CE1 1 
ATOM   177  C CE2 . TYR A 1 45  ? 6.655   6.892   -5.696  1.00 16.74 ? 43  TYR A CE2 1 
ATOM   178  C CZ  . TYR A 1 45  ? 7.103   5.609   -5.944  1.00 14.35 ? 43  TYR A CZ  1 
ATOM   179  O OH  . TYR A 1 45  ? 8.463   5.313   -6.044  1.00 16.33 ? 43  TYR A OH  1 
ATOM   180  N N   . VAL A 1 46  ? 1.980   4.251   -3.716  1.00 11.63 ? 44  VAL A N   1 
ATOM   181  C CA  . VAL A 1 46  ? 2.113   3.013   -2.937  1.00 11.01 ? 44  VAL A CA  1 
ATOM   182  C C   . VAL A 1 46  ? 2.633   1.838   -3.740  1.00 16.22 ? 44  VAL A C   1 
ATOM   183  O O   . VAL A 1 46  ? 2.156   1.545   -4.852  1.00 13.12 ? 44  VAL A O   1 
ATOM   184  C CB  . VAL A 1 46  ? 0.740   2.635   -2.304  1.00 11.72 ? 44  VAL A CB  1 
ATOM   185  C CG1 . VAL A 1 46  ? 0.884   1.495   -1.333  1.00 13.73 ? 44  VAL A CG1 1 
ATOM   186  C CG2 . VAL A 1 46  ? 0.147   3.885   -1.623  1.00 11.83 ? 44  VAL A CG2 1 
ATOM   187  N N   . LYS A 1 47  ? 3.627   1.152   -3.175  1.00 13.24 ? 45  LYS A N   1 
ATOM   188  C CA  . LYS A 1 47  ? 4.172   -0.052  -3.811  1.00 19.26 ? 45  LYS A CA  1 
ATOM   189  C C   . LYS A 1 47  ? 3.619   -1.230  -3.079  1.00 16.35 ? 45  LYS A C   1 
ATOM   190  O O   . LYS A 1 47  ? 3.518   -1.218  -1.822  1.00 15.96 ? 45  LYS A O   1 
ATOM   191  C CB  . LYS A 1 47  ? 5.694   -0.092  -3.725  1.00 23.49 ? 45  LYS A CB  1 
ATOM   192  C CG  . LYS A 1 47  ? 6.456   0.962   -4.523  1.00 22.51 ? 45  LYS A CG  1 
ATOM   193  C CD  . LYS A 1 47  ? 7.926   0.419   -4.742  1.00 16.75 ? 45  LYS A CD  1 
ATOM   194  C CE  . LYS A 1 47  ? 8.848   1.566   -5.062  1.00 28.58 ? 45  LYS A CE  1 
ATOM   195  N NZ  . LYS A 1 47  ? 10.300  1.113   -5.051  1.00 35.11 ? 45  LYS A NZ  1 
ATOM   196  N N   . VAL A 1 48  ? 3.270   -2.269  -3.815  1.00 10.66 ? 46  VAL A N   1 
ATOM   197  C CA  . VAL A 1 48  ? 2.526   -3.427  -3.317  1.00 9.43  ? 46  VAL A CA  1 
ATOM   198  C C   . VAL A 1 48  ? 3.221   -4.699  -3.723  1.00 14.99 ? 46  VAL A C   1 
ATOM   199  O O   . VAL A 1 48  ? 3.420   -4.992  -4.950  1.00 15.66 ? 46  VAL A O   1 
ATOM   200  C CB  . VAL A 1 48  ? 1.091   -3.515  -3.891  1.00 11.24 ? 46  VAL A CB  1 
ATOM   201  C CG1 . VAL A 1 48  ? 0.305   -4.630  -3.293  1.00 11.50 ? 46  VAL A CG1 1 
ATOM   202  C CG2 . VAL A 1 48  ? 0.374   -2.184  -3.634  1.00 11.59 ? 46  VAL A CG2 1 
ATOM   203  N N   . PHE A 1 49  ? 3.576   -5.450  -2.693  1.00 15.57 ? 47  PHE A N   1 
ATOM   204  C CA  . PHE A 1 49  ? 4.167   -6.781  -2.870  1.00 19.59 ? 47  PHE A CA  1 
ATOM   205  C C   . PHE A 1 49  ? 3.327   -7.813  -2.147  1.00 25.25 ? 47  PHE A C   1 
ATOM   206  O O   . PHE A 1 49  ? 2.796   -7.576  -1.048  1.00 16.54 ? 47  PHE A O   1 
ATOM   207  C CB  . PHE A 1 49  ? 5.588   -6.828  -2.286  1.00 16.38 ? 47  PHE A CB  1 
ATOM   208  C CG  . PHE A 1 49  ? 6.494   -5.742  -2.807  1.00 16.76 ? 47  PHE A CG  1 
ATOM   209  C CD1 . PHE A 1 49  ? 7.358   -5.981  -3.867  1.00 27.36 ? 47  PHE A CD1 1 
ATOM   210  C CD2 . PHE A 1 49  ? 6.443   -4.471  -2.250  1.00 16.73 ? 47  PHE A CD2 1 
ATOM   211  C CE1 . PHE A 1 49  ? 8.194   -4.948  -4.339  1.00 27.58 ? 47  PHE A CE1 1 
ATOM   212  C CE2 . PHE A 1 49  ? 7.272   -3.435  -2.675  1.00 20.75 ? 47  PHE A CE2 1 
ATOM   213  C CZ  . PHE A 1 49  ? 8.154   -3.677  -3.754  1.00 33.38 ? 47  PHE A CZ  1 
ATOM   214  N N   . CYS A 1 50  ? 3.198   -8.974  -2.760  1.00 23.27 ? 48  CYS A N   1 
ATOM   215  C CA  . CYS A 1 50  ? 2.633   -10.095 -2.048  1.00 16.84 ? 48  CYS A CA  1 
ATOM   216  C C   . CYS A 1 50  ? 3.681   -11.184 -2.021  1.00 23.79 ? 48  CYS A C   1 
ATOM   217  O O   . CYS A 1 50  ? 3.960   -11.800 -3.078  1.00 25.50 ? 48  CYS A O   1 
ATOM   218  C CB  . CYS A 1 50  ? 1.390   -10.634 -2.760  1.00 21.71 ? 48  CYS A CB  1 
ATOM   219  S SG  . CYS A 1 50  ? 0.638   -11.919 -1.753  1.00 28.50 ? 48  CYS A SG  1 
ATOM   220  N N   . GLY A 1 51  ? 4.233   -11.451 -0.839  1.00 20.47 ? 49  GLY A N   1 
ATOM   221  C CA  . GLY A 1 51  ? 5.409   -12.312 -0.770  1.00 27.65 ? 49  GLY A CA  1 
ATOM   222  C C   . GLY A 1 51  ? 6.497   -11.768 -1.691  1.00 20.36 ? 49  GLY A C   1 
ATOM   223  O O   . GLY A 1 51  ? 6.953   -10.633 -1.542  1.00 23.13 ? 49  GLY A O   1 
ATOM   224  N N   . SER A 1 52  ? 6.914   -12.575 -2.671  1.00 37.02 ? 50  SER A N   1 
ATOM   225  C CA  . SER A 1 52  ? 8.012   -12.180 -3.560  1.00 25.22 ? 50  SER A CA  1 
ATOM   226  C C   . SER A 1 52  ? 7.496   -11.638 -4.906  1.00 36.48 ? 50  SER A C   1 
ATOM   227  O O   . SER A 1 52  ? 8.270   -11.374 -5.822  1.00 41.63 ? 50  SER A O   1 
ATOM   228  C CB  . SER A 1 52  ? 8.934   -13.400 -3.838  1.00 30.25 ? 50  SER A CB  1 
ATOM   229  O OG  . SER A 1 52  ? 8.179   -14.508 -4.319  1.00 33.12 ? 50  SER A OG  1 
ATOM   230  N N   . ALA A 1 53  ? 6.185   -11.503 -5.030  1.00 23.44 ? 51  ALA A N   1 
ATOM   231  C CA  . ALA A 1 53  ? 5.602   -10.943 -6.243  1.00 27.62 ? 51  ALA A CA  1 
ATOM   232  C C   . ALA A 1 53  ? 5.370   -9.431  -6.101  1.00 32.24 ? 51  ALA A C   1 
ATOM   233  O O   . ALA A 1 53  ? 4.638   -8.976  -5.217  1.00 26.16 ? 51  ALA A O   1 
ATOM   234  C CB  . ALA A 1 53  ? 4.314   -11.646 -6.561  1.00 25.80 ? 51  ALA A CB  1 
ATOM   235  N N   . ASN A 1 54  ? 6.025   -8.656  -6.958  1.00 23.89 ? 52  ASN A N   1 
ATOM   236  C CA  . ASN A 1 54  ? 5.781   -7.225  -7.057  1.00 25.56 ? 52  ASN A CA  1 
ATOM   237  C C   . ASN A 1 54  ? 4.475   -6.995  -7.817  1.00 23.20 ? 52  ASN A C   1 
ATOM   238  O O   . ASN A 1 54  ? 4.448   -6.964  -9.064  1.00 22.88 ? 52  ASN A O   1 
ATOM   239  C CB  . ASN A 1 54  ? 6.960   -6.542  -7.763  1.00 23.33 ? 52  ASN A CB  1 
ATOM   240  C CG  . ASN A 1 54  ? 6.861   -5.032  -7.764  1.00 24.78 ? 52  ASN A CG  1 
ATOM   241  O OD1 . ASN A 1 54  ? 5.841   -4.438  -7.400  1.00 33.53 ? 52  ASN A OD1 1 
ATOM   242  N ND2 . ASN A 1 54  ? 7.943   -4.391  -8.203  1.00 36.00 ? 52  ASN A ND2 1 
ATOM   243  N N   . LEU A 1 55  ? 3.387   -6.811  -7.059  1.00 24.26 ? 53  LEU A N   1 
ATOM   244  C CA  . LEU A 1 55  ? 2.050   -6.634  -7.621  1.00 24.71 ? 53  LEU A CA  1 
ATOM   245  C C   . LEU A 1 55  ? 1.835   -5.339  -8.418  1.00 14.32 ? 53  LEU A C   1 
ATOM   246  O O   . LEU A 1 55  ? 0.883   -5.244  -9.210  1.00 22.59 ? 53  LEU A O   1 
ATOM   247  C CB  . LEU A 1 55  ? 1.004   -6.748  -6.514  1.00 14.53 ? 53  LEU A CB  1 
ATOM   248  C CG  . LEU A 1 55  ? 0.937   -8.087  -5.831  1.00 23.24 ? 53  LEU A CG  1 
ATOM   249  C CD1 . LEU A 1 55  ? -0.281  -8.110  -4.953  1.00 19.04 ? 53  LEU A CD1 1 
ATOM   250  C CD2 . LEU A 1 55  ? 0.853   -9.250  -6.869  1.00 21.20 ? 53  LEU A CD2 1 
ATOM   251  N N   . GLY A 1 56  ? 2.751   -4.376  -8.277  1.00 20.41 ? 54  GLY A N   1 
ATOM   252  C CA  . GLY A 1 56  ? 2.595   -3.080  -8.905  1.00 21.25 ? 54  GLY A CA  1 
ATOM   253  C C   . GLY A 1 56  ? 2.647   -1.880  -7.963  1.00 20.30 ? 54  GLY A C   1 
ATOM   254  O O   . GLY A 1 56  ? 3.101   -1.964  -6.812  1.00 18.14 ? 54  GLY A O   1 
ATOM   255  N N   . GLU A 1 57  ? 2.289   -0.731  -8.497  1.00 13.91 ? 55  GLU A N   1 
ATOM   256  C CA  . GLU A 1 57  ? 2.280   0.477   -7.703  1.00 22.39 ? 55  GLU A CA  1 
ATOM   257  C C   . GLU A 1 57  ? 1.111   1.307   -8.146  1.00 22.05 ? 55  GLU A C   1 
ATOM   258  O O   . GLU A 1 57  ? 0.636   1.178   -9.301  1.00 19.53 ? 55  GLU A O   1 
ATOM   259  C CB  . GLU A 1 57  ? 3.605   1.263   -7.752  1.00 28.77 ? 55  GLU A CB  1 
ATOM   260  C CG  . GLU A 1 57  ? 4.356   1.268   -9.039  1.00 27.93 ? 55  GLU A CG  1 
ATOM   261  C CD  . GLU A 1 57  ? 5.680   2.051   -8.909  1.00 17.72 ? 55  GLU A CD  1 
ATOM   262  O OE1 . GLU A 1 57  ? 5.705   3.229   -9.352  1.00 29.79 ? 55  GLU A OE1 1 
ATOM   263  O OE2 . GLU A 1 57  ? 6.675   1.502   -8.339  1.00 30.28 ? 55  GLU A OE2 1 
ATOM   264  N N   . THR A 1 58  ? 0.596   2.115   -7.214  1.00 13.71 ? 56  THR A N   1 
ATOM   265  C CA  . THR A 1 58  ? -0.300  3.156   -7.665  1.00 13.88 ? 56  THR A CA  1 
ATOM   266  C C   . THR A 1 58  ? 0.355   4.241   -8.520  1.00 16.08 ? 56  THR A C   1 
ATOM   267  O O   . THR A 1 58  ? 1.554   4.471   -8.459  1.00 19.09 ? 56  THR A O   1 
ATOM   268  C CB  . THR A 1 58  ? -0.950  3.913   -6.486  1.00 10.07 ? 56  THR A CB  1 
ATOM   269  O OG1 . THR A 1 58  ? 0.008   4.718   -5.757  1.00 13.36 ? 56  THR A OG1 1 
ATOM   270  C CG2 . THR A 1 58  ? -1.610  2.917   -5.509  1.00 12.93 ? 56  THR A CG2 1 
ATOM   271  N N   . SER A 1 59  ? -0.515  4.979   -9.207  1.00 14.94 ? 57  SER A N   1 
ATOM   272  C CA  . SER A 1 59  ? -0.171  6.289   -9.724  1.00 20.09 ? 57  SER A CA  1 
ATOM   273  C C   . SER A 1 59  ? 0.206   7.272   -8.601  1.00 19.35 ? 57  SER A C   1 
ATOM   274  O O   . SER A 1 59  ? -0.052  7.061   -7.402  1.00 14.47 ? 57  SER A O   1 
ATOM   275  C CB  . SER A 1 59  ? -1.311  6.829   -10.633 1.00 15.76 ? 57  SER A CB  1 
ATOM   276  O OG  . SER A 1 59  ? -2.489  7.163   -9.852  1.00 17.99 ? 57  SER A OG  1 
ATOM   277  N N   . VAL A 1 60  ? 0.926   8.316   -8.979  1.00 17.33 ? 58  VAL A N   1 
ATOM   278  C CA  . VAL A 1 60  ? 1.303   9.385   -8.092  1.00 18.40 ? 58  VAL A CA  1 
ATOM   279  C C   . VAL A 1 60  ? 0.131   10.336  -7.907  1.00 18.65 ? 58  VAL A C   1 
ATOM   280  O O   . VAL A 1 60  ? -0.532  10.802  -8.871  1.00 18.30 ? 58  VAL A O   1 
ATOM   281  C CB  . VAL A 1 60  ? 2.534   10.148  -8.595  1.00 22.37 ? 58  VAL A CB  1 
ATOM   282  C CG1 . VAL A 1 60  ? 2.848   11.269  -7.628  1.00 22.31 ? 58  VAL A CG1 1 
ATOM   283  C CG2 . VAL A 1 60  ? 3.680   9.173   -8.759  1.00 23.42 ? 58  VAL A CG2 1 
ATOM   284  N N   . ASN A 1 61  ? -0.201  10.515  -6.642  1.00 14.88 ? 59  ASN A N   1 
ATOM   285  C CA  . ASN A 1 61  ? -1.217  11.495  -6.281  1.00 19.62 ? 59  ASN A CA  1 
ATOM   286  C C   . ASN A 1 61  ? -0.509  12.782  -5.855  1.00 21.16 ? 59  ASN A C   1 
ATOM   287  O O   . ASN A 1 61  ? -0.055  12.964  -4.707  1.00 20.11 ? 59  ASN A O   1 
ATOM   288  C CB  . ASN A 1 61  ? -2.201  10.897  -5.261  1.00 15.72 ? 59  ASN A CB  1 
ATOM   289  C CG  . ASN A 1 61  ? -3.497  11.717  -5.091  1.00 17.92 ? 59  ASN A CG  1 
ATOM   290  O OD1 . ASN A 1 61  ? -3.462  12.949  -4.996  1.00 20.46 ? 59  ASN A OD1 1 
ATOM   291  N ND2 . ASN A 1 61  ? -4.626  11.023  -4.936  1.00 18.62 ? 59  ASN A ND2 1 
ATOM   292  N N   . HIS A 1 62  ? -0.404  13.677  -6.844  1.00 24.88 ? 60  HIS A N   1 
ATOM   293  C CA  . HIS A 1 62  ? 0.433   14.871  -6.732  1.00 28.53 ? 60  HIS A CA  1 
ATOM   294  C C   . HIS A 1 62  ? -0.039  15.936  -5.757  1.00 24.70 ? 60  HIS A C   1 
ATOM   295  O O   . HIS A 1 62  ? -1.248  16.209  -5.669  1.00 28.22 ? 60  HIS A O   1 
ATOM   296  C CB  . HIS A 1 62  ? 0.573   15.509  -8.116  1.00 27.47 ? 60  HIS A CB  1 
ATOM   297  C CG  . HIS A 1 62  ? 1.432   14.723  -9.059  1.00 28.62 ? 60  HIS A CG  1 
ATOM   298  N ND1 . HIS A 1 62  ? 0.915   13.949  -10.079 1.00 30.53 ? 60  HIS A ND1 1 
ATOM   299  C CD2 . HIS A 1 62  ? 2.777   14.542  -9.096  1.00 28.46 ? 60  HIS A CD2 1 
ATOM   300  C CE1 . HIS A 1 62  ? 1.906   13.371  -10.734 1.00 24.47 ? 60  HIS A CE1 1 
ATOM   301  N NE2 . HIS A 1 62  ? 3.045   13.706  -10.151 1.00 31.28 ? 60  HIS A NE2 1 
ATOM   302  N N   . ASN A 1 63  ? 0.907   16.518  -5.010  1.00 25.75 ? 61  ASN A N   1 
ATOM   303  C CA  . ASN A 1 63  ? 0.609   17.686  -4.175  1.00 24.65 ? 61  ASN A CA  1 
ATOM   304  C C   . ASN A 1 63  ? -0.584  17.417  -3.281  1.00 31.63 ? 61  ASN A C   1 
ATOM   305  O O   . ASN A 1 63  ? -1.541  18.193  -3.248  1.00 30.42 ? 61  ASN A O   1 
ATOM   306  C CB  . ASN A 1 63  ? 0.329   18.894  -5.085  1.00 35.27 ? 61  ASN A CB  1 
ATOM   307  C CG  . ASN A 1 63  ? 0.098   20.179  -4.307  1.00 40.18 ? 61  ASN A CG  1 
ATOM   308  O OD1 . ASN A 1 63  ? 0.868   20.508  -3.405  1.00 44.94 ? 61  ASN A OD1 1 
ATOM   309  N ND2 . ASN A 1 63  ? -0.981  20.914  -4.649  1.00 46.41 ? 61  ASN A ND2 1 
ATOM   310  N N   . ASN A 1 64  ? -0.539  16.312  -2.549  1.00 26.78 ? 62  ASN A N   1 
ATOM   311  C CA  . ASN A 1 64  ? -1.680  15.878  -1.742  1.00 22.33 ? 62  ASN A CA  1 
ATOM   312  C C   . ASN A 1 64  ? -1.228  15.198  -0.441  1.00 20.77 ? 62  ASN A C   1 
ATOM   313  O O   . ASN A 1 64  ? -0.623  14.109  -0.461  1.00 20.55 ? 62  ASN A O   1 
ATOM   314  C CB  . ASN A 1 64  ? -2.545  14.947  -2.573  1.00 22.65 ? 62  ASN A CB  1 
ATOM   315  C CG  . ASN A 1 64  ? -3.926  14.742  -1.965  1.00 17.84 ? 62  ASN A CG  1 
ATOM   316  O OD1 . ASN A 1 64  ? -4.132  15.097  -0.824  1.00 20.41 ? 62  ASN A OD1 1 
ATOM   317  N ND2 . ASN A 1 64  ? -4.833  14.148  -2.714  1.00 17.00 ? 62  ASN A ND2 1 
ATOM   318  N N   . ALA A 1 65  ? -1.516  15.824  0.699   1.00 16.62 ? 63  ALA A N   1 
ATOM   319  C CA  . ALA A 1 65  ? -1.156  15.258  1.979   1.00 20.65 ? 63  ALA A CA  1 
ATOM   320  C C   . ALA A 1 65  ? -2.131  14.177  2.434   1.00 17.77 ? 63  ALA A C   1 
ATOM   321  O O   . ALA A 1 65  ? -1.852  13.436  3.403   1.00 17.03 ? 63  ALA A O   1 
ATOM   322  C CB  . ALA A 1 65  ? -1.106  16.355  3.041   1.00 24.16 ? 63  ALA A CB  1 
ATOM   323  N N   . ASN A 1 66  ? -3.284  14.098  1.770   1.00 14.54 ? 64  ASN A N   1 
ATOM   324  C CA  . ASN A 1 66  ? -4.285  13.105  2.159   1.00 10.64 ? 64  ASN A CA  1 
ATOM   325  C C   . ASN A 1 66  ? -4.890  12.457  0.920   1.00 12.62 ? 64  ASN A C   1 
ATOM   326  O O   . ASN A 1 66  ? -6.108  12.562  0.648   1.00 15.62 ? 64  ASN A O   1 
ATOM   327  C CB  . ASN A 1 66  ? -5.409  13.757  2.956   1.00 13.85 ? 64  ASN A CB  1 
ATOM   328  C CG  . ASN A 1 66  ? -4.902  14.510  4.170   1.00 15.05 ? 64  ASN A CG  1 
ATOM   329  O OD1 . ASN A 1 66  ? -4.601  13.908  5.222   1.00 16.87 ? 64  ASN A OD1 1 
ATOM   330  N ND2 . ASN A 1 66  ? -4.768  15.846  4.028   1.00 20.15 ? 64  ASN A ND2 1 
ATOM   331  N N   . PRO A 1 67  ? -4.056  11.747  0.184   1.00 12.09 ? 65  PRO A N   1 
ATOM   332  C CA  . PRO A 1 67  ? -4.515  11.146  -1.076  1.00 10.86 ? 65  PRO A CA  1 
ATOM   333  C C   . PRO A 1 67  ? -5.399  9.913   -0.805  1.00 11.74 ? 65  PRO A C   1 
ATOM   334  O O   . PRO A 1 67  ? -5.278  9.203   0.196   1.00 12.76 ? 65  PRO A O   1 
ATOM   335  C CB  . PRO A 1 67  ? -3.189  10.705  -1.729  1.00 13.50 ? 65  PRO A CB  1 
ATOM   336  C CG  . PRO A 1 67  ? -2.262  10.466  -0.589  1.00 14.91 ? 65  PRO A CG  1 
ATOM   337  C CD  . PRO A 1 67  ? -2.616  11.491  0.419   1.00 13.22 ? 65  PRO A CD  1 
ATOM   338  N N   . TRP A 1 68  ? -6.283  9.594   -1.752  1.00 8.63  ? 66  TRP A N   1 
ATOM   339  C CA  . TRP A 1 68  ? -6.746  8.197   -1.826  1.00 7.70  ? 66  TRP A CA  1 
ATOM   340  C C   . TRP A 1 68  ? -6.510  7.784   -3.251  1.00 8.48  ? 66  TRP A C   1 
ATOM   341  O O   . TRP A 1 68  ? -6.463  8.655   -4.095  1.00 11.89 ? 66  TRP A O   1 
ATOM   342  C CB  . TRP A 1 68  ? -8.236  8.054   -1.425  1.00 8.56  ? 66  TRP A CB  1 
ATOM   343  C CG  . TRP A 1 68  ? -9.254  8.731   -2.342  1.00 9.08  ? 66  TRP A CG  1 
ATOM   344  C CD1 . TRP A 1 68  ? -9.657  10.058  -2.340  1.00 6.31  ? 66  TRP A CD1 1 
ATOM   345  C CD2 . TRP A 1 68  ? -9.979  8.093   -3.436  1.00 7.71  ? 66  TRP A CD2 1 
ATOM   346  N NE1 . TRP A 1 68  ? -10.603 10.265  -3.338  1.00 12.31 ? 66  TRP A NE1 1 
ATOM   347  C CE2 . TRP A 1 68  ? -10.830 9.080   -3.995  1.00 10.25 ? 66  TRP A CE2 1 
ATOM   348  C CE3 . TRP A 1 68  ? -10.034 6.790   -3.920  1.00 10.96 ? 66  TRP A CE3 1 
ATOM   349  C CZ2 . TRP A 1 68  ? -11.694 8.805   -5.049  1.00 11.23 ? 66  TRP A CZ2 1 
ATOM   350  C CZ3 . TRP A 1 68  ? -10.867 6.503   -4.984  1.00 9.58  ? 66  TRP A CZ3 1 
ATOM   351  C CH2 . TRP A 1 68  ? -11.728 7.513   -5.523  1.00 14.83 ? 66  TRP A CH2 1 
ATOM   352  N N   . TRP A 1 69  ? -6.270  6.502   -3.452  1.00 11.66 ? 67  TRP A N   1 
ATOM   353  C CA  . TRP A 1 69  ? -6.057  5.965   -4.819  1.00 9.86  ? 67  TRP A CA  1 
ATOM   354  C C   . TRP A 1 69  ? -7.200  5.091   -5.245  1.00 9.53  ? 67  TRP A C   1 
ATOM   355  O O   . TRP A 1 69  ? -7.821  4.293   -4.455  1.00 9.58  ? 67  TRP A O   1 
ATOM   356  C CB  . TRP A 1 69  ? -4.764  5.152   -4.855  1.00 11.56 ? 67  TRP A CB  1 
ATOM   357  C CG  . TRP A 1 69  ? -3.532  6.000   -4.595  1.00 10.03 ? 67  TRP A CG  1 
ATOM   358  C CD1 . TRP A 1 69  ? -2.788  6.665   -5.535  1.00 11.10 ? 67  TRP A CD1 1 
ATOM   359  C CD2 . TRP A 1 69  ? -2.945  6.310   -3.327  1.00 9.70  ? 67  TRP A CD2 1 
ATOM   360  N NE1 . TRP A 1 69  ? -1.750  7.330   -4.934  1.00 13.34 ? 67  TRP A NE1 1 
ATOM   361  C CE2 . TRP A 1 69  ? -1.801  7.140   -3.582  1.00 10.62 ? 67  TRP A CE2 1 
ATOM   362  C CE3 . TRP A 1 69  ? -3.242  5.960   -2.014  1.00 8.21  ? 67  TRP A CE3 1 
ATOM   363  C CZ2 . TRP A 1 69  ? -0.983  7.619   -2.574  1.00 13.54 ? 67  TRP A CZ2 1 
ATOM   364  C CZ3 . TRP A 1 69  ? -2.368  6.400   -1.002  1.00 9.77  ? 67  TRP A CZ3 1 
ATOM   365  C CH2 . TRP A 1 69  ? -1.254  7.223   -1.300  1.00 9.44  ? 67  TRP A CH2 1 
ATOM   366  N N   . THR A 1 70  ? -7.469  5.149   -6.564  1.00 9.60  ? 68  THR A N   1 
ATOM   367  C CA  . THR A 1 70  ? -8.528  4.298   -7.152  1.00 15.55 ? 68  THR A CA  1 
ATOM   368  C C   . THR A 1 70  ? -8.037  2.838   -7.393  1.00 5.70  ? 68  THR A C   1 
ATOM   369  O O   . THR A 1 70  ? -8.841  1.912   -7.383  1.00 8.28  ? 68  THR A O   1 
ATOM   370  C CB  . THR A 1 70  ? -8.961  4.816   -8.580  1.00 13.12 ? 68  THR A CB  1 
ATOM   371  O OG1 . THR A 1 70  ? -7.808  4.946   -9.415  1.00 24.72 ? 68  THR A OG1 1 
ATOM   372  C CG2 . THR A 1 70  ? -9.574  6.171   -8.467  1.00 16.86 ? 68  THR A CG2 1 
ATOM   373  N N   . GLU A 1 71  ? -6.729  2.744   -7.501  1.00 8.40  ? 69  GLU A N   1 
ATOM   374  C CA  . GLU A 1 71  ? -6.078  1.470   -7.798  1.00 7.87  ? 69  GLU A CA  1 
ATOM   375  C C   . GLU A 1 71  ? -6.400  0.362   -6.835  1.00 14.10 ? 69  GLU A C   1 
ATOM   376  O O   . GLU A 1 71  ? -6.470  0.544   -5.595  1.00 14.42 ? 69  GLU A O   1 
ATOM   377  C CB  . GLU A 1 71  ? -4.598  1.573   -8.085  1.00 10.67 ? 69  GLU A CB  1 
ATOM   378  C CG  . GLU A 1 71  ? -4.208  2.416   -9.231  1.00 15.97 ? 69  GLU A CG  1 
ATOM   379  C CD  . GLU A 1 71  ? -4.006  3.877   -8.933  1.00 20.34 ? 69  GLU A CD  1 
ATOM   380  O OE1 . GLU A 1 71  ? -4.484  4.460   -7.896  1.00 19.19 ? 69  GLU A OE1 1 
ATOM   381  O OE2 . GLU A 1 71  ? -3.320  4.481   -9.762  1.00 16.07 ? 69  GLU A OE2 1 
ATOM   382  N N   . GLU A 1 72  ? -6.674  -0.797  -7.391  1.00 10.06 ? 70  GLU A N   1 
ATOM   383  C CA  . GLU A 1 72  ? -6.794  -2.016  -6.667  1.00 9.42  ? 70  GLU A CA  1 
ATOM   384  C C   . GLU A 1 72  ? -5.766  -2.981  -7.278  1.00 12.31 ? 70  GLU A C   1 
ATOM   385  O O   . GLU A 1 72  ? -5.366  -2.826  -8.471  1.00 13.68 ? 70  GLU A O   1 
ATOM   386  C CB  . GLU A 1 72  ? -8.204  -2.538  -6.693  1.00 14.82 ? 70  GLU A CB  1 
ATOM   387  C CG  . GLU A 1 72  ? -9.231  -1.414  -6.429  1.00 13.33 ? 70  GLU A CG  1 
ATOM   388  C CD  . GLU A 1 72  ? -10.609 -1.939  -6.193  1.00 24.34 ? 70  GLU A CD  1 
ATOM   389  O OE1 . GLU A 1 72  ? -11.377 -1.092  -5.652  1.00 28.06 ? 70  GLU A OE1 1 
ATOM   390  O OE2 . GLU A 1 72  ? -10.885 -3.138  -6.528  1.00 25.48 ? 70  GLU A OE2 1 
ATOM   391  N N   . PHE A 1 73  ? -5.328  -3.938  -6.471  1.00 10.79 ? 71  PHE A N   1 
ATOM   392  C CA  . PHE A 1 73  ? -4.282  -4.868  -6.869  1.00 8.96  ? 71  PHE A CA  1 
ATOM   393  C C   . PHE A 1 73  ? -4.776  -6.248  -6.569  1.00 14.12 ? 71  PHE A C   1 
ATOM   394  O O   . PHE A 1 73  ? -5.265  -6.550  -5.460  1.00 14.65 ? 71  PHE A O   1 
ATOM   395  C CB  . PHE A 1 73  ? -2.961  -4.568  -6.107  1.00 13.32 ? 71  PHE A CB  1 
ATOM   396  C CG  . PHE A 1 73  ? -2.418  -3.177  -6.360  1.00 15.11 ? 71  PHE A CG  1 
ATOM   397  C CD1 . PHE A 1 73  ? -1.518  -2.965  -7.425  1.00 16.13 ? 71  PHE A CD1 1 
ATOM   398  C CD2 . PHE A 1 73  ? -2.847  -2.063  -5.589  1.00 10.37 ? 71  PHE A CD2 1 
ATOM   399  C CE1 . PHE A 1 73  ? -1.015  -1.740  -7.703  1.00 16.19 ? 71  PHE A CE1 1 
ATOM   400  C CE2 . PHE A 1 73  ? -2.314  -0.803  -5.864  1.00 11.35 ? 71  PHE A CE2 1 
ATOM   401  C CZ  . PHE A 1 73  ? -1.420  -0.614  -6.945  1.00 16.91 ? 71  PHE A CZ  1 
ATOM   402  N N   . SER A 1 74  ? -4.648  -7.149  -7.550  1.00 12.87 ? 72  SER A N   1 
ATOM   403  C CA  . SER A 1 74  ? -5.057  -8.488  -7.255  1.00 16.49 ? 72  SER A CA  1 
ATOM   404  C C   . SER A 1 74  ? -3.874  -9.403  -7.616  1.00 15.80 ? 72  SER A C   1 
ATOM   405  O O   . SER A 1 74  ? -3.051  -9.128  -8.538  1.00 19.93 ? 72  SER A O   1 
ATOM   406  C CB  . SER A 1 74  ? -6.389  -8.871  -7.971  1.00 22.16 ? 72  SER A CB  1 
ATOM   407  O OG  . SER A 1 74  ? -7.592  -8.628  -7.173  1.00 24.44 ? 72  SER A OG  1 
ATOM   408  N N   . HIS A 1 75  ? -3.765  -10.443 -6.811  1.00 17.02 ? 73  HIS A N   1 
ATOM   409  C CA  . HIS A 1 75  ? -2.761  -11.507 -7.054  1.00 11.73 ? 73  HIS A CA  1 
ATOM   410  C C   . HIS A 1 75  ? -3.499  -12.834 -6.976  1.00 15.27 ? 73  HIS A C   1 
ATOM   411  O O   . HIS A 1 75  ? -4.178  -13.211 -5.989  1.00 13.21 ? 73  HIS A O   1 
ATOM   412  C CB  . HIS A 1 75  ? -1.615  -11.440 -6.048  1.00 15.17 ? 73  HIS A CB  1 
ATOM   413  C CG  . HIS A 1 75  ? -0.496  -12.412 -6.347  1.00 15.80 ? 73  HIS A CG  1 
ATOM   414  N ND1 . HIS A 1 75  ? -0.056  -12.681 -7.634  1.00 16.81 ? 73  HIS A ND1 1 
ATOM   415  C CD2 . HIS A 1 75  ? 0.290   -13.147 -5.523  1.00 14.27 ? 73  HIS A CD2 1 
ATOM   416  C CE1 . HIS A 1 75  ? 0.940   -13.555 -7.587  1.00 19.89 ? 73  HIS A CE1 1 
ATOM   417  N NE2 . HIS A 1 75  ? 1.191   -13.832 -6.316  1.00 20.10 ? 73  HIS A NE2 1 
ATOM   418  N N   . PHE A 1 76  ? -3.360  -13.633 -8.055  1.00 14.87 ? 74  PHE A N   1 
ATOM   419  C CA  . PHE A 1 76  ? -4.225  -14.837 -8.063  1.00 17.22 ? 74  PHE A CA  1 
ATOM   420  C C   . PHE A 1 76  ? -3.503  -16.124 -7.628  1.00 25.16 ? 74  PHE A C   1 
ATOM   421  O O   . PHE A 1 76  ? -4.108  -17.191 -7.690  1.00 24.72 ? 74  PHE A O   1 
ATOM   422  C CB  . PHE A 1 76  ? -4.908  -15.000 -9.418  1.00 17.18 ? 74  PHE A CB  1 
ATOM   423  C CG  . PHE A 1 76  ? -5.887  -13.918 -9.702  1.00 18.04 ? 74  PHE A CG  1 
ATOM   424  C CD1 . PHE A 1 76  ? -7.201  -14.046 -9.306  1.00 25.99 ? 74  PHE A CD1 1 
ATOM   425  C CD2 . PHE A 1 76  ? -5.455  -12.748 -10.342 1.00 15.54 ? 74  PHE A CD2 1 
ATOM   426  C CE1 . PHE A 1 76  ? -8.098  -13.027 -9.545  1.00 22.81 ? 74  PHE A CE1 1 
ATOM   427  C CE2 . PHE A 1 76  ? -6.332  -11.702 -10.587 1.00 17.59 ? 74  PHE A CE2 1 
ATOM   428  C CZ  . PHE A 1 76  ? -7.672  -11.859 -10.191 1.00 23.36 ? 74  PHE A CZ  1 
ATOM   429  N N   . LYS A 1 77  ? -2.291  -15.960 -7.062  1.00 14.38 ? 75  LYS A N   1 
ATOM   430  C CA  . LYS A 1 77  ? -1.435  -17.054 -6.597  1.00 17.11 ? 75  LYS A CA  1 
ATOM   431  C C   . LYS A 1 77  ? -1.104  -16.823 -5.138  1.00 18.82 ? 75  LYS A C   1 
ATOM   432  O O   . LYS A 1 77  ? -0.114  -17.329 -4.575  1.00 22.77 ? 75  LYS A O   1 
ATOM   433  C CB  . LYS A 1 77  ? -0.118  -17.070 -7.375  1.00 19.31 ? 75  LYS A CB  1 
ATOM   434  C CG  . LYS A 1 77  ? -0.283  -17.391 -8.842  1.00 22.03 ? 75  LYS A CG  1 
ATOM   435  C CD  . LYS A 1 77  ? 0.936   -18.173 -9.288  1.00 21.44 ? 75  LYS A CD  1 
ATOM   436  C CE  . LYS A 1 77  ? 2.052   -17.282 -9.716  1.00 17.93 ? 75  LYS A CE  1 
ATOM   437  N NZ  . LYS A 1 77  ? 3.351   -18.075 -9.626  1.00 18.81 ? 75  LYS A NZ  1 
ATOM   438  N N   . ALA A 1 78  ? -1.913  -16.010 -4.522  1.00 16.81 ? 76  ALA A N   1 
ATOM   439  C CA  . ALA A 1 78  ? -1.665  -15.749 -3.109  1.00 14.66 ? 76  ALA A CA  1 
ATOM   440  C C   . ALA A 1 78  ? -1.943  -16.983 -2.255  1.00 17.91 ? 76  ALA A C   1 
ATOM   441  O O   . ALA A 1 78  ? -2.719  -17.884 -2.601  1.00 19.15 ? 76  ALA A O   1 
ATOM   442  C CB  . ALA A 1 78  ? -2.507  -14.578 -2.658  1.00 17.27 ? 76  ALA A CB  1 
ATOM   443  N N   . GLN A 1 79  ? -1.319  -17.030 -1.092  1.00 20.06 ? 77  GLN A N   1 
ATOM   444  C CA  . GLN A 1 79  ? -1.672  -18.075 -0.149  1.00 20.07 ? 77  GLN A CA  1 
ATOM   445  C C   . GLN A 1 79  ? -1.650  -17.475 1.239   1.00 17.76 ? 77  GLN A C   1 
ATOM   446  O O   . GLN A 1 79  ? -0.951  -16.502 1.471   1.00 19.71 ? 77  GLN A O   1 
ATOM   447  C CB  . GLN A 1 79  ? -0.623  -19.203 -0.203  1.00 24.41 ? 77  GLN A CB  1 
ATOM   448  C CG  . GLN A 1 79  ? -0.758  -20.128 -1.432  1.00 35.33 ? 77  GLN A CG  1 
ATOM   449  C CD  . GLN A 1 79  ? -2.040  -20.948 -1.368  1.00 39.04 ? 77  GLN A CD  1 
ATOM   450  O OE1 . GLN A 1 79  ? -2.615  -21.334 -2.407  1.00 45.09 ? 77  GLN A OE1 1 
ATOM   451  N NE2 . GLN A 1 79  ? -2.511  -21.211 -0.137  1.00 45.10 ? 77  GLN A NE2 1 
ATOM   452  N N   . GLU A 1 80  ? -2.447  -18.049 2.125   1.00 17.70 ? 78  GLU A N   1 
ATOM   453  C CA  . GLU A 1 80  ? -2.490  -17.622 3.499   1.00 27.74 ? 78  GLU A CA  1 
ATOM   454  C C   . GLU A 1 80  ? -1.080  -17.615 4.071   1.00 26.21 ? 78  GLU A C   1 
ATOM   455  O O   . GLU A 1 80  ? -0.270  -18.526 3.785   1.00 23.02 ? 78  GLU A O   1 
ATOM   456  C CB  . GLU A 1 80  ? -3.395  -18.543 4.285   1.00 30.51 ? 78  GLU A CB  1 
ATOM   457  C CG  . GLU A 1 80  ? -3.634  -18.057 5.707   1.00 32.96 ? 78  GLU A CG  1 
ATOM   458  C CD  . GLU A 1 80  ? -4.930  -18.590 6.282   1.00 51.95 ? 78  GLU A CD  1 
ATOM   459  O OE1 . GLU A 1 80  ? -5.254  -19.767 5.970   1.00 51.42 ? 78  GLU A OE1 1 
ATOM   460  O OE2 . GLU A 1 80  ? -5.618  -17.827 7.024   1.00 36.49 ? 78  GLU A OE2 1 
ATOM   461  N N   . ASN A 1 81  ? -0.801  -16.573 4.855   1.00 19.82 ? 79  ASN A N   1 
ATOM   462  C CA  . ASN A 1 81  ? 0.479   -16.269 5.477   1.00 20.12 ? 79  ASN A CA  1 
ATOM   463  C C   . ASN A 1 81  ? 1.537   -15.699 4.603   1.00 26.14 ? 79  ASN A C   1 
ATOM   464  O O   . ASN A 1 81  ? 2.657   -15.468 5.042   1.00 24.55 ? 79  ASN A O   1 
ATOM   465  C CB  . ASN A 1 81  ? 0.934   -17.409 6.392   1.00 21.57 ? 79  ASN A CB  1 
ATOM   466  C CG  . ASN A 1 81  ? -0.049  -17.611 7.525   1.00 29.51 ? 79  ASN A CG  1 
ATOM   467  O OD1 . ASN A 1 81  ? -0.501  -16.633 8.115   1.00 32.26 ? 79  ASN A OD1 1 
ATOM   468  N ND2 . ASN A 1 81  ? -0.443  -18.846 7.782   1.00 39.40 ? 79  ASN A ND2 1 
ATOM   469  N N   . ASP A 1 82  ? 1.179   -15.430 3.348   1.00 17.47 ? 80  ASP A N   1 
ATOM   470  C CA  . ASP A 1 82  ? 2.081   -14.688 2.542   1.00 13.84 ? 80  ASP A CA  1 
ATOM   471  C C   . ASP A 1 82  ? 2.193   -13.315 3.219   1.00 12.11 ? 80  ASP A C   1 
ATOM   472  O O   . ASP A 1 82  ? 1.241   -12.830 3.901   1.00 17.77 ? 80  ASP A O   1 
ATOM   473  C CB  . ASP A 1 82  ? 1.477   -14.437 1.181   1.00 15.22 ? 80  ASP A CB  1 
ATOM   474  C CG  . ASP A 1 82  ? 1.574   -15.643 0.229   1.00 21.61 ? 80  ASP A CG  1 
ATOM   475  O OD1 . ASP A 1 82  ? 2.375   -16.591 0.476   1.00 23.62 ? 80  ASP A OD1 1 
ATOM   476  O OD2 . ASP A 1 82  ? 0.881   -15.591 -0.822  1.00 26.66 ? 80  ASP A OD2 1 
ATOM   477  N N   . ILE A 1 83  ? 3.306   -12.664 2.952   1.00 14.53 ? 81  ILE A N   1 
ATOM   478  C CA  . ILE A 1 83  ? 3.571   -11.373 3.537   1.00 18.06 ? 81  ILE A CA  1 
ATOM   479  C C   . ILE A 1 83  ? 3.191   -10.325 2.513   1.00 15.46 ? 81  ILE A C   1 
ATOM   480  O O   . ILE A 1 83  ? 3.852   -10.176 1.472   1.00 20.17 ? 81  ILE A O   1 
ATOM   481  C CB  . ILE A 1 83  ? 5.025   -11.204 3.951   1.00 20.49 ? 81  ILE A CB  1 
ATOM   482  C CG1 . ILE A 1 83  ? 5.343   -12.235 5.043   1.00 23.96 ? 81  ILE A CG1 1 
ATOM   483  C CG2 . ILE A 1 83  ? 5.233   -9.793  4.497   1.00 22.72 ? 81  ILE A CG2 1 
ATOM   484  C CD1 . ILE A 1 83  ? 4.307   -12.248 6.135   1.00 19.90 ? 81  ILE A CD1 1 
ATOM   485  N N   . LEU A 1 84  ? 2.110   -9.610  2.840   1.00 13.57 ? 82  LEU A N   1 
ATOM   486  C CA  . LEU A 1 84  ? 1.669   -8.399  2.125   1.00 17.75 ? 82  LEU A CA  1 
ATOM   487  C C   . LEU A 1 84  ? 2.570   -7.276  2.618   1.00 16.24 ? 82  LEU A C   1 
ATOM   488  O O   . LEU A 1 84  ? 2.660   -7.008  3.808   1.00 19.81 ? 82  LEU A O   1 
ATOM   489  C CB  . LEU A 1 84  ? 0.144   -8.085  2.365   1.00 10.92 ? 82  LEU A CB  1 
ATOM   490  C CG  . LEU A 1 84  ? -0.322  -6.701  1.886   1.00 13.79 ? 82  LEU A CG  1 
ATOM   491  C CD1 . LEU A 1 84  ? -0.412  -6.648  0.350   1.00 18.87 ? 82  LEU A CD1 1 
ATOM   492  C CD2 . LEU A 1 84  ? -1.691  -6.355  2.500   1.00 13.60 ? 82  LEU A CD2 1 
ATOM   493  N N   . ARG A 1 85  ? 3.314   -6.672  1.709   1.00 13.88 ? 83  ARG A N   1 
ATOM   494  C CA  . ARG A 1 85  ? 4.157   -5.544  2.024   1.00 17.12 ? 83  ARG A CA  1 
ATOM   495  C C   . ARG A 1 85  ? 3.759   -4.296  1.192   1.00 19.57 ? 83  ARG A C   1 
ATOM   496  O O   . ARG A 1 85  ? 3.635   -4.308  -0.078  1.00 16.79 ? 83  ARG A O   1 
ATOM   497  C CB  . ARG A 1 85  ? 5.642   -5.958  1.762   1.00 17.43 ? 83  ARG A CB  1 
ATOM   498  C CG  . ARG A 1 85  ? 6.594   -4.825  1.782   1.00 18.70 ? 83  ARG A CG  1 
ATOM   499  C CD  . ARG A 1 85  ? 7.929   -5.283  1.206   1.00 27.94 ? 83  ARG A CD  1 
ATOM   500  N NE  . ARG A 1 85  ? 8.933   -4.226  1.227   1.00 25.74 ? 83  ARG A NE  1 
ATOM   501  C CZ  . ARG A 1 85  ? 9.783   -4.027  2.236   1.00 32.21 ? 83  ARG A CZ  1 
ATOM   502  N NH1 . ARG A 1 85  ? 9.734   -4.815  3.308   1.00 30.00 ? 83  ARG A NH1 1 
ATOM   503  N NH2 . ARG A 1 85  ? 10.698  -3.048  2.173   1.00 32.42 ? 83  ARG A NH2 1 
ATOM   504  N N   . LEU A 1 86  ? 3.602   -3.203  1.915   1.00 18.75 ? 84  LEU A N   1 
ATOM   505  C CA  . LEU A 1 86  ? 3.133   -1.951  1.348   1.00 11.65 ? 84  LEU A CA  1 
ATOM   506  C C   . LEU A 1 86  ? 4.199   -0.937  1.622   1.00 15.87 ? 84  LEU A C   1 
ATOM   507  O O   . LEU A 1 86  ? 4.652   -0.759  2.730   1.00 15.63 ? 84  LEU A O   1 
ATOM   508  C CB  . LEU A 1 86  ? 1.788   -1.526  1.947   1.00 9.57  ? 84  LEU A CB  1 
ATOM   509  C CG  . LEU A 1 86  ? 0.646   -2.498  1.754   1.00 9.75  ? 84  LEU A CG  1 
ATOM   510  C CD1 . LEU A 1 86  ? -0.710  -1.928  2.286   1.00 17.04 ? 84  LEU A CD1 1 
ATOM   511  C CD2 . LEU A 1 86  ? 0.410   -2.883  0.325   1.00 14.14 ? 84  LEU A CD2 1 
ATOM   512  N N   . GLU A 1 87  ? 4.631   -0.269  0.576   1.00 13.19 ? 85  GLU A N   1 
ATOM   513  C CA  . GLU A 1 87  ? 5.517   0.834   0.803   1.00 19.72 ? 85  GLU A CA  1 
ATOM   514  C C   . GLU A 1 87  ? 4.860   2.099   0.280   1.00 13.55 ? 85  GLU A C   1 
ATOM   515  O O   . GLU A 1 87  ? 4.369   2.120   -0.871  1.00 14.38 ? 85  GLU A O   1 
ATOM   516  C CB  . GLU A 1 87  ? 6.864   0.594   0.134   1.00 14.37 ? 85  GLU A CB  1 
ATOM   517  C CG  . GLU A 1 87  ? 7.496   -0.722  0.486   1.00 18.26 ? 85  GLU A CG  1 
ATOM   518  C CD  . GLU A 1 87  ? 8.717   -0.994  -0.352  1.00 24.15 ? 85  GLU A CD  1 
ATOM   519  O OE1 . GLU A 1 87  ? 9.070   -0.108  -1.167  1.00 20.85 ? 85  GLU A OE1 1 
ATOM   520  O OE2 . GLU A 1 87  ? 9.284   -2.106  -0.220  1.00 22.87 ? 85  GLU A OE2 1 
ATOM   521  N N   . VAL A 1 88  ? 4.928   3.145   1.086   1.00 13.76 ? 86  VAL A N   1 
ATOM   522  C CA  . VAL A 1 88  ? 4.479   4.471   0.679   1.00 12.62 ? 86  VAL A CA  1 
ATOM   523  C C   . VAL A 1 88  ? 5.713   5.303   0.309   1.00 16.27 ? 86  VAL A C   1 
ATOM   524  O O   . VAL A 1 88  ? 6.640   5.461   1.121   1.00 14.39 ? 86  VAL A O   1 
ATOM   525  C CB  . VAL A 1 88  ? 3.656   5.143   1.766   1.00 13.60 ? 86  VAL A CB  1 
ATOM   526  C CG1 . VAL A 1 88  ? 3.337   6.572   1.357   1.00 15.49 ? 86  VAL A CG1 1 
ATOM   527  C CG2 . VAL A 1 88  ? 2.370   4.307   2.037   1.00 12.73 ? 86  VAL A CG2 1 
ATOM   528  N N   . HIS A 1 89  ? 5.723   5.832   -0.902  1.00 12.67 ? 87  HIS A N   1 
ATOM   529  C CA  . HIS A 1 89  ? 6.851   6.672   -1.370  1.00 14.98 ? 87  HIS A CA  1 
ATOM   530  C C   . HIS A 1 89  ? 6.423   8.045   -1.785  1.00 15.50 ? 87  HIS A C   1 
ATOM   531  O O   . HIS A 1 89  ? 5.269   8.299   -2.136  1.00 18.53 ? 87  HIS A O   1 
ATOM   532  C CB  . HIS A 1 89  ? 7.547   6.059   -2.571  1.00 16.35 ? 87  HIS A CB  1 
ATOM   533  C CG  . HIS A 1 89  ? 8.172   4.745   -2.292  1.00 13.57 ? 87  HIS A CG  1 
ATOM   534  N ND1 . HIS A 1 89  ? 9.546   4.578   -2.163  1.00 18.26 ? 87  HIS A ND1 1 
ATOM   535  C CD2 . HIS A 1 89  ? 7.628   3.519   -2.134  1.00 17.13 ? 87  HIS A CD2 1 
ATOM   536  C CE1 . HIS A 1 89  ? 9.804   3.304   -1.929  1.00 16.64 ? 87  HIS A CE1 1 
ATOM   537  N NE2 . HIS A 1 89  ? 8.656   2.635   -1.916  1.00 20.70 ? 87  HIS A NE2 1 
ATOM   538  N N   . ASP A 1 90  ? 7.384   8.944   -1.759  1.00 17.58 ? 88  ASP A N   1 
ATOM   539  C CA  . ASP A 1 90  ? 7.186   10.318  -2.182  1.00 17.59 ? 88  ASP A CA  1 
ATOM   540  C C   . ASP A 1 90  ? 7.985   10.484  -3.434  1.00 22.65 ? 88  ASP A C   1 
ATOM   541  O O   . ASP A 1 90  ? 9.210   10.297  -3.416  1.00 22.40 ? 88  ASP A O   1 
ATOM   542  C CB  . ASP A 1 90  ? 7.683   11.196  -1.062  1.00 16.54 ? 88  ASP A CB  1 
ATOM   543  C CG  . ASP A 1 90  ? 7.480   12.673  -1.325  1.00 26.82 ? 88  ASP A CG  1 
ATOM   544  O OD1 . ASP A 1 90  ? 7.020   13.060  -2.453  1.00 25.02 ? 88  ASP A OD1 1 
ATOM   545  O OD2 . ASP A 1 90  ? 7.780   13.444  -0.376  1.00 31.22 ? 88  ASP A OD2 1 
ATOM   546  N N   . GLU A 1 91  ? 7.315   10.745  -4.553  1.00 17.82 ? 89  GLU A N   1 
ATOM   547  C CA  . GLU A 1 91  ? 8.051   10.759  -5.826  1.00 21.41 ? 89  GLU A CA  1 
ATOM   548  C C   . GLU A 1 91  ? 8.787   12.067  -6.023  1.00 19.87 ? 89  GLU A C   1 
ATOM   549  O O   . GLU A 1 91  ? 8.255   13.150  -5.791  1.00 21.61 ? 89  GLU A O   1 
ATOM   550  C CB  . GLU A 1 91  ? 7.108   10.536  -7.011  1.00 19.34 ? 89  GLU A CB  1 
ATOM   551  C CG  . GLU A 1 91  ? 7.816   10.680  -8.358  1.00 29.66 ? 89  GLU A CG  1 
ATOM   552  C CD  . GLU A 1 91  ? 6.852   10.778  -9.509  1.00 24.30 ? 89  GLU A CD  1 
ATOM   553  O OE1 . GLU A 1 91  ? 6.778   9.799   -10.301 1.00 30.81 ? 89  GLU A OE1 1 
ATOM   554  O OE2 . GLU A 1 91  ? 6.159   11.836  -9.623  1.00 30.11 ? 89  GLU A OE2 1 
ATOM   555  N N   . ASP A 1 92  ? 10.029  11.964  -6.493  1.00 19.41 ? 90  ASP A N   1 
ATOM   556  C CA  . ASP A 1 92  ? 10.738  13.160  -6.877  1.00 31.67 ? 90  ASP A CA  1 
ATOM   557  C C   . ASP A 1 92  ? 11.541  12.879  -8.129  1.00 16.94 ? 90  ASP A C   1 
ATOM   558  O O   . ASP A 1 92  ? 11.639  11.743  -8.542  1.00 19.73 ? 90  ASP A O   1 
ATOM   559  C CB  . ASP A 1 92  ? 11.619  13.667  -5.749  1.00 21.69 ? 90  ASP A CB  1 
ATOM   560  C CG  . ASP A 1 92  ? 11.860  15.152  -5.844  1.00 38.64 ? 90  ASP A CG  1 
ATOM   561  O OD1 . ASP A 1 92  ? 11.408  15.755  -6.858  1.00 35.88 ? 90  ASP A OD1 1 
ATOM   562  O OD2 . ASP A 1 92  ? 12.498  15.702  -4.913  1.00 45.76 ? 90  ASP A OD2 1 
ATOM   563  N N   . THR A 1 93  ? 12.102  13.936  -8.715  1.00 28.18 ? 91  THR A N   1 
ATOM   564  C CA  . THR A 1 93  ? 12.731  13.855  -10.028 1.00 27.91 ? 91  THR A CA  1 
ATOM   565  C C   . THR A 1 93  ? 13.793  12.788  -10.121 1.00 25.27 ? 91  THR A C   1 
ATOM   566  O O   . THR A 1 93  ? 13.792  11.980  -11.075 1.00 22.50 ? 91  THR A O   1 
ATOM   567  C CB  . THR A 1 93  ? 13.377  15.172  -10.438 1.00 25.27 ? 91  THR A CB  1 
ATOM   568  O OG1 . THR A 1 93  ? 12.392  16.220  -10.384 1.00 30.27 ? 91  THR A OG1 1 
ATOM   569  C CG2 . THR A 1 93  ? 13.947  15.018  -11.875 1.00 23.48 ? 91  THR A CG2 1 
ATOM   570  N N   . PHE A 1 94  ? 14.678  12.743  -9.123  1.00 20.35 ? 92  PHE A N   1 
ATOM   571  C CA  . PHE A 1 94  ? 15.846  11.867  -9.234  1.00 20.90 ? 92  PHE A CA  1 
ATOM   572  C C   . PHE A 1 94  ? 15.814  10.653  -8.346  1.00 17.52 ? 92  PHE A C   1 
ATOM   573  O O   . PHE A 1 94  ? 16.297  9.586   -8.713  1.00 16.10 ? 92  PHE A O   1 
ATOM   574  C CB  . PHE A 1 94  ? 17.144  12.646  -9.027  1.00 19.34 ? 92  PHE A CB  1 
ATOM   575  C CG  . PHE A 1 94  ? 17.236  13.870  -9.861  1.00 30.66 ? 92  PHE A CG  1 
ATOM   576  C CD1 . PHE A 1 94  ? 17.584  13.792  -11.218 1.00 25.42 ? 92  PHE A CD1 1 
ATOM   577  C CD2 . PHE A 1 94  ? 16.950  15.111  -9.307  1.00 33.61 ? 92  PHE A CD2 1 
ATOM   578  C CE1 . PHE A 1 94  ? 17.646  14.938  -11.992 1.00 21.52 ? 92  PHE A CE1 1 
ATOM   579  C CE2 . PHE A 1 94  ? 17.009  16.274  -10.084 1.00 35.86 ? 92  PHE A CE2 1 
ATOM   580  C CZ  . PHE A 1 94  ? 17.375  16.182  -11.430 1.00 40.68 ? 92  PHE A CZ  1 
ATOM   581  N N   . PHE A 1 95  ? 15.215  10.835  -7.145  1.00 22.32 ? 93  PHE A N   1 
ATOM   582  C CA  . PHE A 1 95  ? 15.167  9.802   -6.126  1.00 16.97 ? 93  PHE A CA  1 
ATOM   583  C C   . PHE A 1 95  ? 13.801  9.886   -5.504  1.00 11.33 ? 93  PHE A C   1 
ATOM   584  O O   . PHE A 1 95  ? 13.307  10.982  -5.258  1.00 18.11 ? 93  PHE A O   1 
ATOM   585  C CB  . PHE A 1 95  ? 16.169  10.100  -5.001  1.00 15.87 ? 93  PHE A CB  1 
ATOM   586  C CG  . PHE A 1 95  ? 17.503  10.317  -5.506  1.00 19.61 ? 93  PHE A CG  1 
ATOM   587  C CD1 . PHE A 1 95  ? 18.200  9.258   -5.984  1.00 15.93 ? 93  PHE A CD1 1 
ATOM   588  C CD2 . PHE A 1 95  ? 18.037  11.599  -5.575  1.00 16.55 ? 93  PHE A CD2 1 
ATOM   589  C CE1 . PHE A 1 95  ? 19.504  9.442   -6.489  1.00 21.25 ? 93  PHE A CE1 1 
ATOM   590  C CE2 . PHE A 1 95  ? 19.314  11.787  -6.108  1.00 25.10 ? 93  PHE A CE2 1 
ATOM   591  C CZ  . PHE A 1 95  ? 20.016  10.726  -6.550  1.00 20.29 ? 93  PHE A CZ  1 
ATOM   592  N N   . ASP A 1 96  ? 13.209  8.733   -5.320  1.00 11.73 ? 94  ASP A N   1 
ATOM   593  C CA  . ASP A 1 96  ? 11.965  8.712   -4.527  1.00 13.25 ? 94  ASP A CA  1 
ATOM   594  C C   . ASP A 1 96  ? 12.304  8.465   -3.046  1.00 18.69 ? 94  ASP A C   1 
ATOM   595  O O   . ASP A 1 96  ? 13.300  7.783   -2.725  1.00 19.75 ? 94  ASP A O   1 
ATOM   596  C CB  . ASP A 1 96  ? 10.987  7.691   -5.084  1.00 15.05 ? 94  ASP A CB  1 
ATOM   597  C CG  . ASP A 1 96  ? 10.524  8.047   -6.481  1.00 12.94 ? 94  ASP A CG  1 
ATOM   598  O OD1 . ASP A 1 96  ? 10.704  9.224   -6.871  1.00 18.04 ? 94  ASP A OD1 1 
ATOM   599  O OD2 . ASP A 1 96  ? 9.947   7.193   -7.183  1.00 21.00 ? 94  ASP A OD2 1 
ATOM   600  N N   . ASP A 1 97  ? 11.459  8.999   -2.164  1.00 19.88 ? 95  ASP A N   1 
ATOM   601  C CA  . ASP A 1 97  ? 11.747  8.933   -0.727  1.00 15.69 ? 95  ASP A CA  1 
ATOM   602  C C   . ASP A 1 97  ? 10.794  7.928   -0.089  1.00 17.91 ? 95  ASP A C   1 
ATOM   603  O O   . ASP A 1 97  ? 9.566   8.000   -0.268  1.00 17.06 ? 95  ASP A O   1 
ATOM   604  C CB  . ASP A 1 97  ? 11.614  10.315  -0.098  1.00 21.36 ? 95  ASP A CB  1 
ATOM   605  C CG  . ASP A 1 97  ? 11.957  10.325  1.378   1.00 35.64 ? 95  ASP A CG  1 
ATOM   606  O OD1 . ASP A 1 97  ? 12.658  9.392   1.869   1.00 38.27 ? 95  ASP A OD1 1 
ATOM   607  O OD2 . ASP A 1 97  ? 11.515  11.282  2.049   1.00 43.19 ? 95  ASP A OD2 1 
ATOM   608  N N   . LEU A 1 98  ? 11.353  6.915   0.553   1.00 14.45 ? 96  LEU A N   1 
ATOM   609  C CA  . LEU A 1 98  ? 10.507  5.918   1.225   1.00 16.16 ? 96  LEU A CA  1 
ATOM   610  C C   . LEU A 1 98  ? 9.871   6.549   2.463   1.00 21.34 ? 96  LEU A C   1 
ATOM   611  O O   . LEU A 1 98  ? 10.581  7.067   3.340   1.00 18.41 ? 96  LEU A O   1 
ATOM   612  C CB  . LEU A 1 98  ? 11.321  4.659   1.556   1.00 13.94 ? 96  LEU A CB  1 
ATOM   613  C CG  . LEU A 1 98  ? 10.707  3.644   2.524   1.00 17.27 ? 96  LEU A CG  1 
ATOM   614  C CD1 . LEU A 1 98  ? 9.408   3.088   1.906   1.00 15.55 ? 96  LEU A CD1 1 
ATOM   615  C CD2 . LEU A 1 98  ? 11.693  2.544   2.838   1.00 17.52 ? 96  LEU A CD2 1 
ATOM   616  N N   . LEU A 1 99  ? 8.535   6.524   2.559   1.00 14.98 ? 97  LEU A N   1 
ATOM   617  C CA  . LEU A 1 99  ? 7.884   7.217   3.677   1.00 19.71 ? 97  LEU A CA  1 
ATOM   618  C C   . LEU A 1 99  ? 7.515   6.258   4.791   1.00 17.78 ? 97  LEU A C   1 
ATOM   619  O O   . LEU A 1 99  ? 7.444   6.630   5.979   1.00 25.79 ? 97  LEU A O   1 
ATOM   620  C CB  . LEU A 1 99  ? 6.634   7.946   3.169   1.00 21.28 ? 97  LEU A CB  1 
ATOM   621  C CG  . LEU A 1 99  ? 6.963   9.060   2.176   1.00 21.92 ? 97  LEU A CG  1 
ATOM   622  C CD1 . LEU A 1 99  ? 5.689   9.880   1.830   1.00 23.44 ? 97  LEU A CD1 1 
ATOM   623  C CD2 . LEU A 1 99  ? 8.081   9.953   2.727   1.00 24.44 ? 97  LEU A CD2 1 
ATOM   624  N N   . GLY A 1 100 ? 7.324   4.989   4.435   1.00 13.78 ? 98  GLY A N   1 
ATOM   625  C CA  . GLY A 1 100 ? 7.017   4.015   5.467   1.00 17.92 ? 98  GLY A CA  1 
ATOM   626  C C   . GLY A 1 100 ? 6.808   2.676   4.853   1.00 16.80 ? 98  GLY A C   1 
ATOM   627  O O   . GLY A 1 100 ? 6.522   2.574   3.642   1.00 15.15 ? 98  GLY A O   1 
ATOM   628  N N   . VAL A 1 101 ? 7.038   1.642   5.640   1.00 20.84 ? 99  VAL A N   1 
ATOM   629  C CA  . VAL A 1 101 ? 6.808   0.267   5.153   1.00 18.75 ? 99  VAL A CA  1 
ATOM   630  C C   . VAL A 1 101 ? 5.889   -0.503  6.108   1.00 21.60 ? 99  VAL A C   1 
ATOM   631  O O   . VAL A 1 101 ? 6.023   -0.407  7.344   1.00 26.13 ? 99  VAL A O   1 
ATOM   632  C CB  . VAL A 1 101 ? 8.131   -0.487  4.968   1.00 25.34 ? 99  VAL A CB  1 
ATOM   633  C CG1 . VAL A 1 101 ? 7.917   -2.006  4.806   1.00 19.96 ? 99  VAL A CG1 1 
ATOM   634  C CG2 . VAL A 1 101 ? 8.838   0.045   3.763   1.00 22.27 ? 99  VAL A CG2 1 
ATOM   635  N N   . CYS A 1 102 ? 4.948   -1.254  5.564   1.00 18.36 ? 100 CYS A N   1 
ATOM   636  C CA  A CYS A 1 102 ? 4.240   -2.195  6.418   0.58 20.35 ? 100 CYS A CA  1 
ATOM   637  C CA  B CYS A 1 102 ? 4.127   -2.151  6.381   0.42 20.34 ? 100 CYS A CA  1 
ATOM   638  C C   . CYS A 1 102 ? 4.161   -3.581  5.846   1.00 23.45 ? 100 CYS A C   1 
ATOM   639  O O   . CYS A 1 102 ? 4.042   -3.806  4.606   1.00 18.05 ? 100 CYS A O   1 
ATOM   640  C CB  A CYS A 1 102 ? 2.882   -1.683  6.851   0.58 19.29 ? 100 CYS A CB  1 
ATOM   641  C CB  B CYS A 1 102 ? 2.669   -1.676  6.498   0.42 19.76 ? 100 CYS A CB  1 
ATOM   642  S SG  A CYS A 1 102 ? 3.147   -0.192  7.776   0.58 20.85 ? 100 CYS A SG  1 
ATOM   643  S SG  B CYS A 1 102 ? 2.135   -0.379  5.353   0.42 25.19 ? 100 CYS A SG  1 
ATOM   644  N N   . GLN A 1 103 ? 4.282   -4.505  6.775   1.00 17.81 ? 101 GLN A N   1 
ATOM   645  C CA  . GLN A 1 103 ? 4.323   -5.918  6.508   1.00 18.26 ? 101 GLN A CA  1 
ATOM   646  C C   . GLN A 1 103 ? 3.288   -6.618  7.356   1.00 24.62 ? 101 GLN A C   1 
ATOM   647  O O   . GLN A 1 103 ? 3.155   -6.367  8.579   1.00 18.79 ? 101 GLN A O   1 
ATOM   648  C CB  . GLN A 1 103 ? 5.694   -6.446  6.857   1.00 22.13 ? 101 GLN A CB  1 
ATOM   649  C CG  . GLN A 1 103 ? 6.768   -5.967  5.903   1.00 32.90 ? 101 GLN A CG  1 
ATOM   650  C CD  . GLN A 1 103 ? 8.040   -6.792  6.033   1.00 38.63 ? 101 GLN A CD  1 
ATOM   651  O OE1 . GLN A 1 103 ? 8.488   -7.411  5.065   1.00 45.25 ? 101 GLN A OE1 1 
ATOM   652  N NE2 . GLN A 1 103 ? 8.617   -6.814  7.238   1.00 46.24 ? 101 GLN A NE2 1 
ATOM   653  N N   . ARG A 1 104 ? 2.565   -7.519  6.717   1.00 19.59 ? 102 ARG A N   1 
ATOM   654  C CA  . ARG A 1 104 ? 1.477   -8.209  7.377   1.00 24.56 ? 102 ARG A CA  1 
ATOM   655  C C   . ARG A 1 104 ? 1.258   -9.598  6.766   1.00 23.85 ? 102 ARG A C   1 
ATOM   656  O O   . ARG A 1 104 ? 1.208   -9.726  5.555   1.00 19.66 ? 102 ARG A O   1 
ATOM   657  C CB  . ARG A 1 104 ? 0.224   -7.378  7.183   1.00 24.27 ? 102 ARG A CB  1 
ATOM   658  C CG  . ARG A 1 104 ? -1.008  -8.059  7.568   1.00 24.72 ? 102 ARG A CG  1 
ATOM   659  C CD  . ARG A 1 104 ? -2.102  -7.072  7.567   1.00 23.05 ? 102 ARG A CD  1 
ATOM   660  N NE  . ARG A 1 104 ? -1.846  -5.895  8.387   1.00 21.72 ? 102 ARG A NE  1 
ATOM   661  C CZ  . ARG A 1 104 ? -1.809  -5.900  9.733   1.00 29.84 ? 102 ARG A CZ  1 
ATOM   662  N NH1 . ARG A 1 104 ? -2.008  -7.032  10.412  1.00 25.91 ? 102 ARG A NH1 1 
ATOM   663  N NH2 . ARG A 1 104 ? -1.589  -4.763  10.410  1.00 22.53 ? 102 ARG A NH2 1 
ATOM   664  N N   . GLN A 1 105 ? 1.067   -10.610 7.601   1.00 23.93 ? 103 GLN A N   1 
ATOM   665  C CA  . GLN A 1 105 ? 0.712   -11.917 7.062   1.00 27.71 ? 103 GLN A CA  1 
ATOM   666  C C   . GLN A 1 105 ? -0.760  -11.905 6.713   1.00 23.63 ? 103 GLN A C   1 
ATOM   667  O O   . GLN A 1 105 ? -1.604  -11.539 7.531   1.00 22.84 ? 103 GLN A O   1 
ATOM   668  C CB  . GLN A 1 105 ? 0.996   -13.018 8.065   1.00 29.16 ? 103 GLN A CB  1 
ATOM   669  C CG  . GLN A 1 105 ? 2.326   -13.758 7.841   1.00 31.60 ? 103 GLN A CG  1 
ATOM   670  C CD  . GLN A 1 105 ? 2.673   -14.694 8.996   1.00 34.71 ? 103 GLN A CD  1 
ATOM   671  O OE1 . GLN A 1 105 ? 2.106   -14.587 10.114  1.00 43.80 ? 103 GLN A OE1 1 
ATOM   672  N NE2 . GLN A 1 105 ? 3.587   -15.625 8.742   1.00 33.30 ? 103 GLN A NE2 1 
ATOM   673  N N   . ILE A 1 106 ? -1.090  -12.305 5.481   1.00 16.48 ? 104 ILE A N   1 
ATOM   674  C CA  . ILE A 1 106 ? -2.481  -12.257 5.079   1.00 16.57 ? 104 ILE A CA  1 
ATOM   675  C C   . ILE A 1 106 ? -3.269  -13.501 5.510   1.00 18.75 ? 104 ILE A C   1 
ATOM   676  O O   . ILE A 1 106 ? -2.749  -14.623 5.521   1.00 20.54 ? 104 ILE A O   1 
ATOM   677  C CB  . ILE A 1 106 ? -2.598  -12.040 3.582   1.00 12.50 ? 104 ILE A CB  1 
ATOM   678  C CG1 . ILE A 1 106 ? -1.875  -13.205 2.881   1.00 18.48 ? 104 ILE A CG1 1 
ATOM   679  C CG2 . ILE A 1 106 ? -1.910  -10.753 3.216   1.00 16.96 ? 104 ILE A CG2 1 
ATOM   680  C CD1 . ILE A 1 106 ? -2.136  -13.271 1.361   1.00 16.52 ? 104 ILE A CD1 1 
ATOM   681  N N   . LYS A 1 107 ? -4.507  -13.257 5.896   1.00 16.96 ? 105 LYS A N   1 
ATOM   682  C CA  . LYS A 1 107 ? -5.410  -14.228 6.482   1.00 17.44 ? 105 LYS A CA  1 
ATOM   683  C C   . LYS A 1 107 ? -6.673  -14.258 5.653   1.00 23.25 ? 105 LYS A C   1 
ATOM   684  O O   . LYS A 1 107 ? -7.103  -13.221 5.114   1.00 20.42 ? 105 LYS A O   1 
ATOM   685  C CB  . LYS A 1 107 ? -5.739  -13.848 7.912   1.00 25.11 ? 105 LYS A CB  1 
ATOM   686  C CG  . LYS A 1 107 ? -4.505  -13.611 8.708   1.00 22.83 ? 105 LYS A CG  1 
ATOM   687  C CD  . LYS A 1 107 ? -3.759  -14.890 9.009   1.00 23.39 ? 105 LYS A CD  1 
ATOM   688  C CE  . LYS A 1 107 ? -2.346  -14.489 9.455   1.00 31.76 ? 105 LYS A CE  1 
ATOM   689  N NZ  . LYS A 1 107 ? -1.783  -15.372 10.524  1.00 30.03 ? 105 LYS A NZ  1 
ATOM   690  N N   . VAL A 1 108 ? -7.267  -15.436 5.522   1.00 21.36 ? 106 VAL A N   1 
ATOM   691  C CA  . VAL A 1 108 ? -8.512  -15.529 4.746   1.00 22.42 ? 106 VAL A CA  1 
ATOM   692  C C   . VAL A 1 108 ? -9.530  -14.509 5.290   1.00 19.63 ? 106 VAL A C   1 
ATOM   693  O O   . VAL A 1 108 ? -9.547  -14.199 6.480   1.00 23.15 ? 106 VAL A O   1 
ATOM   694  C CB  . VAL A 1 108 ? -9.128  -16.950 4.803   1.00 30.47 ? 106 VAL A CB  1 
ATOM   695  C CG1 . VAL A 1 108 ? -10.342 -17.054 3.890   1.00 34.69 ? 106 VAL A CG1 1 
ATOM   696  C CG2 . VAL A 1 108 ? -8.083  -17.977 4.403   1.00 28.73 ? 106 VAL A CG2 1 
ATOM   697  N N   . GLY A 1 109 ? -10.376 -14.009 4.401   1.00 20.15 ? 107 GLY A N   1 
ATOM   698  C CA  . GLY A 1 109 ? -11.399 -13.053 4.782   1.00 20.62 ? 107 GLY A CA  1 
ATOM   699  C C   . GLY A 1 109 ? -11.120 -11.620 4.371   1.00 22.79 ? 107 GLY A C   1 
ATOM   700  O O   . GLY A 1 109 ? -10.203 -11.332 3.607   1.00 15.18 ? 107 GLY A O   1 
ATOM   701  N N   . THR A 1 110 ? -11.926 -10.706 4.894   1.00 26.24 ? 108 THR A N   1 
ATOM   702  C CA  . THR A 1 110 ? -11.797 -9.301  4.537   1.00 18.11 ? 108 THR A CA  1 
ATOM   703  C C   . THR A 1 110 ? -11.339 -8.531  5.777   1.00 17.78 ? 108 THR A C   1 
ATOM   704  O O   . THR A 1 110 ? -11.887 -8.704  6.879   1.00 20.75 ? 108 THR A O   1 
ATOM   705  C CB  . THR A 1 110 ? -13.108 -8.766  3.965   1.00 17.08 ? 108 THR A CB  1 
ATOM   706  O OG1 . THR A 1 110 ? -13.334 -9.392  2.701   1.00 20.66 ? 108 THR A OG1 1 
ATOM   707  C CG2 . THR A 1 110 ? -13.043 -7.244  3.724   1.00 15.18 ? 108 THR A CG2 1 
ATOM   708  N N   . HIS A 1 111 ? -10.328 -7.682  5.604   1.00 15.05 ? 109 HIS A N   1 
ATOM   709  C CA  . HIS A 1 111 ? -9.647  -7.042  6.776   1.00 13.44 ? 109 HIS A CA  1 
ATOM   710  C C   . HIS A 1 111 ? -9.405  -5.573  6.487   1.00 14.85 ? 109 HIS A C   1 
ATOM   711  O O   . HIS A 1 111 ? -9.046  -5.215  5.360   1.00 15.48 ? 109 HIS A O   1 
ATOM   712  C CB  . HIS A 1 111 ? -8.299  -7.744  7.038   1.00 18.30 ? 109 HIS A CB  1 
ATOM   713  C CG  . HIS A 1 111 ? -8.465  -9.210  7.241   1.00 22.21 ? 109 HIS A CG  1 
ATOM   714  N ND1 . HIS A 1 111 ? -8.882  -9.747  8.448   1.00 22.69 ? 109 HIS A ND1 1 
ATOM   715  C CD2 . HIS A 1 111 ? -8.407  -10.240 6.364   1.00 18.28 ? 109 HIS A CD2 1 
ATOM   716  C CE1 . HIS A 1 111 ? -9.024  -11.054 8.311   1.00 26.86 ? 109 HIS A CE1 1 
ATOM   717  N NE2 . HIS A 1 111 ? -8.741  -11.375 7.058   1.00 25.45 ? 109 HIS A NE2 1 
ATOM   718  N N   . GLU A 1 112 ? -9.630  -4.713  7.479   1.00 15.14 ? 110 GLU A N   1 
ATOM   719  C CA  . GLU A 1 112 ? -9.249  -3.317  7.388   1.00 15.87 ? 110 GLU A CA  1 
ATOM   720  C C   . GLU A 1 112 ? -8.054  -3.116  8.279   1.00 11.22 ? 110 GLU A C   1 
ATOM   721  O O   . GLU A 1 112 ? -8.011  -3.576  9.460   1.00 15.65 ? 110 GLU A O   1 
ATOM   722  C CB  . GLU A 1 112 ? -10.371 -2.391  7.839   1.00 14.27 ? 110 GLU A CB  1 
ATOM   723  C CG  . GLU A 1 112 ? -11.675 -2.595  7.112   1.00 16.92 ? 110 GLU A CG  1 
ATOM   724  C CD  . GLU A 1 112 ? -12.821 -1.892  7.834   1.00 21.49 ? 110 GLU A CD  1 
ATOM   725  O OE1 . GLU A 1 112 ? -12.650 -0.684  8.144   1.00 23.84 ? 110 GLU A OE1 1 
ATOM   726  O OE2 . GLU A 1 112 ? -13.850 -2.544  8.120   1.00 22.75 ? 110 GLU A OE2 1 
ATOM   727  N N   . HIS A 1 113 ? -7.070  -2.409  7.756   1.00 9.19  ? 111 HIS A N   1 
ATOM   728  C CA  . HIS A 1 113 ? -5.834  -2.166  8.491   1.00 12.78 ? 111 HIS A CA  1 
ATOM   729  C C   . HIS A 1 113 ? -5.273  -0.772  8.385   1.00 13.45 ? 111 HIS A C   1 
ATOM   730  O O   . HIS A 1 113 ? -5.601  0.006   7.490   1.00 11.13 ? 111 HIS A O   1 
ATOM   731  C CB  . HIS A 1 113 ? -4.723  -3.170  8.055   1.00 11.56 ? 111 HIS A CB  1 
ATOM   732  C CG  . HIS A 1 113 ? -4.990  -4.587  8.474   1.00 11.01 ? 111 HIS A CG  1 
ATOM   733  N ND1 . HIS A 1 113 ? -4.965  -4.970  9.807   1.00 16.69 ? 111 HIS A ND1 1 
ATOM   734  C CD2 . HIS A 1 113 ? -5.286  -5.707  7.763   1.00 12.99 ? 111 HIS A CD2 1 
ATOM   735  C CE1 . HIS A 1 113 ? -5.258  -6.259  9.887   1.00 21.33 ? 111 HIS A CE1 1 
ATOM   736  N NE2 . HIS A 1 113 ? -5.453  -6.729  8.660   1.00 16.93 ? 111 HIS A NE2 1 
ATOM   737  N N   . ASP A 1 114 ? -4.430  -0.433  9.369   1.00 11.40 ? 112 ASP A N   1 
ATOM   738  C CA  . ASP A 1 114 ? -3.681  0.804   9.371   1.00 11.67 ? 112 ASP A CA  1 
ATOM   739  C C   . ASP A 1 114 ? -2.204  0.520   9.296   1.00 17.09 ? 112 ASP A C   1 
ATOM   740  O O   . ASP A 1 114 ? -1.681  -0.444  9.928   1.00 19.53 ? 112 ASP A O   1 
ATOM   741  C CB  . ASP A 1 114 ? -3.912  1.568   10.689  1.00 12.75 ? 112 ASP A CB  1 
ATOM   742  C CG  . ASP A 1 114 ? -5.389  1.777   10.974  1.00 19.83 ? 112 ASP A CG  1 
ATOM   743  O OD1 . ASP A 1 114 ? -5.781  1.647   12.140  1.00 29.63 ? 112 ASP A OD1 1 
ATOM   744  O OD2 . ASP A 1 114 ? -6.184  2.080   10.051  1.00 19.52 ? 112 ASP A OD2 1 
ATOM   745  N N   . CYS A 1 115 ? -1.512  1.361   8.544   1.00 12.11 ? 113 CYS A N   1 
ATOM   746  C CA  . CYS A 1 115 ? -0.073  1.268   8.451   1.00 17.23 ? 113 CYS A CA  1 
ATOM   747  C C   . CYS A 1 115 ? 0.582   2.625   8.829   1.00 14.56 ? 113 CYS A C   1 
ATOM   748  O O   . CYS A 1 115 ? 0.398   3.669   8.171   1.00 15.02 ? 113 CYS A O   1 
ATOM   749  C CB  . CYS A 1 115 ? 0.276   0.804   7.041   1.00 16.35 ? 113 CYS A CB  1 
ATOM   750  S SG  . CYS A 1 115 ? 1.966   1.044   6.754   1.00 21.33 ? 113 CYS A SG  1 
ATOM   751  N N   . TYR A 1 116 ? 1.359   2.672   9.925   1.00 10.52 ? 114 TYR A N   1 
ATOM   752  C CA  . TYR A 1 116 ? 1.899   3.935   10.309  1.00 9.63  ? 114 TYR A CA  1 
ATOM   753  C C   . TYR A 1 116 ? 3.198   4.245   9.602   1.00 9.35  ? 114 TYR A C   1 
ATOM   754  O O   . TYR A 1 116 ? 4.112   3.404   9.525   1.00 19.23 ? 114 TYR A O   1 
ATOM   755  C CB  . TYR A 1 116 ? 2.103   3.907   11.858  1.00 9.06  ? 114 TYR A CB  1 
ATOM   756  C CG  . TYR A 1 116 ? 0.829   3.459   12.553  1.00 10.08 ? 114 TYR A CG  1 
ATOM   757  C CD1 . TYR A 1 116 ? -0.233  4.356   12.739  1.00 9.53  ? 114 TYR A CD1 1 
ATOM   758  C CD2 . TYR A 1 116 ? 0.626   2.117   12.961  1.00 12.17 ? 114 TYR A CD2 1 
ATOM   759  C CE1 . TYR A 1 116 ? -1.450  3.948   13.278  1.00 12.15 ? 114 TYR A CE1 1 
ATOM   760  C CE2 . TYR A 1 116 ? -0.624  1.690   13.521  1.00 8.55  ? 114 TYR A CE2 1 
ATOM   761  C CZ  . TYR A 1 116 ? -1.626  2.636   13.678  1.00 7.66  ? 114 TYR A CZ  1 
ATOM   762  O OH  . TYR A 1 116 ? -2.839  2.375   14.211  1.00 15.93 ? 114 TYR A OH  1 
ATOM   763  N N   . LEU A 1 117 ? 3.263   5.437   9.070   1.00 9.61  ? 115 LEU A N   1 
ATOM   764  C CA  . LEU A 1 117 ? 4.428   5.818   8.288   1.00 15.44 ? 115 LEU A CA  1 
ATOM   765  C C   . LEU A 1 117 ? 5.405   6.485   9.258   1.00 20.70 ? 115 LEU A C   1 
ATOM   766  O O   . LEU A 1 117 ? 4.995   7.316   10.081  1.00 16.51 ? 115 LEU A O   1 
ATOM   767  C CB  . LEU A 1 117 ? 3.992   6.729   7.143   1.00 13.65 ? 115 LEU A CB  1 
ATOM   768  C CG  . LEU A 1 117 ? 2.889   6.078   6.274   1.00 18.52 ? 115 LEU A CG  1 
ATOM   769  C CD1 . LEU A 1 117 ? 2.394   7.068   5.198   1.00 15.39 ? 115 LEU A CD1 1 
ATOM   770  C CD2 . LEU A 1 117 ? 3.364   4.671   5.647   1.00 12.78 ? 115 LEU A CD2 1 
ATOM   771  N N   . LYS A 1 118 ? 6.661   6.042   9.242   1.00 23.09 ? 116 LYS A N   1 
ATOM   772  C CA  . LYS A 1 118 ? 7.630   6.568   10.211  1.00 23.19 ? 116 LYS A CA  1 
ATOM   773  C C   . LYS A 1 118 ? 7.687   8.081   10.057  1.00 27.17 ? 116 LYS A C   1 
ATOM   774  O O   . LYS A 1 118 ? 7.867   8.811   11.034  1.00 19.10 ? 116 LYS A O   1 
ATOM   775  C CB  . LYS A 1 118 ? 9.038   5.948   10.059  1.00 27.47 ? 116 LYS A CB  1 
ATOM   776  C CG  . LYS A 1 118 ? 10.172  6.755   10.753  1.00 27.97 ? 116 LYS A CG  1 
ATOM   777  C CD  . LYS A 1 118 ? 10.134  6.645   12.313  1.00 29.53 ? 116 LYS A CD  1 
ATOM   778  C CE  . LYS A 1 118 ? 10.573  7.962   12.974  1.00 30.40 ? 116 LYS A CE  1 
ATOM   779  N NZ  . LYS A 1 118 ? 10.995  7.794   14.458  1.00 17.85 ? 116 LYS A NZ  1 
ATOM   780  N N   . GLU A 1 119 ? 7.574   8.548   8.817   1.00 33.74 ? 117 GLU A N   1 
ATOM   781  C CA  . GLU A 1 119 ? 7.917   9.932   8.537   1.00 38.19 ? 117 GLU A CA  1 
ATOM   782  C C   . GLU A 1 119 ? 6.697   10.761  8.871   1.00 24.21 ? 117 GLU A C   1 
ATOM   783  O O   . GLU A 1 119 ? 6.681   11.986  8.695   1.00 32.40 ? 117 GLU A O   1 
ATOM   784  C CB  . GLU A 1 119 ? 8.432   10.129  7.077   1.00 33.75 ? 117 GLU A CB  1 
ATOM   785  C CG  . GLU A 1 119 ? 9.880   9.594   6.786   1.00 40.83 ? 117 GLU A CG  1 
ATOM   786  C CD  . GLU A 1 119 ? 10.950  10.005  7.843   1.00 39.53 ? 117 GLU A CD  1 
ATOM   787  O OE1 . GLU A 1 119 ? 11.043  11.205  8.192   1.00 38.77 ? 117 GLU A OE1 1 
ATOM   788  O OE2 . GLU A 1 119 ? 11.710  9.119   8.317   1.00 48.85 ? 117 GLU A OE2 1 
ATOM   789  N N   . GLY A 1 120 ? 5.686   10.074  9.398   1.00 45.47 ? 118 GLY A N   1 
ATOM   790  C CA  . GLY A 1 120 ? 4.414   10.674  9.764   1.00 48.32 ? 118 GLY A CA  1 
ATOM   791  C C   . GLY A 1 120 ? 3.313   10.313  8.757   1.00 41.58 ? 118 GLY A C   1 
ATOM   792  O O   . GLY A 1 120 ? 3.547   10.194  7.522   1.00 43.34 ? 118 GLY A O   1 
ATOM   793  N N   . GLY A 1 121 ? 2.099   10.157  9.280   1.00 17.86 ? 119 GLY A N   1 
ATOM   794  C CA  . GLY A 1 121 ? 0.987   9.792   8.418   1.00 15.18 ? 119 GLY A CA  1 
ATOM   795  C C   . GLY A 1 121 ? 0.555   8.366   8.619   1.00 11.99 ? 119 GLY A C   1 
ATOM   796  O O   . GLY A 1 121 ? 1.281   7.551   9.190   1.00 13.52 ? 119 GLY A O   1 
ATOM   797  N N   . THR A 1 122 ? -0.678  8.058   8.185   1.00 9.06  ? 120 THR A N   1 
ATOM   798  C CA  . THR A 1 122 ? -1.181  6.691   8.274   1.00 5.65  ? 120 THR A CA  1 
ATOM   799  C C   . THR A 1 122 ? -1.752  6.282   6.926   1.00 11.17 ? 120 THR A C   1 
ATOM   800  O O   . THR A 1 122 ? -2.573  6.997   6.354   1.00 12.00 ? 120 THR A O   1 
ATOM   801  C CB  . THR A 1 122 ? -2.303  6.567   9.334   1.00 11.49 ? 120 THR A CB  1 
ATOM   802  O OG1 . THR A 1 122 ? -1.781  7.078   10.578  1.00 13.61 ? 120 THR A OG1 1 
ATOM   803  C CG2 . THR A 1 122 ? -2.729  5.089   9.540   1.00 13.20 ? 120 THR A CG2 1 
ATOM   804  N N   . LEU A 1 123 ? -1.340  5.104   6.492   1.00 8.45  ? 121 LEU A N   1 
ATOM   805  C CA  . LEU A 1 123 ? -1.924  4.527   5.265   1.00 6.87  ? 121 LEU A CA  1 
ATOM   806  C C   . LEU A 1 123 ? -3.000  3.562   5.785   1.00 10.56 ? 121 LEU A C   1 
ATOM   807  O O   . LEU A 1 123 ? -2.727  2.657   6.632   1.00 12.70 ? 121 LEU A O   1 
ATOM   808  C CB  . LEU A 1 123 ? -0.859  3.675   4.571   1.00 11.09 ? 121 LEU A CB  1 
ATOM   809  C CG  . LEU A 1 123 ? -1.371  2.799   3.408   1.00 8.66  ? 121 LEU A CG  1 
ATOM   810  C CD1 . LEU A 1 123 ? -1.873  3.567   2.117   1.00 10.15 ? 121 LEU A CD1 1 
ATOM   811  C CD2 . LEU A 1 123 ? -0.220  1.794   2.979   1.00 11.50 ? 121 LEU A CD2 1 
ATOM   812  N N   . HIS A 1 124 ? -4.225  3.679   5.265   1.00 9.19  ? 122 HIS A N   1 
ATOM   813  C CA  . HIS A 1 124 ? -5.301  2.758   5.585   1.00 6.54  ? 122 HIS A CA  1 
ATOM   814  C C   . HIS A 1 124 ? -5.590  1.944   4.348   1.00 8.97  ? 122 HIS A C   1 
ATOM   815  O O   . HIS A 1 124 ? -5.419  2.449   3.248   1.00 9.07  ? 122 HIS A O   1 
ATOM   816  C CB  . HIS A 1 124 ? -6.586  3.534   5.945   1.00 9.91  ? 122 HIS A CB  1 
ATOM   817  C CG  . HIS A 1 124 ? -6.407  4.546   7.035   1.00 11.63 ? 122 HIS A CG  1 
ATOM   818  N ND1 . HIS A 1 124 ? -6.322  4.169   8.352   1.00 13.66 ? 122 HIS A ND1 1 
ATOM   819  C CD2 . HIS A 1 124 ? -6.303  5.899   7.013   1.00 13.33 ? 122 HIS A CD2 1 
ATOM   820  C CE1 . HIS A 1 124 ? -6.144  5.243   9.109   1.00 14.73 ? 122 HIS A CE1 1 
ATOM   821  N NE2 . HIS A 1 124 ? -6.138  6.307   8.331   1.00 15.69 ? 122 HIS A NE2 1 
ATOM   822  N N   . TYR A 1 125 ? -5.922  0.697   4.535   1.00 12.44 ? 123 TYR A N   1 
ATOM   823  C CA  . TYR A 1 125 ? -6.145  -0.178  3.369   1.00 7.60  ? 123 TYR A CA  1 
ATOM   824  C C   . TYR A 1 125 ? -7.009  -1.326  3.792   1.00 10.05 ? 123 TYR A C   1 
ATOM   825  O O   . TYR A 1 125 ? -7.221  -1.624  4.986   1.00 11.58 ? 123 TYR A O   1 
ATOM   826  C CB  . TYR A 1 125 ? -4.804  -0.664  2.826   1.00 7.40  ? 123 TYR A CB  1 
ATOM   827  C CG  . TYR A 1 125 ? -4.010  -1.528  3.794   1.00 9.96  ? 123 TYR A CG  1 
ATOM   828  C CD1 . TYR A 1 125 ? -4.071  -2.948  3.684   1.00 14.33 ? 123 TYR A CD1 1 
ATOM   829  C CD2 . TYR A 1 125 ? -3.195  -0.968  4.780   1.00 15.85 ? 123 TYR A CD2 1 
ATOM   830  C CE1 . TYR A 1 125 ? -3.322  -3.761  4.497   1.00 13.99 ? 123 TYR A CE1 1 
ATOM   831  C CE2 . TYR A 1 125 ? -2.422  -1.803  5.645   1.00 13.12 ? 123 TYR A CE2 1 
ATOM   832  C CZ  . TYR A 1 125 ? -2.506  -3.211  5.488   1.00 14.22 ? 123 TYR A CZ  1 
ATOM   833  O OH  . TYR A 1 125 ? -1.760  -4.080  6.285   1.00 18.46 ? 123 TYR A OH  1 
ATOM   834  N N   . MET A 1 126 ? -7.525  -2.029  2.799   1.00 6.73  ? 124 MET A N   1 
ATOM   835  C CA  . MET A 1 126 ? -8.338  -3.178  3.033   1.00 7.82  ? 124 MET A CA  1 
ATOM   836  C C   . MET A 1 126 ? -7.739  -4.266  2.170   1.00 9.45  ? 124 MET A C   1 
ATOM   837  O O   . MET A 1 126 ? -7.130  -3.999  1.125   1.00 11.40 ? 124 MET A O   1 
ATOM   838  C CB  . MET A 1 126 ? -9.801  -2.964  2.632   1.00 16.34 ? 124 MET A CB  1 
ATOM   839  C CG  . MET A 1 126 ? -10.461 -2.089  3.636   1.00 18.27 ? 124 MET A CG  1 
ATOM   840  S SD  . MET A 1 126 ? -12.210 -1.998  3.288   1.00 15.91 ? 124 MET A SD  1 
ATOM   841  C CE  . MET A 1 126 ? -12.727 -3.713  3.499   1.00 18.06 ? 124 MET A CE  1 
ATOM   842  N N   . TYR A 1 127 ? -7.923  -5.483  2.630   1.00 10.35 ? 125 TYR A N   1 
ATOM   843  C CA  . TYR A 1 127 ? -7.689  -6.586  1.671   1.00 12.26 ? 125 TYR A CA  1 
ATOM   844  C C   . TYR A 1 127 ? -8.648  -7.685  1.899   1.00 9.90  ? 125 TYR A C   1 
ATOM   845  O O   . TYR A 1 127 ? -9.189  -7.878  2.987   1.00 11.99 ? 125 TYR A O   1 
ATOM   846  C CB  . TYR A 1 127 ? -6.220  -7.082  1.722   1.00 12.52 ? 125 TYR A CB  1 
ATOM   847  C CG  . TYR A 1 127 ? -5.944  -7.986  2.891   1.00 8.67  ? 125 TYR A CG  1 
ATOM   848  C CD1 . TYR A 1 127 ? -6.161  -9.372  2.803   1.00 10.19 ? 125 TYR A CD1 1 
ATOM   849  C CD2 . TYR A 1 127 ? -5.476  -7.466  4.097   1.00 10.78 ? 125 TYR A CD2 1 
ATOM   850  C CE1 . TYR A 1 127 ? -5.891  -10.205 3.926   1.00 13.40 ? 125 TYR A CE1 1 
ATOM   851  C CE2 . TYR A 1 127 ? -5.205  -8.265  5.183   1.00 15.59 ? 125 TYR A CE2 1 
ATOM   852  C CZ  . TYR A 1 127 ? -5.423  -9.636  5.087   1.00 14.98 ? 125 TYR A CZ  1 
ATOM   853  O OH  . TYR A 1 127 ? -5.150  -10.386 6.223   1.00 17.06 ? 125 TYR A OH  1 
ATOM   854  N N   . THR A 1 128 ? -8.904  -8.430  0.829   1.00 14.57 ? 126 THR A N   1 
ATOM   855  C CA  . THR A 1 128 ? -9.713  -9.642  0.870   1.00 13.11 ? 126 THR A CA  1 
ATOM   856  C C   . THR A 1 128 ? -8.883  -10.828 0.343   1.00 14.24 ? 126 THR A C   1 
ATOM   857  O O   . THR A 1 128 ? -8.340  -10.747 -0.765  1.00 15.88 ? 126 THR A O   1 
ATOM   858  C CB  . THR A 1 128 ? -10.996 -9.465  0.032   1.00 17.49 ? 126 THR A CB  1 
ATOM   859  O OG1 . THR A 1 128 ? -11.876 -8.543  0.719   1.00 18.88 ? 126 THR A OG1 1 
ATOM   860  C CG2 . THR A 1 128 ? -11.738 -10.791 -0.068  1.00 17.65 ? 126 THR A CG2 1 
ATOM   861  N N   . LEU A 1 129 ? -8.750  -11.886 1.152   1.00 16.49 ? 127 LEU A N   1 
ATOM   862  C CA  . LEU A 1 129 ? -8.146  -13.128 0.685   1.00 21.63 ? 127 LEU A CA  1 
ATOM   863  C C   . LEU A 1 129 ? -9.244  -14.189 0.617   1.00 14.37 ? 127 LEU A C   1 
ATOM   864  O O   . LEU A 1 129 ? -9.897  -14.532 1.621   1.00 18.76 ? 127 LEU A O   1 
ATOM   865  C CB  . LEU A 1 129 ? -7.013  -13.562 1.601   1.00 20.00 ? 127 LEU A CB  1 
ATOM   866  C CG  . LEU A 1 129 ? -6.256  -14.840 1.179   1.00 15.12 ? 127 LEU A CG  1 
ATOM   867  C CD1 . LEU A 1 129 ? -5.445  -14.634 -0.055  1.00 21.42 ? 127 LEU A CD1 1 
ATOM   868  C CD2 . LEU A 1 129 ? -5.368  -15.142 2.381   1.00 18.05 ? 127 LEU A CD2 1 
ATOM   869  N N   . SER A 1 130 ? -9.439  -14.689 -0.599  1.00 26.18 ? 128 SER A N   1 
ATOM   870  C CA  . SER A 1 130 ? -10.598 -15.489 -0.896  1.00 26.13 ? 128 SER A CA  1 
ATOM   871  C C   . SER A 1 130 ? -10.199 -16.700 -1.735  1.00 30.50 ? 128 SER A C   1 
ATOM   872  O O   . SER A 1 130 ? -9.174  -16.692 -2.448  1.00 29.90 ? 128 SER A O   1 
ATOM   873  C CB  . SER A 1 130 ? -11.593 -14.654 -1.713  1.00 25.74 ? 128 SER A CB  1 
ATOM   874  O OG  . SER A 1 130 ? -10.957 -14.241 -2.918  1.00 30.08 ? 128 SER A OG  1 
ATOM   875  N N   . VAL A 1 131 ? -11.059 -17.711 -1.639  1.00 41.28 ? 129 VAL A N   1 
ATOM   876  C CA  . VAL A 1 131 ? -11.062 -18.923 -2.467  1.00 47.02 ? 129 VAL A CA  1 
ATOM   877  C C   . VAL A 1 131 ? -10.315 -20.026 -1.739  1.00 46.84 ? 129 VAL A C   1 
ATOM   878  O O   . VAL A 1 131 ? -10.746 -20.440 -0.657  1.00 57.89 ? 129 VAL A O   1 
ATOM   879  C CB  . VAL A 1 131 ? -10.561 -18.709 -3.929  1.00 49.89 ? 129 VAL A CB  1 
ATOM   880  C CG1 . VAL A 1 131 ? -10.533 -20.030 -4.668  1.00 60.50 ? 129 VAL A CG1 1 
ATOM   881  C CG2 . VAL A 1 131 ? -11.451 -17.716 -4.673  1.00 37.45 ? 129 VAL A CG2 1 
HETATM 882  O O   . HOH B 2 .   ? -10.017 -11.786 -2.866  1.00 19.15 ? 201 HOH A O   1 
HETATM 883  O O   . HOH B 2 .   ? 0.025   12.111  -2.275  1.00 15.51 ? 202 HOH A O   1 
HETATM 884  O O   . HOH B 2 .   ? -10.355 3.499   -3.561  1.00 17.34 ? 203 HOH A O   1 
HETATM 885  O O   . HOH B 2 .   ? -4.240  -2.548  11.566  1.00 18.88 ? 204 HOH A O   1 
HETATM 886  O O   . HOH B 2 .   ? -0.423  -2.628  8.354   1.00 14.72 ? 205 HOH A O   1 
HETATM 887  O O   . HOH B 2 .   ? -5.336  -9.443  8.583   1.00 15.94 ? 206 HOH A O   1 
HETATM 888  O O   . HOH B 2 .   ? -7.125  1.876   -3.604  1.00 15.80 ? 207 HOH A O   1 
HETATM 889  O O   . HOH B 2 .   ? 2.489   0.091   11.007  1.00 17.79 ? 208 HOH A O   1 
HETATM 890  O O   . HOH B 2 .   ? 18.347  9.567   -10.572 1.00 18.54 ? 209 HOH A O   1 
HETATM 891  O O   . HOH B 2 .   ? -7.234  11.795  -3.681  1.00 14.84 ? 210 HOH A O   1 
HETATM 892  O O   . HOH B 2 .   ? -5.481  7.077   -8.097  1.00 18.32 ? 211 HOH A O   1 
HETATM 893  O O   . HOH B 2 .   ? -11.376 4.477   0.991   0.50 14.31 ? 212 HOH A O   1 
HETATM 894  O O   . HOH B 2 .   ? -9.058  0.399   5.987   1.00 21.97 ? 213 HOH A O   1 
HETATM 895  O O   . HOH B 2 .   ? -9.408  4.498   -1.233  1.00 21.14 ? 214 HOH A O   1 
HETATM 896  O O   . HOH B 2 .   ? 12.148  5.338   -2.628  1.00 24.02 ? 215 HOH A O   1 
HETATM 897  O O   . HOH B 2 .   ? -7.695  13.607  -1.270  0.50 22.78 ? 216 HOH A O   1 
HETATM 898  O O   . HOH B 2 .   ? 15.186  13.936  -6.569  1.00 19.80 ? 217 HOH A O   1 
HETATM 899  O O   . HOH B 2 .   ? -6.257  -10.557 10.612  1.00 27.04 ? 218 HOH A O   1 
HETATM 900  O O   . HOH B 2 .   ? 5.711   -14.132 1.721   1.00 26.56 ? 219 HOH A O   1 
HETATM 901  O O   . HOH B 2 .   ? -8.262  1.177   8.638   1.00 24.90 ? 220 HOH A O   1 
HETATM 902  O O   . HOH B 2 .   ? -12.125 -10.084 -3.613  1.00 21.44 ? 221 HOH A O   1 
HETATM 903  O O   . HOH B 2 .   ? -10.802 -5.807  9.885   1.00 25.29 ? 222 HOH A O   1 
HETATM 904  O O   . HOH B 2 .   ? -10.126 0.750   -3.956  1.00 24.37 ? 223 HOH A O   1 
HETATM 905  O O   . HOH B 2 .   ? 6.025   -9.335  0.530   1.00 26.56 ? 224 HOH A O   1 
HETATM 906  O O   . HOH B 2 .   ? -4.580  4.332   -12.278 1.00 27.58 ? 225 HOH A O   1 
HETATM 907  O O   . HOH B 2 .   ? 9.751   11.608  -11.497 1.00 30.13 ? 226 HOH A O   1 
HETATM 908  O O   . HOH B 2 .   ? -2.602  -10.367 -11.224 1.00 19.68 ? 227 HOH A O   1 
HETATM 909  O O   . HOH B 2 .   ? 7.694   -9.485  -9.167  1.00 26.79 ? 228 HOH A O   1 
HETATM 910  O O   . HOH B 2 .   ? -3.635  6.904   12.358  1.00 29.32 ? 229 HOH A O   1 
HETATM 911  O O   . HOH B 2 .   ? -8.589  10.215  -6.819  1.00 33.09 ? 230 HOH A O   1 
HETATM 912  O O   . HOH B 2 .   ? 14.301  6.210   0.652   1.00 25.49 ? 231 HOH A O   1 
HETATM 913  O O   . HOH B 2 .   ? 9.291   1.489   -8.978  1.00 27.50 ? 232 HOH A O   1 
HETATM 914  O O   . HOH B 2 .   ? -11.861 0.703   6.233   1.00 22.66 ? 233 HOH A O   1 
HETATM 915  O O   . HOH B 2 .   ? 3.605   -15.558 -5.827  1.00 25.79 ? 234 HOH A O   1 
HETATM 916  O O   . HOH B 2 .   ? -1.642  1.219   -11.187 1.00 20.87 ? 235 HOH A O   1 
HETATM 917  O O   . HOH B 2 .   ? 8.711   0.275   8.908   1.00 34.84 ? 236 HOH A O   1 
HETATM 918  O O   . HOH B 2 .   ? 1.725   8.142   -11.913 1.00 29.69 ? 237 HOH A O   1 
HETATM 919  O O   . HOH B 2 .   ? -15.196 -5.539  0.792   1.00 24.61 ? 238 HOH A O   1 
HETATM 920  O O   . HOH B 2 .   ? 8.071   15.101  -4.125  1.00 29.63 ? 239 HOH A O   1 
HETATM 921  O O   . HOH B 2 .   ? 0.475   -10.594 10.602  1.00 26.47 ? 240 HOH A O   1 
HETATM 922  O O   . HOH B 2 .   ? 9.875   3.216   -6.954  1.00 29.23 ? 241 HOH A O   1 
HETATM 923  O O   . HOH B 2 .   ? 14.808  10.001  -1.233  1.00 38.74 ? 242 HOH A O   1 
HETATM 924  O O   . HOH B 2 .   ? 11.082  -0.213  -3.138  1.00 26.30 ? 243 HOH A O   1 
HETATM 925  O O   . HOH B 2 .   ? 1.741   -4.607  12.207  1.00 25.21 ? 244 HOH A O   1 
HETATM 926  O O   . HOH B 2 .   ? 8.548   13.513  8.288   1.00 36.62 ? 245 HOH A O   1 
HETATM 927  O O   . HOH B 2 .   ? -0.059  -13.312 11.843  1.00 29.96 ? 246 HOH A O   1 
HETATM 928  O O   . HOH B 2 .   ? -12.988 -8.278  -1.954  1.00 24.19 ? 247 HOH A O   1 
HETATM 929  O O   . HOH B 2 .   ? 5.131   -16.385 5.103   1.00 35.40 ? 248 HOH A O   1 
HETATM 930  O O   . HOH B 2 .   ? -12.674 -9.458  -6.058  1.00 32.84 ? 249 HOH A O   1 
HETATM 931  O O   . HOH B 2 .   ? 5.490   23.215  2.565   1.00 38.21 ? 250 HOH A O   1 
HETATM 932  O O   . HOH B 2 .   ? -6.896  11.441  -7.282  1.00 43.78 ? 251 HOH A O   1 
HETATM 933  O O   . HOH B 2 .   ? 13.145  9.885   14.518  1.00 24.37 ? 252 HOH A O   1 
HETATM 934  O O   . HOH B 2 .   ? 5.928   -2.003  -6.544  1.00 36.24 ? 253 HOH A O   1 
HETATM 935  O O   . HOH B 2 .   ? -12.674 -14.833 1.923   1.00 26.99 ? 254 HOH A O   1 
HETATM 936  O O   . HOH B 2 .   ? -3.007  9.023   -7.961  1.00 28.35 ? 255 HOH A O   1 
HETATM 937  O O   . HOH B 2 .   ? -8.664  -15.263 8.840   1.00 42.27 ? 256 HOH A O   1 
HETATM 938  O O   . HOH B 2 .   ? 7.071   24.623  1.049   1.00 34.99 ? 257 HOH A O   1 
HETATM 939  O O   . HOH B 2 .   ? -1.990  9.751   10.698  1.00 35.10 ? 258 HOH A O   1 
HETATM 940  O O   . HOH B 2 .   ? 5.472   6.614   12.388  1.00 33.69 ? 259 HOH A O   1 
HETATM 941  O O   . HOH B 2 .   ? -2.170  13.905  -9.112  1.00 36.92 ? 260 HOH A O   1 
HETATM 942  O O   . HOH B 2 .   ? 2.459   -17.817 -2.327  1.00 42.50 ? 261 HOH A O   1 
HETATM 943  O O   . HOH B 2 .   ? 14.509  12.091  -2.687  1.00 37.75 ? 262 HOH A O   1 
HETATM 944  O O   . HOH B 2 .   ? 3.531   -0.558  -12.020 1.00 37.88 ? 263 HOH A O   1 
HETATM 945  O O   . HOH B 2 .   ? 6.118   -5.254  10.771  1.00 41.73 ? 264 HOH A O   1 
HETATM 946  O O   . HOH B 2 .   ? 5.036   -3.371  9.366   1.00 38.96 ? 265 HOH A O   1 
HETATM 947  O O   . HOH B 2 .   ? 7.851   3.939   -9.509  1.00 25.78 ? 266 HOH A O   1 
HETATM 948  O O   . HOH B 2 .   ? -2.933  18.532  0.821   1.00 37.45 ? 267 HOH A O   1 
HETATM 949  O O   . HOH B 2 .   ? 4.537   11.197  -12.289 1.00 30.92 ? 268 HOH A O   1 
HETATM 950  O O   . HOH B 2 .   ? -1.269  -5.252  13.223  1.00 33.63 ? 269 HOH A O   1 
HETATM 951  O O   . HOH B 2 .   ? 1.621   -2.758  9.897   1.00 32.74 ? 270 HOH A O   1 
HETATM 952  O O   . HOH B 2 .   ? 5.012   18.546  -4.898  1.00 43.85 ? 271 HOH A O   1 
HETATM 953  O O   . HOH B 2 .   ? -3.943  11.463  -9.103  1.00 31.49 ? 272 HOH A O   1 
HETATM 954  O O   . HOH B 2 .   ? 1.425   -0.941  -12.047 1.00 30.06 ? 273 HOH A O   1 
HETATM 955  O O   . HOH B 2 .   ? -0.979  10.401  -11.764 1.00 39.19 ? 274 HOH A O   1 
HETATM 956  O O   . HOH B 2 .   ? -13.766 -11.722 6.714   1.00 28.64 ? 275 HOH A O   1 
HETATM 957  O O   . HOH B 2 .   ? 6.962   16.543  -3.413  1.00 39.05 ? 276 HOH A O   1 
HETATM 958  O O   . HOH B 2 .   ? 8.974   13.765  -9.740  1.00 36.24 ? 277 HOH A O   1 
HETATM 959  O O   . HOH B 2 .   ? -6.531  7.967   -10.294 1.00 28.33 ? 278 HOH A O   1 
HETATM 960  O O   . HOH B 2 .   ? 2.124   -14.557 -3.475  1.00 42.43 ? 279 HOH A O   1 
HETATM 961  O O   . HOH B 2 .   ? -2.544  -9.840  9.454   1.00 37.02 ? 280 HOH A O   1 
HETATM 962  O O   . HOH B 2 .   ? -3.547  -0.038  14.350  1.00 37.64 ? 281 HOH A O   1 
HETATM 963  O O   . HOH B 2 .   ? -8.677  -8.243  10.793  1.00 36.86 ? 282 HOH A O   1 
HETATM 964  O O   . HOH B 2 .   ? -3.314  -6.105  -10.164 1.00 19.69 ? 283 HOH A O   1 
HETATM 965  O O   . HOH B 2 .   ? -0.604  -2.784  15.208  1.00 32.36 ? 284 HOH A O   1 
HETATM 966  O O   . HOH B 2 .   ? -6.899  5.040   -12.175 1.00 29.03 ? 285 HOH A O   1 
HETATM 967  O O   . HOH B 2 .   ? -5.300  9.417   -6.885  1.00 43.97 ? 286 HOH A O   1 
HETATM 968  O O   . HOH B 2 .   ? -4.195  -3.634  -10.654 1.00 33.89 ? 287 HOH A O   1 
HETATM 969  O O   . HOH B 2 .   ? 2.263   -18.057 2.269   1.00 32.98 ? 288 HOH A O   1 
HETATM 970  O O   . HOH B 2 .   ? 11.382  -3.306  -2.114  1.00 39.28 ? 289 HOH A O   1 
HETATM 971  O O   . HOH B 2 .   ? 7.125   -1.222  -8.503  1.00 37.35 ? 290 HOH A O   1 
HETATM 972  O O   . HOH B 2 .   ? 9.456   0.016   -11.461 1.00 35.16 ? 291 HOH A O   1 
HETATM 973  O O   . HOH B 2 .   ? -13.862 -12.221 2.493   1.00 37.77 ? 292 HOH A O   1 
HETATM 974  O O   . HOH B 2 .   ? 5.029   0.516   9.942   1.00 39.47 ? 293 HOH A O   1 
HETATM 975  O O   . HOH B 2 .   ? 11.637  0.807   7.956   1.00 41.79 ? 294 HOH A O   1 
HETATM 976  O O   . HOH B 2 .   ? 8.110   16.106  -0.737  1.00 52.86 ? 295 HOH A O   1 
HETATM 977  O O   . HOH B 2 .   ? -0.678  -14.790 13.456  1.00 33.22 ? 296 HOH A O   1 
HETATM 978  O O   . HOH B 2 .   ? -5.665  16.956  1.324   1.00 38.67 ? 297 HOH A O   1 
HETATM 979  O O   . HOH B 2 .   ? -12.923 2.467   7.936   1.00 38.79 ? 298 HOH A O   1 
HETATM 980  O O   . HOH B 2 .   ? -4.276  17.219  -5.491  1.00 32.52 ? 299 HOH A O   1 
HETATM 981  O O   . HOH B 2 .   ? 11.243  -2.497  8.489   1.00 31.94 ? 300 HOH A O   1 
HETATM 982  O O   . HOH B 2 .   ? -3.832  -18.802 -10.680 1.00 38.91 ? 301 HOH A O   1 
HETATM 983  O O   . HOH B 2 .   ? 7.567   -9.103  -12.129 1.00 42.63 ? 302 HOH A O   1 
HETATM 984  O O   . HOH B 2 .   ? -1.454  -1.833  12.413  1.00 40.01 ? 303 HOH A O   1 
HETATM 985  O O   . HOH B 2 .   ? 8.427   9.670   -13.017 1.00 38.88 ? 304 HOH A O   1 
HETATM 986  O O   . HOH B 2 .   ? 7.399   13.473  1.895   1.00 36.69 ? 305 HOH A O   1 
HETATM 987  O O   . HOH B 2 .   ? -15.465 -8.655  -1.838  1.00 40.36 ? 306 HOH A O   1 
HETATM 988  O O   . HOH B 2 .   ? 8.325   -8.855  2.320   1.00 37.47 ? 307 HOH A O   1 
HETATM 989  O O   . HOH B 2 .   ? 12.161  3.256   -5.090  1.00 38.22 ? 308 HOH A O   1 
HETATM 990  O O   . HOH B 2 .   ? 0.014   -17.007 11.781  1.00 35.29 ? 309 HOH A O   1 
HETATM 991  O O   . HOH B 2 .   ? -3.002  13.754  -11.978 1.00 49.35 ? 310 HOH A O   1 
HETATM 992  O O   . HOH B 2 .   ? -13.608 -7.066  8.003   1.00 45.50 ? 311 HOH A O   1 
HETATM 993  O O   . HOH B 2 .   ? 4.122   -18.193 -6.153  1.00 36.64 ? 312 HOH A O   1 
HETATM 994  O O   . HOH B 2 .   ? -5.961  14.293  -6.068  1.00 40.50 ? 313 HOH A O   1 
HETATM 995  O O   . HOH B 2 .   ? 2.080   -7.124  11.089  1.00 30.18 ? 314 HOH A O   1 
HETATM 996  O O   . HOH B 2 .   ? -13.669 -1.008  -7.955  1.00 36.39 ? 315 HOH A O   1 
HETATM 997  O O   . HOH B 2 .   ? -11.896 0.855   -9.513  1.00 42.42 ? 316 HOH A O   1 
HETATM 998  O O   . HOH B 2 .   ? 1.099   -1.756  13.797  1.00 37.58 ? 317 HOH A O   1 
HETATM 999  O O   . HOH B 2 .   ? -3.724  15.268  -6.513  1.00 39.26 ? 318 HOH A O   1 
HETATM 1000 O O   . HOH B 2 .   ? -5.086  5.157   12.816  1.00 32.80 ? 319 HOH A O   1 
HETATM 1001 O O   . HOH B 2 .   ? -14.637 -13.329 0.374   1.00 35.43 ? 320 HOH A O   1 
HETATM 1002 O O   . HOH B 2 .   ? 4.195   -14.923 -4.035  1.00 46.16 ? 321 HOH A O   1 
HETATM 1003 O O   . HOH B 2 .   ? -13.464 -3.440  -7.832  1.00 31.47 ? 322 HOH A O   1 
HETATM 1004 O O   . HOH B 2 .   ? -2.856  -1.682  -10.147 1.00 46.85 ? 323 HOH A O   1 
HETATM 1005 O O   . HOH B 2 .   ? 3.945   -20.027 -7.181  1.00 38.71 ? 324 HOH A O   1 
HETATM 1006 O O   . HOH B 2 .   ? 9.336   6.442   -9.492  1.00 35.30 ? 325 HOH A O   1 
HETATM 1007 O O   . HOH B 2 .   ? -8.244  -5.535  11.286  1.00 37.05 ? 326 HOH A O   1 
HETATM 1008 O O   . HOH B 2 .   ? -16.372 -7.796  2.207   1.00 36.55 ? 327 HOH A O   1 
HETATM 1009 O O   . HOH B 2 .   ? -7.832  5.898   13.077  0.50 48.65 ? 328 HOH A O   1 
HETATM 1010 O O   . HOH B 2 .   ? 1.058   13.637  9.830   1.00 37.78 ? 329 HOH A O   1 
HETATM 1011 O O   . HOH B 2 .   ? -10.741 -3.686  11.979  1.00 39.70 ? 330 HOH A O   1 
HETATM 1012 O O   . HOH B 2 .   ? 7.575   3.157   8.642   1.00 39.96 ? 331 HOH A O   1 
HETATM 1013 O O   . HOH B 2 .   ? 9.387   13.986  5.146   1.00 43.69 ? 332 HOH A O   1 
HETATM 1014 O O   . HOH B 2 .   ? -7.965  -1.690  11.696  1.00 43.65 ? 333 HOH A O   1 
HETATM 1015 O O   . HOH B 2 .   ? 7.464   -13.555 -7.723  1.00 32.43 ? 334 HOH A O   1 
HETATM 1016 O O   . HOH B 2 .   ? -17.436 -10.130 2.921   1.00 36.65 ? 335 HOH A O   1 
HETATM 1017 O O   . HOH B 2 .   ? -9.118  0.521   10.466  1.00 43.21 ? 336 HOH A O   1 
HETATM 1018 O O   . HOH B 2 .   ? -13.138 -2.165  11.258  1.00 37.27 ? 337 HOH A O   1 
HETATM 1019 O O   . HOH B 2 .   ? -14.735 -7.789  -5.483  1.00 41.59 ? 338 HOH A O   1 
HETATM 1020 O O   . HOH B 2 .   ? -8.299  3.674   11.401  1.00 34.73 ? 339 HOH A O   1 
HETATM 1021 O O   . HOH B 2 .   ? 15.373  7.800   2.739   1.00 50.24 ? 340 HOH A O   1 
HETATM 1022 O O   . HOH B 2 .   ? 5.095   7.935   -12.348 1.00 40.54 ? 341 HOH A O   1 
HETATM 1023 O O   . HOH B 2 .   ? 5.214   -18.434 -3.257  1.00 49.45 ? 342 HOH A O   1 
HETATM 1024 O O   . HOH B 2 .   ? -2.885  21.947  -1.985  1.00 38.85 ? 343 HOH A O   1 
HETATM 1025 O O   . HOH B 2 .   ? -3.279  -3.800  15.870  1.00 39.71 ? 344 HOH A O   1 
HETATM 1026 O O   . HOH B 2 .   ? -3.846  19.341  -1.557  1.00 37.61 ? 345 HOH A O   1 
HETATM 1027 O O   . HOH B 2 .   ? 7.579   -4.414  9.563   1.00 48.80 ? 346 HOH A O   1 
HETATM 1028 O O   . HOH B 2 .   ? -8.873  3.316   13.717  0.50 45.72 ? 347 HOH A O   1 
HETATM 1029 O O   . HOH B 2 .   ? -8.470  1.248   13.173  1.00 37.99 ? 348 HOH A O   1 
HETATM 1030 O O   . HOH B 2 .   ? -7.128  -16.961 9.695   1.00 47.81 ? 349 HOH A O   1 
HETATM 1031 O O   . HOH B 2 .   ? 6.464   14.359  -8.219  1.00 34.45 ? 350 HOH A O   1 
HETATM 1032 O O   . HOH B 2 .   ? 7.858   -0.810  -13.573 1.00 30.56 ? 351 HOH A O   1 
HETATM 1033 O O   . HOH B 2 .   ? 15.755  13.914  -2.928  1.00 43.18 ? 352 HOH A O   1 
# 
